data_5LJV
#
_entry.id   5LJV
#
_cell.length_a   1.000
_cell.length_b   1.000
_cell.length_c   1.000
_cell.angle_alpha   90.00
_cell.angle_beta   90.00
_cell.angle_gamma   90.00
#
_symmetry.space_group_name_H-M   'P 1'
#
loop_
_entity.id
_entity.type
_entity.pdbx_description
1 polymer 'Actin-like ATPase'
2 non-polymer 'MAGNESIUM ION'
3 non-polymer "ADENOSINE-5'-DIPHOSPHATE"
#
_entity_poly.entity_id   1
_entity_poly.type   'polypeptide(L)'
_entity_poly.pdbx_seq_one_letter_code
;MSEGEGQAKNRLFLGVDLGTSHTAVMSSRGKKFLLKSVVGYPKDVIGLKLLGRPYVVGDEAFEMRSYLDIRYPLQDGVLS
EISDRDIEVARHLLTHVVKSAEPGPNDEICAVIGVPARASAANKALLLKMAQEVVHTALVVSEPFMVGYGLDKLINTIIV
DIGAGTTDICALKGTVPGPEDQVTLTKAGNYVDERLQNAILERHPELQMNVNVACAVKEQFSFVGTPTEVASFEFRAAGK
PVRADVTEPVKIACEALMPDIIESIETLLRSFQPEYQATVLQNIVFAGGGSRIRGLAAYVKEKLRPFGDANVTCVKDPTF
DGCRGALRLAEELPPQYWRQLGDVSGS
;
_entity_poly.pdbx_strand_id   A,B,C,D,E,F
#
# COMPACT_ATOMS: atom_id res chain seq x y z
N ASN A 10 30.98 28.16 -0.94
CA ASN A 10 31.34 26.70 -0.70
C ASN A 10 30.17 25.75 -0.84
N ARG A 11 30.48 24.49 -1.09
CA ARG A 11 29.45 23.50 -1.32
C ARG A 11 29.61 22.30 -0.40
N LEU A 12 28.46 21.82 0.03
CA LEU A 12 28.35 20.68 0.94
C LEU A 12 27.32 19.77 0.32
N PHE A 13 27.68 18.51 0.09
CA PHE A 13 26.63 17.60 -0.32
C PHE A 13 26.27 16.52 0.67
N LEU A 14 24.99 16.19 0.53
CA LEU A 14 24.27 15.24 1.36
C LEU A 14 23.71 14.00 0.72
N GLY A 15 24.05 12.91 1.42
CA GLY A 15 23.29 11.63 1.42
C GLY A 15 22.29 11.54 2.60
N VAL A 16 21.05 11.46 2.18
CA VAL A 16 19.92 11.45 3.03
C VAL A 16 19.23 10.25 2.42
N ASP A 17 19.15 9.23 3.23
CA ASP A 17 18.36 8.05 2.91
C ASP A 17 17.30 8.43 3.89
N LEU A 18 16.16 8.78 3.37
CA LEU A 18 15.08 9.35 4.19
C LEU A 18 14.09 8.29 4.29
N GLY A 19 14.32 7.48 5.27
CA GLY A 19 13.60 6.21 5.40
C GLY A 19 12.41 6.37 6.32
N THR A 20 11.52 5.38 6.29
CA THR A 20 10.23 5.56 6.92
C THR A 20 10.38 5.35 8.35
N SER A 21 11.52 4.87 8.72
CA SER A 21 11.68 4.67 10.06
C SER A 21 12.90 5.25 10.46
N HIS A 22 13.91 5.17 9.62
CA HIS A 22 15.17 5.72 10.04
C HIS A 22 15.72 6.48 9.04
N THR A 23 16.06 7.67 9.35
CA THR A 23 16.69 8.44 8.34
C THR A 23 18.16 8.54 8.64
N ALA A 24 18.89 8.11 7.68
CA ALA A 24 20.30 8.16 7.80
C ALA A 24 20.79 9.30 6.99
N VAL A 25 21.92 9.82 7.39
CA VAL A 25 22.43 10.90 6.61
C VAL A 25 23.90 10.92 6.62
N MET A 26 24.51 11.08 5.44
CA MET A 26 25.96 11.34 5.32
C MET A 26 26.18 12.65 4.68
N SER A 27 27.24 13.30 5.11
CA SER A 27 27.63 14.52 4.43
C SER A 27 29.04 14.38 3.92
N SER A 28 29.29 15.19 2.91
CA SER A 28 30.60 15.27 2.31
C SER A 28 31.68 15.50 3.38
N ARG A 29 31.34 16.27 4.42
CA ARG A 29 32.26 16.64 5.48
C ARG A 29 32.37 15.62 6.63
N GLY A 30 31.74 14.47 6.44
CA GLY A 30 32.01 13.30 7.27
C GLY A 30 31.06 13.09 8.44
N LYS A 31 29.88 13.70 8.39
CA LYS A 31 28.81 13.23 9.33
C LYS A 31 28.31 11.94 8.75
N LYS A 32 28.30 10.94 9.59
CA LYS A 32 27.34 9.89 9.46
C LYS A 32 26.51 10.25 10.62
N PHE A 33 25.22 10.25 10.43
CA PHE A 33 24.33 9.97 11.55
C PHE A 33 23.01 9.48 11.04
N LEU A 34 22.46 8.75 11.99
CA LEU A 34 21.24 8.07 11.85
C LEU A 34 20.27 8.77 12.75
N LEU A 35 19.00 8.80 12.39
CA LEU A 35 17.96 9.07 13.42
C LEU A 35 16.65 8.43 13.02
N LYS A 36 15.78 8.29 14.00
CA LYS A 36 14.44 7.87 13.70
C LYS A 36 13.70 9.00 12.95
N SER A 37 12.96 8.62 11.94
CA SER A 37 12.26 9.52 11.06
C SER A 37 10.98 9.74 11.76
N VAL A 38 10.95 10.69 12.65
CA VAL A 38 9.76 10.80 13.53
C VAL A 38 9.86 12.00 14.37
N VAL A 39 8.73 12.61 14.44
CA VAL A 39 8.72 13.80 15.12
C VAL A 39 7.65 13.68 16.16
N GLY A 40 8.08 14.04 17.38
CA GLY A 40 7.22 14.08 18.59
C GLY A 40 6.74 15.50 18.74
N TYR A 41 5.44 15.60 18.93
CA TYR A 41 4.88 16.80 19.45
C TYR A 41 4.35 16.52 20.83
N PRO A 42 4.53 17.44 21.74
CA PRO A 42 3.85 17.27 22.97
C PRO A 42 2.30 17.34 22.79
N LYS A 43 1.61 16.54 23.60
CA LYS A 43 0.17 16.28 23.40
C LYS A 43 -0.69 17.37 23.97
N ASP A 44 -0.17 18.03 25.01
CA ASP A 44 -0.93 19.07 25.69
C ASP A 44 0.01 20.02 26.36
N VAL A 45 -0.55 20.90 27.17
CA VAL A 45 0.25 21.97 27.73
C VAL A 45 1.25 21.49 28.74
N ILE A 46 0.98 20.31 29.27
CA ILE A 46 1.93 19.62 30.13
C ILE A 46 3.03 18.95 29.37
N GLY A 47 2.66 18.30 28.31
CA GLY A 47 3.65 17.66 27.45
C GLY A 47 4.68 18.70 27.11
N LEU A 48 4.20 19.88 26.79
CA LEU A 48 5.03 20.93 26.27
C LEU A 48 6.09 21.31 27.30
N LYS A 49 5.63 21.30 28.52
CA LYS A 49 6.46 21.53 29.66
C LYS A 49 7.47 20.44 29.83
N LEU A 50 7.01 19.22 29.87
CA LEU A 50 7.91 18.05 30.01
C LEU A 50 9.00 18.00 28.98
N LEU A 51 8.59 18.29 27.76
CA LEU A 51 9.43 18.11 26.59
C LEU A 51 10.50 19.21 26.47
N GLY A 52 10.15 20.38 26.99
CA GLY A 52 11.08 21.48 27.04
C GLY A 52 11.25 22.19 25.71
N ARG A 53 10.56 21.73 24.69
CA ARG A 53 10.64 22.35 23.37
C ARG A 53 9.37 22.00 22.64
N PRO A 54 9.07 22.71 21.58
CA PRO A 54 7.75 22.56 20.99
C PRO A 54 7.61 21.33 20.15
N TYR A 55 8.74 20.71 19.79
CA TYR A 55 8.73 19.37 19.18
C TYR A 55 10.07 18.70 19.22
N VAL A 56 10.04 17.40 19.16
CA VAL A 56 11.25 16.66 19.02
C VAL A 56 11.32 15.85 17.75
N VAL A 57 12.53 15.49 17.40
CA VAL A 57 12.69 14.73 16.21
C VAL A 57 13.69 13.66 16.44
N GLY A 58 13.38 12.45 15.98
CA GLY A 58 14.37 11.39 16.09
C GLY A 58 14.32 10.61 17.35
N ASP A 59 15.45 10.12 17.81
CA ASP A 59 15.32 9.06 18.81
C ASP A 59 14.81 9.56 20.17
N GLU A 60 15.13 10.79 20.54
CA GLU A 60 14.50 11.38 21.71
C GLU A 60 12.97 11.40 21.64
N ALA A 61 12.44 11.66 20.47
CA ALA A 61 11.00 11.55 20.27
C ALA A 61 10.49 10.18 20.50
N PHE A 62 11.19 9.21 20.06
CA PHE A 62 10.70 7.94 20.30
C PHE A 62 10.95 7.41 21.74
N GLU A 63 11.91 7.96 22.44
CA GLU A 63 12.03 7.69 23.88
C GLU A 63 10.80 8.21 24.62
N MET A 64 10.45 9.47 24.32
CA MET A 64 9.34 10.16 24.97
C MET A 64 8.00 9.89 24.32
N ARG A 65 7.88 8.66 23.85
CA ARG A 65 6.84 8.27 22.86
C ARG A 65 5.59 8.23 23.60
N SER A 66 5.81 7.95 24.89
CA SER A 66 4.77 7.95 26.01
C SER A 66 3.87 9.20 25.98
N TYR A 67 4.54 10.33 26.03
CA TYR A 67 3.81 11.51 26.24
C TYR A 67 3.87 12.52 25.20
N LEU A 68 4.40 12.06 24.05
CA LEU A 68 4.32 12.80 22.75
C LEU A 68 3.49 12.12 21.76
N ASP A 69 2.98 12.90 20.83
CA ASP A 69 2.29 12.33 19.74
C ASP A 69 3.40 12.20 18.71
N ILE A 70 3.79 10.96 18.46
CA ILE A 70 4.88 10.77 17.56
C ILE A 70 4.25 10.55 16.26
N ARG A 71 4.76 11.29 15.26
CA ARG A 71 4.20 11.29 13.87
C ARG A 71 5.27 11.02 12.93
N TYR A 72 5.10 9.90 12.26
CA TYR A 72 6.07 9.51 11.29
C TYR A 72 5.64 10.29 10.09
N PRO A 73 6.62 10.84 9.41
CA PRO A 73 6.16 11.80 8.41
C PRO A 73 6.05 11.10 7.09
N LEU A 74 6.52 9.84 7.04
CA LEU A 74 6.64 9.01 5.83
C LEU A 74 6.17 7.73 6.34
N GLN A 75 5.13 7.22 5.74
CA GLN A 75 4.92 5.78 5.79
C GLN A 75 4.67 5.45 4.36
N ASP A 76 4.96 4.19 4.07
CA ASP A 76 5.21 3.72 2.72
C ASP A 76 6.29 4.56 2.12
N GLY A 77 7.21 4.96 2.94
CA GLY A 77 8.35 5.78 2.50
C GLY A 77 8.07 7.13 1.84
N VAL A 78 7.25 7.09 0.81
CA VAL A 78 6.55 8.24 0.30
C VAL A 78 6.21 9.20 1.40
N LEU A 79 6.42 10.47 1.12
CA LEU A 79 6.26 11.50 2.12
C LEU A 79 4.85 11.85 2.25
N SER A 80 4.32 11.83 3.48
CA SER A 80 2.84 11.69 3.66
C SER A 80 2.05 12.93 3.41
N GLU A 81 0.92 12.76 2.74
CA GLU A 81 -0.11 13.79 2.86
C GLU A 81 -1.49 13.19 3.07
N ILE A 82 -1.73 12.77 4.31
CA ILE A 82 -3.06 12.47 4.81
C ILE A 82 -3.34 13.45 5.87
N SER A 83 -2.53 14.48 5.95
CA SER A 83 -2.85 15.61 6.81
C SER A 83 -2.10 16.83 6.32
N ASP A 84 -2.66 18.00 6.52
CA ASP A 84 -1.91 19.20 6.20
C ASP A 84 -0.82 19.38 7.26
N ARG A 85 -1.09 18.85 8.44
CA ARG A 85 -0.05 18.74 9.45
C ARG A 85 1.18 17.94 8.97
N ASP A 86 0.99 16.77 8.39
CA ASP A 86 2.16 15.93 8.00
C ASP A 86 3.16 16.62 7.10
N ILE A 87 2.76 17.68 6.47
CA ILE A 87 3.70 18.49 5.77
C ILE A 87 4.65 19.24 6.70
N GLU A 88 4.07 19.78 7.76
CA GLU A 88 4.86 20.49 8.79
C GLU A 88 5.75 19.55 9.53
N VAL A 89 5.25 18.36 9.77
CA VAL A 89 6.10 17.33 10.33
C VAL A 89 7.24 17.16 9.42
N ALA A 90 6.98 16.79 8.22
CA ALA A 90 8.09 16.50 7.39
C ALA A 90 9.04 17.66 7.36
N ARG A 91 8.52 18.89 7.33
CA ARG A 91 9.41 20.03 7.38
C ARG A 91 10.36 19.85 8.57
N HIS A 92 9.81 19.60 9.74
CA HIS A 92 10.66 19.47 10.90
C HIS A 92 11.64 18.41 10.70
N LEU A 93 11.21 17.31 10.15
CA LEU A 93 12.11 16.22 10.15
C LEU A 93 13.24 16.72 9.35
N LEU A 94 12.91 17.24 8.20
CA LEU A 94 13.93 17.51 7.24
C LEU A 94 14.82 18.61 7.67
N THR A 95 14.18 19.61 8.25
CA THR A 95 14.91 20.71 8.84
C THR A 95 15.96 20.19 9.83
N HIS A 96 15.51 19.30 10.69
CA HIS A 96 16.37 18.70 11.63
C HIS A 96 17.46 17.86 11.01
N VAL A 97 17.22 17.11 9.97
CA VAL A 97 18.33 16.32 9.41
C VAL A 97 19.33 17.18 8.71
N VAL A 98 18.86 18.22 8.07
CA VAL A 98 19.82 19.12 7.46
C VAL A 98 20.65 19.82 8.54
N LYS A 99 19.95 20.40 9.49
CA LYS A 99 20.61 21.11 10.57
C LYS A 99 21.61 20.23 11.30
N SER A 100 21.29 18.98 11.49
CA SER A 100 22.21 18.08 12.17
C SER A 100 23.35 17.61 11.26
N ALA A 101 23.31 18.03 9.99
CA ALA A 101 24.50 17.96 9.11
C ALA A 101 25.56 19.06 9.41
N GLU A 102 25.19 19.99 10.27
CA GLU A 102 26.01 21.11 10.75
C GLU A 102 26.60 21.99 9.67
N PRO A 103 25.75 22.77 8.99
CA PRO A 103 26.38 23.57 7.99
C PRO A 103 25.97 25.01 7.80
N GLY A 104 27.01 25.84 7.74
CA GLY A 104 26.86 27.24 7.45
C GLY A 104 28.06 28.07 7.90
N PRO A 105 27.88 29.39 7.92
CA PRO A 105 26.70 30.10 7.38
C PRO A 105 26.67 30.14 5.84
N ASN A 106 27.85 30.10 5.23
CA ASN A 106 28.00 30.17 3.77
C ASN A 106 28.24 28.78 3.20
N ASP A 107 27.17 27.99 3.29
CA ASP A 107 27.17 26.60 2.77
C ASP A 107 25.94 26.30 1.98
N GLU A 108 26.22 25.84 0.79
CA GLU A 108 25.23 25.67 -0.21
C GLU A 108 25.08 24.16 -0.14
N ILE A 109 23.88 23.72 0.28
CA ILE A 109 23.58 22.30 0.47
C ILE A 109 22.97 21.69 -0.80
N CYS A 110 23.73 20.72 -1.32
CA CYS A 110 23.35 19.86 -2.42
C CYS A 110 23.09 18.46 -1.89
N ALA A 111 21.92 17.94 -2.15
CA ALA A 111 21.47 16.79 -1.43
C ALA A 111 20.99 15.81 -2.33
N VAL A 112 21.25 14.61 -1.87
CA VAL A 112 20.55 13.49 -2.38
C VAL A 112 19.69 12.84 -1.35
N ILE A 113 18.44 12.85 -1.74
CA ILE A 113 17.48 12.00 -1.13
C ILE A 113 17.10 10.69 -1.93
N GLY A 114 17.11 9.59 -1.18
CA GLY A 114 16.54 8.36 -1.63
C GLY A 114 15.06 8.37 -1.35
N VAL A 115 14.30 7.85 -2.29
CA VAL A 115 12.95 7.37 -1.91
C VAL A 115 12.72 5.88 -2.17
N PRO A 116 11.55 5.36 -1.85
CA PRO A 116 11.09 4.13 -2.51
C PRO A 116 11.09 4.25 -3.96
N ALA A 117 11.66 3.24 -4.59
CA ALA A 117 11.64 3.09 -6.01
C ALA A 117 10.17 2.99 -6.36
N ARG A 118 9.79 3.67 -7.43
CA ARG A 118 8.39 3.67 -7.91
C ARG A 118 7.47 4.37 -6.86
N ALA A 119 8.01 5.42 -6.26
CA ALA A 119 7.22 6.42 -5.55
C ALA A 119 6.80 7.41 -6.61
N SER A 120 5.56 7.89 -6.54
CA SER A 120 4.96 8.66 -7.65
C SER A 120 5.67 9.97 -7.85
N ALA A 121 5.50 10.52 -9.04
CA ALA A 121 6.07 11.85 -9.33
C ALA A 121 5.60 12.88 -8.35
N ALA A 122 4.32 12.82 -8.01
CA ALA A 122 3.78 13.65 -6.92
C ALA A 122 4.63 13.65 -5.64
N ASN A 123 5.00 12.48 -5.22
CA ASN A 123 5.69 12.35 -3.98
C ASN A 123 7.12 12.70 -4.10
N LYS A 124 7.72 12.41 -5.24
CA LYS A 124 9.07 12.93 -5.50
C LYS A 124 9.06 14.45 -5.54
N ALA A 125 7.98 15.00 -6.05
CA ALA A 125 7.87 16.45 -6.07
C ALA A 125 7.67 17.03 -4.70
N LEU A 126 6.87 16.38 -3.87
CA LEU A 126 6.68 16.88 -2.53
C LEU A 126 7.96 16.86 -1.75
N LEU A 127 8.78 15.84 -1.89
CA LEU A 127 10.07 15.91 -1.25
C LEU A 127 10.93 16.92 -1.79
N LEU A 128 10.84 17.01 -3.10
CA LEU A 128 11.81 17.73 -3.78
C LEU A 128 11.54 19.12 -3.35
N LYS A 129 10.30 19.56 -3.47
CA LYS A 129 9.84 20.84 -2.94
C LYS A 129 10.31 21.05 -1.54
N MET A 130 9.88 20.15 -0.69
CA MET A 130 10.15 20.21 0.72
C MET A 130 11.66 20.19 1.11
N ALA A 131 12.50 19.74 0.21
CA ALA A 131 13.93 19.84 0.42
C ALA A 131 14.35 21.17 -0.06
N GLN A 132 13.82 21.58 -1.21
CA GLN A 132 14.22 22.86 -1.85
C GLN A 132 13.74 24.06 -1.05
N GLU A 133 13.15 23.75 0.10
CA GLU A 133 12.91 24.69 1.19
C GLU A 133 14.07 24.84 2.14
N VAL A 134 14.97 23.89 2.13
CA VAL A 134 15.95 23.77 3.24
C VAL A 134 17.37 23.72 2.77
N VAL A 135 17.51 22.95 1.70
CA VAL A 135 18.71 22.88 0.88
C VAL A 135 18.32 23.54 -0.41
N HIS A 136 19.34 24.01 -1.11
CA HIS A 136 19.01 24.81 -2.30
C HIS A 136 18.81 23.86 -3.47
N THR A 137 19.64 22.80 -3.53
CA THR A 137 19.55 21.86 -4.65
C THR A 137 19.58 20.47 -4.17
N ALA A 138 18.64 19.72 -4.69
CA ALA A 138 18.25 18.49 -4.09
C ALA A 138 17.92 17.51 -5.18
N LEU A 139 18.08 16.23 -4.85
CA LEU A 139 17.95 15.21 -5.83
C LEU A 139 17.38 13.96 -5.28
N VAL A 140 16.37 13.50 -5.98
CA VAL A 140 15.60 12.39 -5.45
C VAL A 140 15.69 11.15 -6.29
N VAL A 141 16.34 10.11 -5.77
CA VAL A 141 16.53 8.87 -6.54
C VAL A 141 16.04 7.66 -5.85
N SER A 142 15.95 6.56 -6.58
CA SER A 142 15.58 5.29 -5.86
C SER A 142 16.57 4.82 -4.76
N GLU A 143 16.11 4.57 -3.56
CA GLU A 143 16.96 4.01 -2.56
C GLU A 143 17.72 2.82 -3.10
N PRO A 144 16.99 1.81 -3.55
CA PRO A 144 17.76 0.63 -3.93
C PRO A 144 18.88 0.93 -4.95
N PHE A 145 18.62 1.86 -5.86
CA PHE A 145 19.65 2.12 -6.85
C PHE A 145 20.81 2.75 -6.17
N MET A 146 20.54 3.74 -5.32
CA MET A 146 21.64 4.51 -4.73
C MET A 146 22.30 3.47 -3.75
N VAL A 147 21.64 2.47 -3.21
CA VAL A 147 22.40 1.43 -2.62
C VAL A 147 23.38 0.76 -3.54
N GLY A 148 22.82 0.31 -4.65
CA GLY A 148 23.58 -0.44 -5.63
C GLY A 148 24.78 0.41 -6.03
N TYR A 149 24.54 1.70 -6.17
CA TYR A 149 25.57 2.60 -6.58
C TYR A 149 26.61 2.81 -5.52
N GLY A 150 26.19 2.58 -4.29
CA GLY A 150 27.05 2.46 -3.15
C GLY A 150 28.00 1.26 -3.09
N LEU A 151 27.83 0.33 -3.99
CA LEU A 151 28.64 -0.90 -4.01
C LEU A 151 29.21 -1.23 -5.39
N ASP A 152 29.13 -0.26 -6.28
CA ASP A 152 29.50 -0.45 -7.69
C ASP A 152 28.67 -1.51 -8.43
N LYS A 153 27.61 -1.98 -7.80
CA LYS A 153 26.81 -3.00 -8.39
C LYS A 153 25.74 -2.24 -9.12
N LEU A 154 26.08 -1.88 -10.33
CA LEU A 154 25.11 -1.27 -11.14
C LEU A 154 24.77 -2.01 -12.35
N ILE A 155 25.02 -3.31 -12.35
CA ILE A 155 25.01 -4.10 -13.60
C ILE A 155 24.68 -5.53 -13.33
N ASN A 156 23.58 -5.95 -13.93
CA ASN A 156 23.16 -7.37 -13.84
C ASN A 156 22.99 -7.82 -12.41
N THR A 157 22.23 -7.01 -11.71
CA THR A 157 22.17 -6.99 -10.25
C THR A 157 20.74 -6.81 -9.87
N ILE A 158 20.37 -7.54 -8.87
CA ILE A 158 19.18 -7.13 -8.26
C ILE A 158 19.57 -6.61 -6.93
N ILE A 159 18.94 -5.54 -6.54
CA ILE A 159 18.85 -5.27 -5.14
C ILE A 159 17.51 -5.50 -4.55
N VAL A 160 17.50 -5.85 -3.31
CA VAL A 160 16.25 -5.88 -2.68
C VAL A 160 16.49 -5.14 -1.44
N ASP A 161 16.24 -3.86 -1.50
CA ASP A 161 16.15 -3.17 -0.27
C ASP A 161 14.90 -3.71 0.54
N ILE A 162 15.04 -4.57 1.52
CA ILE A 162 13.85 -4.67 2.35
C ILE A 162 14.08 -3.65 3.39
N GLY A 163 13.12 -2.76 3.51
CA GLY A 163 13.14 -1.79 4.58
C GLY A 163 11.96 -2.05 5.53
N ALA A 164 11.50 -0.94 6.11
CA ALA A 164 10.33 -0.88 6.98
C ALA A 164 9.04 -0.74 6.23
N GLY A 165 9.03 0.28 5.40
CA GLY A 165 7.80 0.64 4.81
C GLY A 165 7.51 -0.15 3.56
N THR A 166 8.60 -0.58 2.98
CA THR A 166 8.63 -0.89 1.58
C THR A 166 9.77 -1.79 1.31
N THR A 167 9.52 -2.74 0.52
CA THR A 167 10.61 -3.51 0.13
C THR A 167 10.72 -3.01 -1.24
N ASP A 168 11.89 -2.59 -1.65
CA ASP A 168 12.06 -2.10 -3.02
C ASP A 168 12.96 -3.02 -3.68
N ILE A 169 12.81 -3.21 -4.92
CA ILE A 169 13.54 -4.29 -5.50
C ILE A 169 13.79 -3.77 -6.85
N CYS A 170 15.00 -3.79 -7.21
CA CYS A 170 15.33 -2.92 -8.23
C CYS A 170 16.39 -3.67 -9.02
N ALA A 171 16.06 -4.00 -10.24
CA ALA A 171 17.09 -4.59 -11.12
C ALA A 171 17.96 -3.44 -11.54
N LEU A 172 19.24 -3.69 -11.45
CA LEU A 172 20.19 -2.67 -11.90
C LEU A 172 20.57 -3.08 -13.26
N LYS A 173 19.58 -2.88 -14.12
CA LYS A 173 19.67 -3.44 -15.44
C LYS A 173 20.60 -2.51 -16.19
N GLY A 174 21.89 -2.78 -15.93
CA GLY A 174 22.87 -1.79 -16.13
C GLY A 174 22.33 -0.48 -15.56
N THR A 175 22.60 0.60 -16.25
CA THR A 175 22.83 1.83 -15.52
C THR A 175 21.65 2.71 -15.44
N VAL A 176 20.89 2.70 -16.47
CA VAL A 176 19.69 3.47 -16.41
C VAL A 176 18.88 2.98 -15.14
N PRO A 177 18.71 3.79 -14.05
CA PRO A 177 17.91 3.20 -12.84
C PRO A 177 16.43 3.22 -13.19
N GLY A 178 15.74 2.09 -13.08
CA GLY A 178 14.58 1.89 -14.02
C GLY A 178 13.28 2.57 -13.60
N PRO A 179 12.11 2.29 -14.26
CA PRO A 179 10.79 2.33 -13.61
C PRO A 179 9.86 1.19 -14.00
N GLU A 180 10.31 0.26 -14.86
CA GLU A 180 9.76 -1.15 -14.93
C GLU A 180 10.71 -2.17 -14.33
N ASP A 181 11.95 -1.73 -14.11
CA ASP A 181 12.97 -2.47 -13.43
C ASP A 181 12.98 -2.16 -11.97
N GLN A 182 12.11 -1.31 -11.49
CA GLN A 182 11.86 -1.23 -10.06
C GLN A 182 10.62 -1.96 -9.69
N VAL A 183 10.45 -2.13 -8.42
CA VAL A 183 9.29 -2.77 -7.89
C VAL A 183 9.28 -2.30 -6.50
N THR A 184 8.11 -2.19 -5.92
CA THR A 184 8.03 -1.96 -4.49
C THR A 184 6.93 -2.80 -4.00
N LEU A 185 7.16 -3.38 -2.86
CA LEU A 185 6.06 -4.01 -2.20
C LEU A 185 5.78 -3.18 -0.94
N THR A 186 4.54 -3.30 -0.50
CA THR A 186 4.15 -2.75 0.77
C THR A 186 4.43 -3.73 1.89
N LYS A 187 4.27 -5.01 1.63
CA LYS A 187 4.78 -5.94 2.62
C LYS A 187 6.30 -5.74 2.88
N ALA A 188 6.59 -5.02 3.96
CA ALA A 188 7.93 -4.86 4.42
C ALA A 188 7.99 -4.88 5.91
N GLY A 189 9.13 -4.60 6.48
CA GLY A 189 9.26 -4.68 7.92
C GLY A 189 7.95 -4.50 8.69
N ASN A 190 7.41 -3.32 8.51
CA ASN A 190 6.26 -2.98 9.31
C ASN A 190 5.23 -4.02 9.22
N TYR A 191 4.92 -4.45 8.04
CA TYR A 191 3.98 -5.52 7.88
C TYR A 191 4.39 -6.80 8.52
N VAL A 192 5.63 -7.06 8.61
CA VAL A 192 5.98 -8.19 9.42
C VAL A 192 5.56 -8.00 10.85
N ASP A 193 5.78 -6.84 11.42
CA ASP A 193 5.40 -6.68 12.82
C ASP A 193 3.93 -6.79 12.97
N GLU A 194 3.17 -6.05 12.21
CA GLU A 194 1.73 -6.17 12.30
C GLU A 194 1.39 -7.58 12.30
N ARG A 195 2.03 -8.33 11.47
CA ARG A 195 1.68 -9.70 11.42
C ARG A 195 2.13 -10.45 12.64
N LEU A 196 3.39 -10.32 12.92
CA LEU A 196 3.92 -11.01 14.00
C LEU A 196 3.05 -10.87 15.17
N GLN A 197 2.73 -9.67 15.51
CA GLN A 197 1.81 -9.38 16.56
C GLN A 197 0.62 -10.15 16.37
N ASN A 198 0.00 -10.13 15.26
CA ASN A 198 -1.10 -11.08 15.18
C ASN A 198 -0.84 -12.55 15.37
N ALA A 199 0.34 -12.94 14.99
CA ALA A 199 0.78 -14.27 15.25
C ALA A 199 1.05 -14.51 16.73
N ILE A 200 1.43 -13.53 17.50
CA ILE A 200 1.61 -13.84 18.86
C ILE A 200 0.26 -13.74 19.48
N LEU A 201 -0.41 -12.65 19.35
CA LEU A 201 -1.74 -12.59 19.92
C LEU A 201 -2.68 -13.72 19.54
N GLU A 202 -2.36 -14.45 18.50
CA GLU A 202 -3.15 -15.62 18.15
C GLU A 202 -2.99 -16.73 19.12
N ARG A 203 -1.80 -16.84 19.71
CA ARG A 203 -1.43 -18.01 20.55
C ARG A 203 -1.30 -17.79 22.04
N HIS A 204 -1.13 -16.55 22.41
CA HIS A 204 -1.05 -16.14 23.82
C HIS A 204 -2.00 -14.98 23.86
N PRO A 205 -3.24 -15.29 23.51
CA PRO A 205 -4.26 -14.29 23.40
C PRO A 205 -4.40 -13.38 24.61
N GLU A 206 -3.90 -13.82 25.75
CA GLU A 206 -3.84 -12.98 26.92
C GLU A 206 -2.83 -11.83 26.82
N LEU A 207 -1.86 -11.96 25.93
CA LEU A 207 -0.86 -10.95 25.85
C LEU A 207 -1.36 -9.57 25.47
N GLN A 208 -0.70 -8.55 25.99
CA GLN A 208 -0.71 -7.25 25.31
C GLN A 208 0.50 -7.25 24.41
N MET A 209 0.19 -6.97 23.15
CA MET A 209 1.16 -6.38 22.24
C MET A 209 0.57 -5.25 21.55
N ASN A 210 1.31 -4.17 21.66
CA ASN A 210 1.22 -3.28 20.58
C ASN A 210 2.20 -3.75 19.52
N VAL A 211 2.16 -3.07 18.40
CA VAL A 211 3.17 -3.28 17.39
C VAL A 211 4.52 -2.86 17.80
N ASN A 212 4.65 -1.79 18.57
CA ASN A 212 5.98 -1.44 19.01
C ASN A 212 6.69 -2.50 19.87
N VAL A 213 5.95 -3.35 20.51
CA VAL A 213 6.48 -4.56 21.12
C VAL A 213 6.96 -5.50 20.07
N ALA A 214 6.06 -5.94 19.21
CA ALA A 214 6.39 -7.04 18.29
C ALA A 214 7.45 -6.47 17.45
N CYS A 215 7.40 -5.21 17.10
CA CYS A 215 8.53 -4.60 16.45
C CYS A 215 9.83 -5.06 17.05
N ALA A 216 9.92 -4.97 18.35
CA ALA A 216 11.08 -5.41 19.08
C ALA A 216 11.16 -6.93 19.19
N VAL A 217 10.15 -7.67 19.49
CA VAL A 217 10.37 -9.03 19.25
C VAL A 217 10.98 -9.28 17.90
N LYS A 218 10.48 -8.76 16.84
CA LYS A 218 11.04 -9.05 15.56
C LYS A 218 12.48 -8.60 15.52
N GLU A 219 12.83 -7.37 15.76
CA GLU A 219 14.23 -7.03 15.66
C GLU A 219 15.08 -8.06 16.35
N GLN A 220 14.72 -8.43 17.54
CA GLN A 220 15.54 -9.34 18.32
C GLN A 220 15.59 -10.84 17.93
N PHE A 221 14.65 -11.37 17.25
CA PHE A 221 14.55 -12.81 17.02
C PHE A 221 14.13 -13.24 15.63
N SER A 222 13.89 -12.27 14.78
CA SER A 222 13.47 -12.48 13.36
C SER A 222 14.30 -13.51 12.76
N PHE A 223 13.77 -14.51 12.13
CA PHE A 223 14.70 -15.22 11.27
C PHE A 223 13.97 -15.77 10.13
N VAL A 224 14.57 -16.55 9.24
CA VAL A 224 13.69 -17.51 8.49
C VAL A 224 14.28 -18.85 8.43
N GLY A 225 13.40 -19.79 8.10
CA GLY A 225 13.80 -21.15 7.79
C GLY A 225 13.89 -22.04 9.02
N THR A 226 15.08 -22.54 9.31
CA THR A 226 15.31 -23.26 10.54
C THR A 226 15.37 -22.30 11.72
N PRO A 227 14.64 -22.62 12.82
CA PRO A 227 14.84 -21.88 14.05
C PRO A 227 16.14 -22.25 14.74
N THR A 228 17.09 -21.35 14.66
CA THR A 228 18.44 -21.61 15.14
C THR A 228 18.55 -21.56 16.64
N GLU A 229 17.51 -21.07 17.32
CA GLU A 229 17.51 -20.98 18.77
C GLU A 229 16.10 -20.86 19.35
N VAL A 230 16.02 -20.58 20.64
CA VAL A 230 14.76 -20.44 21.35
C VAL A 230 14.42 -18.96 21.41
N ALA A 231 13.25 -18.61 20.89
CA ALA A 231 12.83 -17.21 20.88
C ALA A 231 11.94 -16.91 22.07
N SER A 232 12.56 -16.67 23.20
CA SER A 232 11.79 -16.44 24.43
C SER A 232 11.82 -14.95 24.77
N PHE A 233 10.64 -14.42 25.03
CA PHE A 233 10.50 -12.99 25.25
C PHE A 233 9.56 -12.58 26.31
N GLU A 234 9.85 -11.46 26.99
CA GLU A 234 9.08 -11.08 28.21
C GLU A 234 7.97 -10.15 27.82
N PHE A 235 6.79 -10.70 27.64
CA PHE A 235 5.62 -9.91 27.27
C PHE A 235 4.87 -9.57 28.49
N ARG A 236 3.77 -8.84 28.36
CA ARG A 236 2.83 -8.62 29.51
C ARG A 236 1.48 -9.17 29.30
N ALA A 237 0.84 -9.61 30.35
CA ALA A 237 -0.54 -10.16 30.21
C ALA A 237 -1.39 -9.67 31.34
N ALA A 238 -2.35 -8.82 31.01
CA ALA A 238 -3.08 -8.11 32.04
C ALA A 238 -2.12 -7.39 32.97
N GLY A 239 -1.01 -6.94 32.42
CA GLY A 239 0.05 -6.26 33.18
C GLY A 239 1.10 -7.15 33.77
N LYS A 240 0.81 -8.44 33.86
CA LYS A 240 1.67 -9.37 34.57
C LYS A 240 2.75 -9.80 33.66
N PRO A 241 4.02 -9.74 34.09
CA PRO A 241 5.02 -10.31 33.24
C PRO A 241 4.81 -11.80 32.99
N VAL A 242 5.06 -12.14 31.74
CA VAL A 242 4.96 -13.43 31.20
C VAL A 242 6.14 -13.56 30.30
N ARG A 243 6.94 -14.59 30.47
CA ARG A 243 7.88 -14.96 29.42
C ARG A 243 7.11 -15.94 28.51
N ALA A 244 7.26 -15.77 27.19
CA ALA A 244 6.65 -16.70 26.21
C ALA A 244 7.54 -16.93 24.99
N ASP A 245 7.26 -18.08 24.38
CA ASP A 245 8.00 -18.56 23.24
C ASP A 245 7.34 -18.05 21.97
N VAL A 246 8.10 -17.30 21.23
CA VAL A 246 7.63 -16.73 20.00
C VAL A 246 8.31 -17.28 18.77
N THR A 247 8.84 -18.48 18.87
CA THR A 247 9.68 -18.97 17.79
C THR A 247 8.77 -19.15 16.65
N GLU A 248 7.65 -19.80 16.87
CA GLU A 248 6.80 -20.02 15.78
C GLU A 248 6.09 -18.76 15.21
N PRO A 249 5.64 -17.85 16.06
CA PRO A 249 5.19 -16.58 15.51
C PRO A 249 6.23 -15.98 14.71
N VAL A 250 7.41 -15.82 15.22
CA VAL A 250 8.37 -15.15 14.44
C VAL A 250 8.71 -15.80 13.10
N LYS A 251 8.78 -17.12 13.09
CA LYS A 251 9.04 -17.87 11.83
C LYS A 251 7.98 -17.37 10.91
N ILE A 252 6.74 -17.64 11.28
CA ILE A 252 5.66 -17.24 10.43
C ILE A 252 5.70 -15.84 9.89
N ALA A 253 6.02 -14.93 10.75
CA ALA A 253 6.01 -13.54 10.41
C ALA A 253 7.02 -13.21 9.43
N CYS A 254 8.23 -13.68 9.59
CA CYS A 254 9.23 -13.11 8.69
C CYS A 254 9.29 -13.80 7.32
N GLU A 255 9.00 -15.10 7.34
CA GLU A 255 8.66 -15.83 6.11
C GLU A 255 7.25 -15.48 5.65
N ALA A 256 6.84 -14.25 5.88
CA ALA A 256 5.68 -13.76 5.16
C ALA A 256 6.11 -12.59 4.36
N LEU A 257 7.25 -12.04 4.65
CA LEU A 257 7.83 -11.20 3.62
C LEU A 257 8.11 -11.95 2.34
N MET A 258 8.73 -13.13 2.51
CA MET A 258 9.58 -13.59 1.45
C MET A 258 8.99 -14.02 0.13
N PRO A 259 7.86 -14.63 0.16
CA PRO A 259 7.13 -14.90 -1.04
C PRO A 259 7.11 -13.78 -2.01
N ASP A 260 6.74 -12.58 -1.56
CA ASP A 260 6.57 -11.45 -2.51
C ASP A 260 7.87 -11.00 -3.11
N ILE A 261 8.88 -11.01 -2.26
CA ILE A 261 10.24 -10.65 -2.69
C ILE A 261 10.76 -11.61 -3.69
N ILE A 262 10.59 -12.87 -3.41
CA ILE A 262 11.02 -13.87 -4.32
C ILE A 262 10.35 -13.79 -5.58
N GLU A 263 9.04 -13.76 -5.54
CA GLU A 263 8.33 -13.67 -6.79
C GLU A 263 8.78 -12.40 -7.50
N SER A 264 8.98 -11.33 -6.78
CA SER A 264 9.39 -10.14 -7.49
C SER A 264 10.89 -10.02 -7.90
N ILE A 265 11.77 -10.74 -7.28
CA ILE A 265 12.98 -11.04 -7.99
C ILE A 265 12.80 -11.92 -9.23
N GLU A 266 12.25 -13.08 -9.05
CA GLU A 266 11.97 -13.91 -10.18
C GLU A 266 11.43 -13.00 -11.31
N THR A 267 10.53 -12.15 -10.98
CA THR A 267 10.04 -11.31 -12.01
C THR A 267 11.05 -10.36 -12.67
N LEU A 268 11.88 -9.76 -11.88
CA LEU A 268 12.91 -8.97 -12.47
C LEU A 268 13.96 -9.70 -13.20
N LEU A 269 14.16 -10.89 -12.77
CA LEU A 269 15.19 -11.71 -13.36
C LEU A 269 14.83 -12.04 -14.76
N ARG A 270 13.58 -12.39 -14.95
CA ARG A 270 13.16 -12.71 -16.25
C ARG A 270 13.08 -11.50 -17.16
N SER A 271 13.40 -10.37 -16.60
CA SER A 271 13.45 -9.12 -17.36
C SER A 271 14.75 -8.85 -17.96
N PHE A 272 15.78 -9.30 -17.29
CA PHE A 272 17.08 -9.28 -17.90
C PHE A 272 17.29 -10.20 -19.15
N GLN A 273 18.28 -9.85 -19.98
CA GLN A 273 18.51 -10.61 -21.24
C GLN A 273 19.02 -11.92 -20.87
N PRO A 274 18.64 -12.92 -21.61
CA PRO A 274 18.89 -14.26 -21.13
C PRO A 274 20.25 -14.55 -20.96
N GLU A 275 21.06 -14.03 -21.82
CA GLU A 275 22.45 -14.25 -21.65
C GLU A 275 23.05 -13.89 -20.25
N TYR A 276 22.33 -13.04 -19.53
CA TYR A 276 22.76 -12.53 -18.25
C TYR A 276 22.04 -12.99 -17.06
N GLN A 277 21.03 -13.78 -17.20
CA GLN A 277 20.34 -14.07 -15.99
C GLN A 277 21.08 -14.85 -15.00
N ALA A 278 21.92 -15.72 -15.50
CA ALA A 278 22.76 -16.52 -14.63
C ALA A 278 23.57 -15.63 -13.78
N THR A 279 24.15 -14.70 -14.48
CA THR A 279 24.97 -13.76 -13.86
C THR A 279 24.25 -12.84 -12.89
N VAL A 280 23.03 -12.52 -13.18
CA VAL A 280 22.27 -11.75 -12.23
C VAL A 280 22.13 -12.45 -10.96
N LEU A 281 21.69 -13.69 -11.03
CA LEU A 281 21.49 -14.38 -9.83
C LEU A 281 22.61 -14.44 -8.84
N GLN A 282 23.81 -14.49 -9.37
CA GLN A 282 25.01 -14.35 -8.54
C GLN A 282 25.32 -12.91 -8.03
N ASN A 283 24.42 -12.02 -8.35
CA ASN A 283 24.42 -10.69 -7.81
C ASN A 283 23.24 -10.14 -6.96
N ILE A 284 22.32 -11.02 -6.54
CA ILE A 284 21.18 -10.56 -5.75
C ILE A 284 21.66 -10.06 -4.40
N VAL A 285 21.24 -8.85 -4.10
CA VAL A 285 21.56 -8.14 -2.87
C VAL A 285 20.30 -7.95 -1.95
N PHE A 286 20.49 -7.97 -0.66
CA PHE A 286 19.50 -7.46 0.23
C PHE A 286 20.13 -6.31 0.87
N ALA A 287 19.57 -5.15 0.75
CA ALA A 287 19.98 -4.04 1.60
C ALA A 287 18.87 -3.68 2.54
N GLY A 288 19.17 -2.69 3.36
CA GLY A 288 18.16 -2.24 4.34
C GLY A 288 17.71 -3.18 5.51
N GLY A 289 16.93 -2.61 6.44
CA GLY A 289 16.75 -3.22 7.72
C GLY A 289 16.45 -4.66 7.50
N GLY A 290 15.36 -4.92 6.80
CA GLY A 290 14.81 -6.31 6.64
C GLY A 290 15.91 -7.30 6.17
N SER A 291 16.86 -6.81 5.38
CA SER A 291 18.06 -7.59 5.14
C SER A 291 18.85 -8.06 6.46
N ARG A 292 18.47 -7.61 7.64
CA ARG A 292 19.11 -8.14 8.83
C ARG A 292 18.43 -9.36 9.36
N ILE A 293 17.33 -9.79 8.76
CA ILE A 293 16.73 -11.05 9.18
C ILE A 293 17.75 -12.24 9.26
N ARG A 294 17.74 -13.02 10.32
CA ARG A 294 18.68 -14.15 10.37
C ARG A 294 18.28 -15.24 9.41
N GLY A 295 19.29 -15.73 8.71
CA GLY A 295 19.12 -16.83 7.76
C GLY A 295 18.47 -16.42 6.47
N LEU A 296 18.44 -15.11 6.20
CA LEU A 296 17.63 -14.63 5.06
C LEU A 296 18.27 -15.15 3.85
N ALA A 297 19.55 -14.83 3.83
CA ALA A 297 20.36 -15.16 2.71
C ALA A 297 19.98 -16.56 2.18
N ALA A 298 20.20 -17.46 3.08
CA ALA A 298 20.21 -18.80 2.75
C ALA A 298 18.81 -19.23 2.42
N TYR A 299 17.84 -18.56 3.02
CA TYR A 299 16.44 -18.91 2.72
C TYR A 299 16.08 -18.53 1.30
N VAL A 300 16.60 -17.40 0.87
CA VAL A 300 16.43 -16.96 -0.52
C VAL A 300 17.10 -17.97 -1.46
N LYS A 301 18.40 -18.16 -1.24
CA LYS A 301 19.13 -19.13 -2.06
C LYS A 301 18.20 -20.27 -2.33
N GLU A 302 17.70 -20.87 -1.28
CA GLU A 302 16.89 -22.03 -1.41
C GLU A 302 15.63 -21.73 -2.21
N LYS A 303 15.07 -20.55 -2.05
CA LYS A 303 13.84 -20.22 -2.81
C LYS A 303 14.09 -20.03 -4.28
N LEU A 304 15.31 -19.70 -4.61
CA LEU A 304 15.67 -19.43 -5.97
C LEU A 304 16.36 -20.58 -6.68
N ARG A 305 16.49 -21.75 -6.10
CA ARG A 305 17.17 -22.86 -6.80
C ARG A 305 16.57 -23.15 -8.18
N PRO A 306 15.25 -22.97 -8.32
CA PRO A 306 14.60 -23.05 -9.63
C PRO A 306 15.10 -22.13 -10.71
N PHE A 307 15.75 -21.06 -10.33
CA PHE A 307 16.40 -20.18 -11.30
C PHE A 307 17.90 -20.38 -11.37
N GLY A 308 18.48 -21.17 -10.50
CA GLY A 308 19.89 -21.43 -10.58
C GLY A 308 20.55 -21.22 -9.25
N ASP A 309 21.88 -21.24 -9.34
CA ASP A 309 22.66 -21.03 -8.15
C ASP A 309 22.70 -19.52 -7.93
N ALA A 310 21.85 -19.11 -7.00
CA ALA A 310 21.86 -17.76 -6.53
C ALA A 310 22.95 -17.65 -5.54
N ASN A 311 23.59 -16.51 -5.55
CA ASN A 311 24.51 -16.16 -4.49
C ASN A 311 23.94 -14.89 -3.94
N VAL A 312 23.26 -15.03 -2.83
CA VAL A 312 22.59 -13.87 -2.26
C VAL A 312 23.39 -13.29 -1.12
N THR A 313 23.54 -11.99 -1.14
CA THR A 313 24.29 -11.36 -0.11
C THR A 313 23.47 -10.29 0.51
N CYS A 314 23.71 -10.12 1.79
CA CYS A 314 23.03 -9.08 2.53
C CYS A 314 24.12 -8.12 2.82
N VAL A 315 23.94 -6.89 2.45
CA VAL A 315 25.05 -5.92 2.62
C VAL A 315 25.76 -5.85 3.95
N LYS A 316 26.93 -5.21 3.97
CA LYS A 316 27.78 -5.16 5.17
C LYS A 316 27.19 -4.40 6.38
N ASP A 317 26.69 -3.18 6.12
CA ASP A 317 26.13 -2.29 7.17
C ASP A 317 24.85 -1.69 6.65
N PRO A 318 23.73 -2.39 6.90
CA PRO A 318 22.45 -1.98 6.29
C PRO A 318 22.08 -0.57 6.66
N THR A 319 22.69 -0.05 7.69
CA THR A 319 22.32 1.22 8.21
C THR A 319 22.56 2.35 7.28
N PHE A 320 23.67 2.37 6.61
CA PHE A 320 24.00 3.52 5.80
C PHE A 320 24.10 3.33 4.29
N ASP A 321 24.05 2.08 3.82
CA ASP A 321 24.36 1.84 2.38
C ASP A 321 23.54 2.67 1.46
N GLY A 322 22.28 2.83 1.87
CA GLY A 322 21.39 3.84 1.34
C GLY A 322 22.14 5.14 1.18
N CYS A 323 22.32 5.85 2.26
CA CYS A 323 22.88 7.18 2.06
C CYS A 323 24.26 7.09 1.49
N ARG A 324 25.02 6.10 1.93
CA ARG A 324 26.43 6.02 1.55
C ARG A 324 26.49 6.35 0.07
N GLY A 325 25.62 5.63 -0.61
CA GLY A 325 25.42 5.75 -2.01
C GLY A 325 25.05 7.18 -2.35
N ALA A 326 23.83 7.57 -2.12
CA ALA A 326 23.47 8.94 -2.41
C ALA A 326 24.70 9.86 -2.33
N LEU A 327 25.49 9.66 -1.30
CA LEU A 327 26.52 10.59 -1.02
C LEU A 327 27.49 10.59 -2.12
N ARG A 328 28.10 9.42 -2.28
CA ARG A 328 29.03 9.13 -3.40
C ARG A 328 28.51 9.61 -4.71
N LEU A 329 27.25 9.34 -4.94
CA LEU A 329 26.53 9.85 -6.05
C LEU A 329 26.65 11.33 -6.23
N ALA A 330 26.39 12.11 -5.21
CA ALA A 330 26.56 13.54 -5.43
C ALA A 330 27.89 14.08 -4.92
N GLU A 331 28.80 13.18 -4.65
CA GLU A 331 30.19 13.52 -4.78
C GLU A 331 30.63 13.62 -6.27
N GLU A 332 29.81 13.25 -7.25
CA GLU A 332 30.42 12.96 -8.54
C GLU A 332 29.87 13.58 -9.81
N LEU A 333 29.18 14.72 -9.81
CA LEU A 333 28.52 15.21 -11.09
C LEU A 333 28.32 16.84 -11.18
N PRO A 334 27.30 17.41 -11.98
CA PRO A 334 26.51 18.75 -11.73
C PRO A 334 25.72 19.03 -10.34
N ASN B 10 58.22 7.61 -43.80
CA ASN B 10 58.00 6.11 -43.80
C ASN B 10 56.57 5.71 -44.11
N ARG B 11 56.42 4.47 -44.57
CA ARG B 11 55.11 3.96 -44.98
C ARG B 11 54.74 2.66 -44.27
N LEU B 12 53.47 2.62 -43.94
CA LEU B 12 52.88 1.49 -43.21
C LEU B 12 51.66 1.11 -43.96
N PHE B 13 51.54 -0.15 -44.37
CA PHE B 13 50.27 -0.55 -44.98
C PHE B 13 49.46 -1.57 -44.20
N LEU B 14 48.17 -1.36 -44.39
CA LEU B 14 47.10 -2.07 -43.70
C LEU B 14 46.16 -2.92 -44.54
N GLY B 15 46.00 -4.15 -44.03
CA GLY B 15 44.85 -5.02 -44.26
C GLY B 15 43.81 -4.93 -43.12
N VAL B 16 42.67 -4.49 -43.56
CA VAL B 16 41.57 -4.15 -42.76
C VAL B 16 40.54 -4.94 -43.56
N ASP B 17 40.00 -5.95 -42.92
CA ASP B 17 38.86 -6.67 -43.44
C ASP B 17 37.93 -6.07 -42.44
N LEU B 18 37.05 -5.25 -42.94
CA LEU B 18 36.19 -4.43 -42.08
C LEU B 18 34.86 -5.04 -42.18
N GLY B 19 34.68 -6.01 -41.32
CA GLY B 19 33.53 -6.92 -41.40
C GLY B 19 32.46 -6.45 -40.49
N THR B 20 31.30 -7.03 -40.67
CA THR B 20 30.09 -6.50 -40.05
C THR B 20 30.01 -6.98 -38.69
N SER B 21 30.85 -7.90 -38.36
CA SER B 21 30.80 -8.32 -37.05
C SER B 21 32.11 -8.34 -36.55
N HIS B 22 33.11 -8.63 -37.36
CA HIS B 22 34.50 -8.61 -36.85
C HIS B 22 35.37 -7.95 -37.71
N THR B 23 36.05 -6.98 -37.22
CA THR B 23 36.99 -6.40 -38.05
C THR B 23 38.37 -6.90 -37.72
N ALA B 24 38.97 -7.50 -38.70
CA ALA B 24 40.30 -8.01 -38.53
C ALA B 24 41.24 -6.95 -39.13
N VAL B 25 42.45 -6.94 -38.64
CA VAL B 25 43.39 -6.06 -39.26
C VAL B 25 44.75 -6.60 -39.20
N MET B 26 45.46 -6.52 -40.32
CA MET B 26 46.90 -6.80 -40.35
C MET B 26 47.64 -5.59 -40.81
N SER B 27 48.84 -5.45 -40.28
CA SER B 27 49.68 -4.39 -40.75
C SER B 27 50.98 -4.98 -41.25
N SER B 28 51.61 -4.18 -42.08
CA SER B 28 52.89 -4.51 -42.61
C SER B 28 53.88 -4.84 -41.48
N ARG B 29 53.76 -4.15 -40.36
CA ARG B 29 54.67 -4.29 -39.23
C ARG B 29 54.32 -5.44 -38.26
N GLY B 30 53.34 -6.26 -38.65
CA GLY B 30 53.08 -7.53 -37.99
C GLY B 30 52.04 -7.51 -36.90
N LYS B 31 51.16 -6.52 -36.88
CA LYS B 31 49.94 -6.67 -36.06
C LYS B 31 49.05 -7.58 -36.84
N LYS B 32 48.59 -8.61 -36.17
CA LYS B 32 47.32 -9.21 -36.48
C LYS B 32 46.58 -8.75 -35.28
N PHE B 33 45.39 -8.22 -35.51
CA PHE B 33 44.40 -8.29 -34.47
C PHE B 33 43.05 -8.20 -35.10
N LEU B 34 42.19 -8.81 -34.30
CA LEU B 34 40.81 -8.96 -34.55
C LEU B 34 40.07 -8.08 -33.55
N LEU B 35 38.96 -7.50 -33.91
CA LEU B 35 38.03 -7.01 -32.88
C LEU B 35 36.60 -7.01 -33.41
N LYS B 36 35.67 -6.93 -32.50
CA LYS B 36 34.28 -6.80 -32.92
C LYS B 36 34.04 -5.43 -33.51
N SER B 37 33.29 -5.38 -34.58
CA SER B 37 33.04 -4.18 -35.29
C SER B 37 31.90 -3.64 -34.57
N VAL B 38 32.13 -2.87 -33.54
CA VAL B 38 31.06 -2.40 -32.70
C VAL B 38 31.47 -1.45 -31.69
N VAL B 39 30.66 -0.48 -31.55
CA VAL B 39 31.02 0.56 -30.72
C VAL B 39 29.93 0.74 -29.76
N GLY B 40 30.32 0.75 -28.51
CA GLY B 40 29.44 0.94 -27.36
C GLY B 40 29.48 2.41 -27.04
N TYR B 41 28.34 2.95 -26.81
CA TYR B 41 28.22 4.14 -26.11
C TYR B 41 27.49 3.91 -24.80
N PRO B 42 27.87 4.56 -23.74
CA PRO B 42 27.10 4.49 -22.58
C PRO B 42 25.75 5.15 -22.78
N LYS B 43 24.76 4.59 -22.12
CA LYS B 43 23.35 4.92 -22.39
C LYS B 43 22.91 6.17 -21.69
N ASP B 44 23.54 6.44 -20.55
CA ASP B 44 23.16 7.57 -19.72
C ASP B 44 24.32 7.99 -18.89
N VAL B 45 24.07 8.91 -17.97
CA VAL B 45 25.16 9.53 -17.22
C VAL B 45 25.81 8.58 -16.28
N ILE B 46 25.09 7.53 -15.96
CA ILE B 46 25.64 6.37 -15.19
C ILE B 46 26.48 5.44 -15.98
N GLY B 47 25.98 5.12 -17.13
CA GLY B 47 26.75 4.31 -18.07
C GLY B 47 28.11 4.94 -18.23
N LEU B 48 28.11 6.24 -18.38
CA LEU B 48 29.31 6.97 -18.71
C LEU B 48 30.36 6.82 -17.63
N LYS B 49 29.82 6.82 -16.43
CA LYS B 49 30.57 6.54 -15.25
C LYS B 49 31.09 5.12 -15.22
N LEU B 50 30.21 4.17 -15.39
CA LEU B 50 30.63 2.74 -15.41
C LEU B 50 31.67 2.41 -16.41
N LEU B 51 31.50 2.98 -17.58
CA LEU B 51 32.33 2.68 -18.73
C LEU B 51 33.74 3.31 -18.65
N GLY B 52 33.79 4.45 -17.97
CA GLY B 52 35.05 5.11 -17.72
C GLY B 52 35.60 5.88 -18.92
N ARG B 53 34.86 5.86 -20.01
CA ARG B 53 35.26 6.60 -21.22
C ARG B 53 34.01 6.85 -22.02
N PRO B 54 34.09 7.74 -22.97
CA PRO B 54 32.87 8.15 -23.59
C PRO B 54 32.35 7.17 -24.61
N TYR B 55 33.21 6.24 -25.03
CA TYR B 55 32.77 5.12 -25.86
C TYR B 55 33.75 4.00 -25.90
N VAL B 56 33.25 2.83 -26.14
CA VAL B 56 34.13 1.69 -26.38
C VAL B 56 34.00 1.07 -27.73
N VAL B 57 34.99 0.33 -28.12
CA VAL B 57 34.94 -0.22 -29.42
C VAL B 57 35.48 -1.58 -29.33
N GLY B 58 34.81 -2.52 -29.96
CA GLY B 58 35.32 -3.91 -29.99
C GLY B 58 34.86 -4.78 -28.89
N ASP B 59 35.68 -5.71 -28.50
CA ASP B 59 35.11 -6.74 -27.68
C ASP B 59 34.71 -6.28 -26.26
N GLU B 60 35.43 -5.32 -25.71
CA GLU B 60 34.97 -4.70 -24.46
C GLU B 60 33.55 -4.10 -24.57
N ALA B 61 33.26 -3.50 -25.69
CA ALA B 61 31.90 -3.03 -25.95
C ALA B 61 30.90 -4.15 -25.95
N PHE B 62 31.22 -5.25 -26.51
CA PHE B 62 30.29 -6.27 -26.47
C PHE B 62 30.23 -7.02 -25.14
N GLU B 63 31.28 -6.95 -24.33
CA GLU B 63 31.17 -7.45 -22.95
C GLU B 63 30.15 -6.63 -22.18
N MET B 64 30.32 -5.31 -22.29
CA MET B 64 29.48 -4.34 -21.56
C MET B 64 28.17 -4.01 -22.27
N ARG B 65 27.67 -5.03 -22.95
CA ARG B 65 26.66 -4.87 -23.99
C ARG B 65 25.41 -4.53 -23.29
N SER B 66 25.42 -5.05 -22.06
CA SER B 66 24.37 -4.79 -20.99
C SER B 66 23.98 -3.31 -20.84
N TYR B 67 25.00 -2.55 -20.62
CA TYR B 67 24.72 -1.26 -20.25
C TYR B 67 25.22 -0.19 -21.15
N LEU B 68 25.65 -0.65 -22.33
CA LEU B 68 25.97 0.22 -23.50
C LEU B 68 25.04 0.04 -24.61
N ASP B 69 24.91 1.05 -25.41
CA ASP B 69 24.13 0.94 -26.60
C ASP B 69 25.20 0.54 -27.57
N ILE B 70 25.17 -0.69 -27.97
CA ILE B 70 26.19 -1.14 -28.87
C ILE B 70 25.64 -0.92 -30.24
N ARG B 71 26.44 -0.34 -31.13
CA ARG B 71 26.03 0.04 -32.47
C ARG B 71 27.00 -0.50 -33.37
N TYR B 72 26.52 -1.36 -34.20
CA TYR B 72 27.34 -1.88 -35.21
C TYR B 72 27.35 -0.82 -36.27
N PRO B 73 28.44 -0.60 -36.86
CA PRO B 73 28.46 0.54 -37.71
C PRO B 73 28.26 0.11 -39.12
N LEU B 74 28.27 -1.20 -39.36
CA LEU B 74 28.14 -1.81 -40.68
C LEU B 74 27.17 -2.88 -40.43
N GLN B 75 26.05 -2.87 -41.12
CA GLN B 75 25.33 -4.12 -41.30
C GLN B 75 25.12 -4.16 -42.75
N ASP B 76 24.96 -5.38 -43.22
CA ASP B 76 25.13 -5.72 -44.63
C ASP B 76 26.48 -5.28 -45.07
N GLY B 77 27.39 -5.33 -44.17
CA GLY B 77 28.77 -4.95 -44.45
C GLY B 77 29.05 -3.52 -44.87
N VAL B 78 28.36 -3.10 -45.91
CA VAL B 78 28.21 -1.71 -46.28
C VAL B 78 28.12 -0.83 -45.09
N LEU B 79 28.79 0.31 -45.18
CA LEU B 79 28.94 1.15 -44.01
C LEU B 79 27.75 1.95 -43.85
N SER B 80 27.16 1.95 -42.68
CA SER B 80 25.74 2.37 -42.55
C SER B 80 25.49 3.83 -42.62
N GLU B 81 24.42 4.19 -43.33
CA GLU B 81 23.83 5.48 -43.06
C GLU B 81 22.31 5.39 -42.98
N ILE B 82 21.85 4.94 -41.83
CA ILE B 82 20.44 5.08 -41.39
C ILE B 82 20.47 5.93 -40.17
N SER B 83 21.58 6.58 -39.93
CA SER B 83 21.61 7.64 -38.94
C SER B 83 22.81 8.55 -39.23
N ASP B 84 22.70 9.80 -38.87
CA ASP B 84 23.86 10.68 -38.98
C ASP B 84 24.86 10.26 -37.88
N ARG B 85 24.32 9.70 -36.80
CA ARG B 85 25.17 9.10 -35.80
C ARG B 85 26.03 7.99 -36.36
N ASP B 86 25.49 7.08 -37.12
CA ASP B 86 26.30 5.92 -37.60
C ASP B 86 27.54 6.28 -38.38
N ILE B 87 27.60 7.50 -38.84
CA ILE B 87 28.85 8.01 -39.39
C ILE B 87 29.95 8.23 -38.34
N GLU B 88 29.53 8.80 -37.22
CA GLU B 88 30.42 9.00 -36.08
C GLU B 88 30.83 7.68 -35.50
N VAL B 89 29.90 6.75 -35.45
CA VAL B 89 30.25 5.44 -35.01
C VAL B 89 31.35 5.02 -35.90
N ALA B 90 31.08 4.93 -37.14
CA ALA B 90 32.09 4.32 -37.94
C ALA B 90 33.37 5.01 -37.75
N ARG B 91 33.33 6.33 -37.63
CA ARG B 91 34.60 7.05 -37.39
C ARG B 91 35.29 6.36 -36.24
N HIS B 92 34.57 6.14 -35.14
CA HIS B 92 35.19 5.59 -33.95
C HIS B 92 35.73 4.28 -34.28
N LEU B 93 35.00 3.52 -35.04
CA LEU B 93 35.48 2.18 -35.19
C LEU B 93 36.77 2.29 -35.88
N LEU B 94 36.72 3.03 -36.95
CA LEU B 94 37.85 3.04 -37.82
C LEU B 94 39.04 3.67 -37.18
N THR B 95 38.79 4.77 -36.48
CA THR B 95 39.82 5.45 -35.71
C THR B 95 40.50 4.45 -34.79
N HIS B 96 39.69 3.70 -34.10
CA HIS B 96 40.21 2.69 -33.23
C HIS B 96 40.95 1.60 -33.95
N VAL B 97 40.51 1.11 -35.08
CA VAL B 97 41.32 0.05 -35.74
C VAL B 97 42.62 0.56 -36.31
N VAL B 98 42.62 1.79 -36.76
CA VAL B 98 43.87 2.35 -37.20
C VAL B 98 44.81 2.54 -36.01
N LYS B 99 44.29 3.19 -34.98
CA LYS B 99 45.08 3.48 -33.80
C LYS B 99 45.63 2.19 -33.20
N SER B 100 44.86 1.12 -33.21
CA SER B 100 45.35 -0.13 -32.65
C SER B 100 46.31 -0.85 -33.59
N ALA B 101 46.52 -0.28 -34.77
CA ALA B 101 47.66 -0.66 -35.64
C ALA B 101 49.03 -0.09 -35.16
N GLU B 102 48.95 0.79 -34.16
CA GLU B 102 50.09 1.45 -33.50
C GLU B 102 51.05 2.17 -34.41
N PRO B 103 50.59 3.28 -35.00
CA PRO B 103 51.55 3.92 -35.85
C PRO B 103 51.71 5.44 -35.82
N GLY B 104 52.98 5.81 -35.72
CA GLY B 104 53.39 7.20 -35.78
C GLY B 104 54.76 7.43 -35.18
N PRO B 105 55.07 8.70 -34.95
CA PRO B 105 54.28 9.87 -35.40
C PRO B 105 54.39 10.14 -36.91
N ASN B 106 55.52 9.76 -37.50
CA ASN B 106 55.81 9.96 -38.93
C ASN B 106 55.56 8.66 -39.71
N ASP B 107 54.28 8.32 -39.76
CA ASP B 107 53.82 7.12 -40.48
C ASP B 107 52.64 7.42 -41.34
N GLU B 108 52.83 7.06 -42.59
CA GLU B 108 51.92 7.38 -43.63
C GLU B 108 51.22 6.05 -43.81
N ILE B 109 49.91 6.05 -43.49
CA ILE B 109 49.10 4.82 -43.51
C ILE B 109 48.41 4.66 -44.87
N CYS B 110 48.81 3.55 -45.52
CA CYS B 110 48.23 3.04 -46.76
C CYS B 110 47.44 1.77 -46.45
N ALA B 111 46.18 1.78 -46.81
CA ALA B 111 45.24 0.80 -46.28
C ALA B 111 44.49 0.22 -47.33
N VAL B 112 44.27 -1.05 -47.06
CA VAL B 112 43.31 -1.77 -47.79
C VAL B 112 42.18 -2.20 -46.89
N ILE B 113 41.05 -1.72 -47.33
CA ILE B 113 39.86 -2.20 -46.85
C ILE B 113 39.15 -3.14 -47.85
N GLY B 114 38.65 -4.22 -47.26
CA GLY B 114 37.64 -5.06 -47.91
C GLY B 114 36.24 -4.54 -47.67
N VAL B 115 35.45 -4.60 -48.69
CA VAL B 115 33.97 -4.59 -48.45
C VAL B 115 33.23 -5.84 -48.97
N PRO B 116 31.93 -5.96 -48.75
CA PRO B 116 31.12 -6.82 -49.58
C PRO B 116 31.27 -6.51 -50.99
N ALA B 117 31.44 -7.57 -51.77
CA ALA B 117 31.49 -7.52 -53.22
C ALA B 117 30.16 -7.02 -53.63
N ARG B 118 30.15 -6.11 -54.58
CA ARG B 118 28.89 -5.51 -55.06
C ARG B 118 28.21 -4.67 -53.94
N ALA B 119 29.05 -3.98 -53.17
CA ALA B 119 28.62 -2.85 -52.34
C ALA B 119 28.70 -1.64 -53.24
N SER B 120 27.71 -0.75 -53.13
CA SER B 120 27.51 0.32 -54.12
C SER B 120 28.65 1.29 -54.11
N ALA B 121 28.78 2.04 -55.20
CA ALA B 121 29.80 3.08 -55.29
C ALA B 121 29.65 4.08 -54.17
N ALA B 122 28.41 4.45 -53.87
CA ALA B 122 28.14 5.28 -52.68
C ALA B 122 28.84 4.77 -51.39
N ASN B 123 28.72 3.49 -51.13
CA ASN B 123 29.26 2.93 -49.91
C ASN B 123 30.73 2.76 -49.94
N LYS B 124 31.27 2.44 -51.09
CA LYS B 124 32.69 2.43 -51.23
C LYS B 124 33.21 3.81 -51.04
N ALA B 125 32.45 4.80 -51.46
CA ALA B 125 32.88 6.19 -51.27
C ALA B 125 32.81 6.62 -49.83
N LEU B 126 31.78 6.19 -49.13
CA LEU B 126 31.69 6.53 -47.72
C LEU B 126 32.80 5.95 -46.94
N LEU B 127 33.20 4.73 -47.20
CA LEU B 127 34.37 4.23 -46.53
C LEU B 127 35.58 4.92 -46.91
N LEU B 128 35.66 5.17 -48.18
CA LEU B 128 36.86 5.55 -48.70
C LEU B 128 37.07 6.84 -48.04
N LYS B 129 36.08 7.72 -48.13
CA LYS B 129 36.08 9.05 -47.42
C LYS B 129 36.48 8.90 -45.98
N MET B 130 35.70 8.12 -45.29
CA MET B 130 35.88 7.88 -43.91
C MET B 130 37.21 7.22 -43.50
N ALA B 131 37.89 6.61 -44.45
CA ALA B 131 39.24 6.14 -44.18
C ALA B 131 40.15 7.26 -44.46
N GLN B 132 39.92 8.00 -45.54
CA GLN B 132 40.81 9.13 -45.95
C GLN B 132 40.75 10.30 -44.98
N GLU B 133 39.99 10.08 -43.92
CA GLU B 133 40.01 10.87 -42.70
C GLU B 133 41.01 10.42 -41.69
N VAL B 134 41.50 9.22 -41.82
CA VAL B 134 42.31 8.61 -40.73
C VAL B 134 43.64 8.09 -41.17
N VAL B 135 43.59 7.50 -42.33
CA VAL B 135 44.75 7.10 -43.14
C VAL B 135 44.73 8.01 -44.34
N HIS B 136 45.89 8.15 -44.94
CA HIS B 136 45.99 9.17 -45.98
C HIS B 136 45.55 8.54 -47.28
N THR B 137 45.96 7.28 -47.48
CA THR B 137 45.65 6.58 -48.73
C THR B 137 45.15 5.21 -48.51
N ALA B 138 44.01 4.94 -49.14
CA ALA B 138 43.07 3.90 -48.73
C ALA B 138 42.49 3.29 -49.94
N LEU B 139 42.20 2.00 -49.82
CA LEU B 139 41.82 1.21 -51.00
C LEU B 139 40.79 0.20 -50.68
N VAL B 140 39.72 0.26 -51.45
CA VAL B 140 38.56 -0.52 -51.09
C VAL B 140 38.25 -1.58 -52.12
N VAL B 141 38.45 -2.84 -51.77
CA VAL B 141 38.25 -3.91 -52.74
C VAL B 141 37.21 -4.92 -52.25
N SER B 142 36.77 -5.82 -53.13
CA SER B 142 35.97 -6.95 -52.63
C SER B 142 36.59 -7.90 -51.62
N GLU B 143 35.98 -8.11 -50.47
CA GLU B 143 36.51 -9.09 -49.54
C GLU B 143 36.81 -10.42 -50.24
N PRO B 144 35.83 -11.02 -50.85
CA PRO B 144 36.15 -12.29 -51.41
C PRO B 144 37.36 -12.31 -52.35
N PHE B 145 37.55 -11.26 -53.07
CA PHE B 145 38.70 -11.24 -53.96
C PHE B 145 39.95 -11.17 -53.20
N MET B 146 39.99 -10.29 -52.21
CA MET B 146 41.22 -10.08 -51.48
C MET B 146 41.38 -11.43 -50.63
N VAL B 147 40.37 -12.17 -50.26
CA VAL B 147 40.64 -13.53 -49.84
C VAL B 147 41.37 -14.39 -50.81
N GLY B 148 40.78 -14.45 -51.97
CA GLY B 148 41.30 -15.25 -53.03
C GLY B 148 42.74 -14.86 -53.26
N TYR B 149 43.01 -13.57 -53.23
CA TYR B 149 44.35 -13.06 -53.50
C TYR B 149 45.29 -13.45 -52.40
N GLY B 150 44.69 -13.67 -51.25
CA GLY B 150 45.33 -14.25 -50.10
C GLY B 150 45.75 -15.71 -50.19
N LEU B 151 45.36 -16.38 -51.23
CA LEU B 151 45.67 -17.80 -51.40
C LEU B 151 46.19 -18.12 -52.80
N ASP B 152 46.57 -17.07 -53.50
CA ASP B 152 46.95 -17.22 -54.93
C ASP B 152 45.85 -17.84 -55.86
N LYS B 153 44.65 -17.93 -55.36
CA LYS B 153 43.58 -18.44 -56.13
C LYS B 153 42.94 -17.24 -56.74
N LEU B 154 43.47 -16.86 -57.86
CA LEU B 154 42.87 -15.82 -58.59
C LEU B 154 42.41 -16.21 -59.94
N ILE B 155 42.16 -17.50 -60.12
CA ILE B 155 41.93 -18.05 -61.48
C ILE B 155 41.09 -19.28 -61.45
N ASN B 156 39.98 -19.19 -62.15
CA ASN B 156 39.08 -20.33 -62.26
C ASN B 156 38.70 -20.86 -60.91
N THR B 157 38.23 -19.94 -60.12
CA THR B 157 38.02 -20.12 -58.70
C THR B 157 36.70 -19.50 -58.32
N ILE B 158 36.00 -20.12 -57.45
CA ILE B 158 35.01 -19.36 -56.83
C ILE B 158 35.43 -19.22 -55.43
N ILE B 159 35.24 -18.09 -54.89
CA ILE B 159 35.12 -18.01 -53.46
C ILE B 159 33.73 -17.83 -52.95
N VAL B 160 33.47 -18.31 -51.81
CA VAL B 160 32.30 -17.94 -51.19
C VAL B 160 32.61 -17.48 -49.85
N ASP B 161 32.88 -16.19 -49.71
CA ASP B 161 32.94 -15.72 -48.38
C ASP B 161 31.55 -15.85 -47.69
N ILE B 162 31.28 -16.82 -46.89
CA ILE B 162 30.11 -16.57 -46.13
C ILE B 162 30.53 -15.88 -44.96
N GLY B 163 29.92 -14.76 -44.70
CA GLY B 163 30.21 -14.03 -43.47
C GLY B 163 29.00 -13.97 -42.59
N ALA B 164 28.92 -12.84 -41.86
CA ALA B 164 27.77 -12.43 -41.02
C ALA B 164 26.73 -11.71 -41.75
N GLY B 165 27.15 -10.69 -42.44
CA GLY B 165 26.20 -9.85 -43.02
C GLY B 165 25.77 -10.26 -44.39
N THR B 166 26.68 -10.96 -45.00
CA THR B 166 26.71 -11.07 -46.41
C THR B 166 27.46 -12.24 -46.80
N THR B 167 26.97 -12.91 -47.74
CA THR B 167 27.73 -13.96 -48.19
C THR B 167 28.13 -13.37 -49.44
N ASP B 168 29.33 -13.42 -49.78
CA ASP B 168 29.74 -12.88 -51.03
C ASP B 168 30.31 -13.94 -51.82
N ILE B 169 30.29 -13.86 -53.06
CA ILE B 169 30.65 -14.97 -53.77
C ILE B 169 31.17 -14.46 -54.97
N CYS B 170 32.26 -14.90 -55.34
CA CYS B 170 32.95 -14.12 -56.22
C CYS B 170 33.73 -15.02 -57.12
N ALA B 171 33.43 -15.00 -58.37
CA ALA B 171 34.23 -15.80 -59.28
C ALA B 171 35.47 -15.03 -59.51
N LEU B 172 36.57 -15.74 -59.46
CA LEU B 172 37.84 -15.16 -59.74
C LEU B 172 38.18 -15.48 -61.11
N LYS B 173 37.44 -14.78 -61.95
CA LYS B 173 37.41 -15.15 -63.32
C LYS B 173 38.65 -14.57 -63.89
N GLY B 174 39.70 -15.32 -63.62
CA GLY B 174 41.00 -14.76 -63.67
C GLY B 174 40.89 -13.44 -62.98
N THR B 175 41.57 -12.45 -63.49
CA THR B 175 42.13 -11.54 -62.55
C THR B 175 41.36 -10.31 -62.34
N VAL B 176 40.79 -9.87 -63.40
CA VAL B 176 39.99 -8.72 -63.22
C VAL B 176 38.94 -9.06 -62.07
N PRO B 177 38.98 -8.41 -60.88
CA PRO B 177 37.94 -8.83 -59.80
C PRO B 177 36.62 -8.22 -60.16
N GLY B 178 35.58 -8.98 -60.22
CA GLY B 178 34.49 -8.59 -61.21
C GLY B 178 33.50 -7.54 -60.72
N PRO B 179 32.35 -7.27 -61.45
CA PRO B 179 31.06 -6.83 -60.86
C PRO B 179 29.82 -7.47 -61.45
N GLU B 180 29.99 -8.38 -62.43
CA GLU B 180 29.00 -9.46 -62.74
C GLU B 180 29.47 -10.86 -62.30
N ASP B 181 30.75 -10.94 -61.95
CA ASP B 181 31.35 -12.10 -61.35
C ASP B 181 31.31 -12.02 -59.88
N GLN B 182 30.79 -11.00 -59.30
CA GLN B 182 30.48 -11.03 -57.92
C GLN B 182 29.07 -11.29 -57.67
N VAL B 183 28.71 -11.55 -56.45
CA VAL B 183 27.35 -11.76 -56.04
C VAL B 183 27.39 -11.54 -54.59
N THR B 184 26.32 -11.09 -54.03
CA THR B 184 26.22 -11.02 -52.59
C THR B 184 24.86 -11.49 -52.26
N LEU B 185 24.74 -12.26 -51.24
CA LEU B 185 23.46 -12.50 -50.69
C LEU B 185 23.39 -11.83 -49.33
N THR B 186 22.18 -11.53 -48.94
CA THR B 186 21.94 -11.01 -47.61
C THR B 186 21.79 -12.16 -46.64
N LYS B 187 21.21 -13.25 -47.09
CA LYS B 187 21.22 -14.42 -46.24
C LYS B 187 22.65 -14.81 -45.92
N ALA B 188 23.07 -14.43 -44.74
CA ALA B 188 24.33 -14.88 -44.23
C ALA B 188 24.25 -15.13 -42.78
N GLY B 189 25.35 -15.36 -42.14
CA GLY B 189 25.32 -15.63 -40.71
C GLY B 189 24.15 -15.07 -39.93
N ASN B 190 24.09 -13.79 -39.93
CA ASN B 190 23.12 -13.17 -39.11
C ASN B 190 21.81 -13.72 -39.41
N TYR B 191 21.45 -13.85 -40.66
CA TYR B 191 20.15 -14.44 -41.03
C TYR B 191 20.00 -15.86 -40.61
N VAL B 192 21.07 -16.61 -40.51
CA VAL B 192 20.96 -17.90 -39.84
C VAL B 192 20.53 -17.77 -38.42
N ASP B 193 21.08 -16.86 -37.70
CA ASP B 193 20.65 -16.71 -36.32
C ASP B 193 19.25 -16.30 -36.24
N GLU B 194 18.85 -15.24 -36.89
CA GLU B 194 17.48 -14.79 -36.81
C GLU B 194 16.69 -15.95 -37.05
N ARG B 195 17.09 -16.77 -37.97
CA ARG B 195 16.25 -17.92 -38.27
C ARG B 195 16.25 -18.96 -37.20
N LEU B 196 17.43 -19.31 -36.82
CA LEU B 196 17.62 -20.27 -35.81
C LEU B 196 16.76 -19.98 -34.65
N GLN B 197 16.91 -18.81 -34.13
CA GLN B 197 16.05 -18.33 -33.12
C GLN B 197 14.67 -18.61 -33.47
N ASN B 198 14.18 -18.20 -34.57
CA ASN B 198 12.83 -18.60 -34.83
C ASN B 198 12.54 -20.08 -34.86
N ALA B 199 13.52 -20.83 -35.24
CA ALA B 199 13.41 -22.28 -35.20
C ALA B 199 13.44 -22.80 -33.77
N ILE B 200 14.11 -22.15 -32.85
CA ILE B 200 14.05 -22.65 -31.53
C ILE B 200 12.79 -22.13 -30.93
N LEU B 201 12.56 -20.85 -30.90
CA LEU B 201 11.30 -20.38 -30.37
C LEU B 201 10.06 -21.02 -30.96
N GLU B 202 10.17 -21.69 -32.09
CA GLU B 202 9.05 -22.42 -32.63
C GLU B 202 8.71 -23.61 -31.80
N ARG B 203 9.72 -24.24 -31.21
CA ARG B 203 9.54 -25.56 -30.59
C ARG B 203 9.61 -25.62 -29.07
N HIS B 204 10.18 -24.58 -28.51
CA HIS B 204 10.30 -24.46 -27.04
C HIS B 204 9.83 -23.05 -26.84
N PRO B 205 8.60 -22.82 -27.30
CA PRO B 205 8.02 -21.52 -27.27
C PRO B 205 8.13 -20.80 -25.92
N GLU B 206 8.35 -21.53 -24.84
CA GLU B 206 8.63 -20.93 -23.57
C GLU B 206 10.00 -20.23 -23.48
N LEU B 207 10.94 -20.58 -24.35
CA LEU B 207 12.25 -20.02 -24.22
C LEU B 207 12.30 -18.53 -24.40
N GLN B 208 13.24 -17.90 -23.73
CA GLN B 208 13.75 -16.62 -24.21
C GLN B 208 14.91 -16.98 -25.11
N MET B 209 14.84 -16.45 -26.31
CA MET B 209 16.05 -16.14 -27.09
C MET B 209 16.00 -14.77 -27.59
N ASN B 210 17.07 -14.05 -27.29
CA ASN B 210 17.42 -13.04 -28.20
C ASN B 210 18.27 -13.68 -29.29
N VAL B 211 18.58 -12.91 -30.31
CA VAL B 211 19.48 -13.36 -31.33
C VAL B 211 20.84 -13.55 -30.81
N ASN B 212 21.29 -12.74 -29.87
CA ASN B 212 22.64 -12.96 -29.34
C ASN B 212 22.82 -14.29 -28.66
N VAL B 213 21.77 -14.89 -28.18
CA VAL B 213 21.75 -16.28 -27.73
C VAL B 213 21.94 -17.17 -28.91
N ALA B 214 21.02 -17.13 -29.85
CA ALA B 214 21.01 -18.15 -30.91
C ALA B 214 22.28 -17.91 -31.61
N CYS B 215 22.73 -16.70 -31.77
CA CYS B 215 24.05 -16.50 -32.32
C CYS B 215 24.98 -17.48 -31.80
N ALA B 216 24.94 -17.61 -30.50
CA ALA B 216 25.80 -18.55 -29.77
C ALA B 216 25.38 -19.98 -29.86
N VAL B 217 24.16 -20.30 -29.70
CA VAL B 217 23.90 -21.59 -30.19
C VAL B 217 24.49 -21.89 -31.54
N LYS B 218 24.31 -21.09 -32.51
CA LYS B 218 24.85 -21.40 -33.80
C LYS B 218 26.32 -21.51 -33.73
N GLU B 219 27.05 -20.52 -33.30
CA GLU B 219 28.50 -20.69 -33.29
C GLU B 219 28.88 -22.05 -32.74
N GLN B 220 28.28 -22.43 -31.64
CA GLN B 220 28.64 -23.68 -30.98
C GLN B 220 28.20 -25.02 -31.61
N PHE B 221 27.19 -25.06 -32.44
CA PHE B 221 26.57 -26.33 -32.91
C PHE B 221 26.15 -26.37 -34.33
N SER B 222 26.35 -25.29 -35.02
CA SER B 222 25.99 -25.14 -36.45
C SER B 222 26.45 -26.28 -37.19
N PHE B 223 25.66 -26.87 -37.99
CA PHE B 223 26.32 -27.77 -38.94
C PHE B 223 25.54 -27.85 -40.17
N VAL B 224 25.88 -28.67 -41.15
CA VAL B 224 24.78 -29.11 -42.04
C VAL B 224 24.84 -30.57 -42.30
N GLY B 225 23.71 -31.06 -42.80
CA GLY B 225 23.60 -32.44 -43.31
C GLY B 225 23.22 -33.45 -42.25
N THR B 226 24.14 -34.38 -42.01
CA THR B 226 23.97 -35.30 -40.88
C THR B 226 24.28 -34.59 -39.55
N PRO B 227 23.39 -34.77 -38.55
CA PRO B 227 23.76 -34.34 -37.23
C PRO B 227 24.79 -35.27 -36.59
N THR B 228 26.01 -34.77 -36.47
CA THR B 228 27.13 -35.57 -36.00
C THR B 228 27.14 -35.77 -34.50
N GLU B 229 26.30 -35.02 -33.78
CA GLU B 229 26.21 -35.14 -32.33
C GLU B 229 24.90 -34.58 -31.77
N VAL B 230 24.82 -34.46 -30.46
CA VAL B 230 23.64 -33.96 -29.78
C VAL B 230 23.87 -32.49 -29.50
N ALA B 231 22.96 -31.66 -29.98
CA ALA B 231 23.09 -30.21 -29.78
C ALA B 231 22.27 -29.79 -28.57
N SER B 232 22.82 -29.95 -27.40
CA SER B 232 22.09 -29.61 -26.19
C SER B 232 22.64 -28.29 -25.60
N PHE B 233 21.72 -27.40 -25.31
CA PHE B 233 22.10 -26.05 -24.87
C PHE B 233 21.27 -25.50 -23.77
N GLU B 234 21.89 -24.69 -22.91
CA GLU B 234 21.21 -24.21 -21.69
C GLU B 234 20.53 -22.89 -21.95
N PHE B 235 19.25 -22.94 -22.25
CA PHE B 235 18.48 -21.76 -22.51
C PHE B 235 17.77 -21.34 -21.30
N ARG B 236 17.06 -20.21 -21.36
CA ARG B 236 16.22 -19.81 -20.19
C ARG B 236 14.78 -19.84 -20.52
N ALA B 237 13.94 -20.13 -19.56
CA ALA B 237 12.50 -20.05 -19.82
C ALA B 237 11.79 -19.41 -18.65
N ALA B 238 11.22 -18.23 -18.88
CA ALA B 238 10.70 -17.44 -17.76
C ALA B 238 11.80 -17.25 -16.69
N GLY B 239 13.03 -17.19 -17.16
CA GLY B 239 14.17 -17.08 -16.27
C GLY B 239 14.78 -18.37 -15.80
N LYS B 240 14.04 -19.45 -15.92
CA LYS B 240 14.43 -20.73 -15.36
C LYS B 240 15.35 -21.43 -16.26
N PRO B 241 16.49 -21.94 -15.77
CA PRO B 241 17.33 -22.70 -16.70
C PRO B 241 16.66 -23.95 -17.15
N VAL B 242 16.87 -24.16 -18.44
CA VAL B 242 16.28 -25.24 -19.20
C VAL B 242 17.41 -25.68 -20.08
N ARG B 243 17.76 -26.96 -20.05
CA ARG B 243 18.59 -27.50 -21.11
C ARG B 243 17.61 -28.00 -22.18
N ALA B 244 17.94 -27.72 -23.46
CA ALA B 244 17.10 -28.18 -24.60
C ALA B 244 17.97 -28.58 -25.81
N ASP B 245 17.34 -29.45 -26.59
CA ASP B 245 17.93 -29.99 -27.78
C ASP B 245 17.60 -29.11 -28.98
N VAL B 246 18.65 -28.60 -29.57
CA VAL B 246 18.52 -27.73 -30.70
C VAL B 246 19.07 -28.32 -31.96
N THR B 247 19.09 -29.63 -32.05
CA THR B 247 19.76 -30.24 -33.18
C THR B 247 18.94 -29.94 -34.36
N GLU B 248 17.64 -30.14 -34.26
CA GLU B 248 16.86 -29.87 -35.41
C GLU B 248 16.70 -28.35 -35.78
N PRO B 249 16.56 -27.47 -34.79
CA PRO B 249 16.68 -26.04 -35.15
C PRO B 249 17.92 -25.78 -35.82
N VAL B 250 19.02 -26.15 -35.27
CA VAL B 250 20.18 -25.80 -35.92
C VAL B 250 20.39 -26.36 -37.34
N LYS B 251 19.96 -27.58 -37.56
CA LYS B 251 20.04 -28.18 -38.92
C LYS B 251 19.33 -27.22 -39.75
N ILE B 252 18.03 -27.03 -39.47
CA ILE B 252 17.23 -26.14 -40.29
C ILE B 252 17.83 -24.82 -40.61
N ALA B 253 18.40 -24.19 -39.62
CA ALA B 253 18.92 -22.89 -39.72
C ALA B 253 20.04 -22.89 -40.61
N CYS B 254 21.00 -23.77 -40.49
CA CYS B 254 22.23 -23.49 -41.26
C CYS B 254 22.13 -23.96 -42.70
N GLU B 255 21.38 -25.03 -42.92
CA GLU B 255 20.92 -25.38 -44.26
C GLU B 255 19.78 -24.47 -44.71
N ALA B 256 19.79 -23.23 -44.29
CA ALA B 256 18.95 -22.22 -44.93
C ALA B 256 19.84 -21.21 -45.54
N LEU B 257 21.09 -21.17 -45.15
CA LEU B 257 22.04 -20.49 -46.01
C LEU B 257 22.14 -21.12 -47.35
N MET B 258 22.25 -22.45 -47.37
CA MET B 258 22.96 -23.07 -48.48
C MET B 258 22.35 -23.07 -49.85
N PRO B 259 21.07 -23.19 -49.94
CA PRO B 259 20.39 -22.99 -51.19
C PRO B 259 20.83 -21.82 -51.99
N ASP B 260 20.88 -20.65 -51.38
CA ASP B 260 21.23 -19.45 -52.16
C ASP B 260 22.68 -19.44 -52.62
N ILE B 261 23.56 -19.93 -51.76
CA ILE B 261 24.95 -20.07 -52.11
C ILE B 261 25.18 -20.96 -53.21
N ILE B 262 24.57 -22.10 -53.13
CA ILE B 262 24.67 -23.09 -54.19
C ILE B 262 24.15 -22.63 -55.45
N GLU B 263 22.94 -22.10 -55.45
CA GLU B 263 22.40 -21.56 -56.65
C GLU B 263 23.35 -20.45 -57.15
N SER B 264 23.88 -19.64 -56.27
CA SER B 264 24.72 -18.62 -56.82
C SER B 264 26.12 -19.10 -57.22
N ILE B 265 26.64 -20.17 -56.68
CA ILE B 265 27.78 -20.74 -57.34
C ILE B 265 27.40 -21.26 -58.69
N GLU B 266 26.44 -22.09 -58.72
CA GLU B 266 26.00 -22.60 -59.99
C GLU B 266 25.93 -21.46 -60.96
N THR B 267 25.37 -20.39 -60.51
CA THR B 267 25.28 -19.26 -61.41
C THR B 267 26.62 -18.66 -61.90
N LEU B 268 27.61 -18.54 -61.01
CA LEU B 268 28.94 -18.14 -61.42
C LEU B 268 29.65 -19.11 -62.24
N LEU B 269 29.34 -20.34 -62.00
CA LEU B 269 30.04 -21.37 -62.65
C LEU B 269 29.73 -21.33 -64.06
N ARG B 270 28.44 -21.17 -64.33
CA ARG B 270 28.01 -21.15 -65.71
C ARG B 270 28.41 -19.86 -66.44
N SER B 271 29.10 -19.00 -65.71
CA SER B 271 29.67 -17.80 -66.29
C SER B 271 31.01 -18.02 -66.84
N PHE B 272 31.75 -18.90 -66.22
CA PHE B 272 33.04 -19.23 -66.78
C PHE B 272 33.02 -19.92 -68.12
N GLN B 273 34.15 -19.88 -68.81
CA GLN B 273 34.19 -20.51 -70.13
C GLN B 273 34.13 -21.99 -69.97
N PRO B 274 33.45 -22.68 -70.88
CA PRO B 274 33.18 -24.08 -70.62
C PRO B 274 34.30 -24.89 -70.47
N GLU B 275 35.29 -24.62 -71.24
CA GLU B 275 36.51 -25.36 -71.03
C GLU B 275 37.08 -25.47 -69.58
N TYR B 276 36.71 -24.51 -68.77
CA TYR B 276 37.20 -24.37 -67.41
C TYR B 276 36.28 -24.64 -66.33
N GLN B 277 35.06 -24.90 -66.62
CA GLN B 277 34.20 -25.07 -65.51
C GLN B 277 34.51 -26.24 -64.63
N ALA B 278 34.97 -27.33 -65.25
CA ALA B 278 35.42 -28.52 -64.49
C ALA B 278 36.45 -28.14 -63.47
N THR B 279 37.36 -27.38 -63.98
CA THR B 279 38.41 -26.89 -63.21
C THR B 279 37.95 -25.93 -62.14
N VAL B 280 36.94 -25.13 -62.44
CA VAL B 280 36.45 -24.24 -61.41
C VAL B 280 35.97 -24.99 -60.27
N LEU B 281 35.15 -25.97 -60.54
CA LEU B 281 34.60 -26.67 -59.45
C LEU B 281 35.56 -27.24 -58.48
N GLN B 282 36.71 -27.66 -58.96
CA GLN B 282 37.78 -28.12 -58.09
C GLN B 282 38.54 -26.97 -57.36
N ASN B 283 38.06 -25.78 -57.55
CA ASN B 283 38.51 -24.67 -56.80
C ASN B 283 37.58 -23.84 -55.90
N ILE B 284 36.37 -24.34 -55.65
CA ILE B 284 35.41 -23.58 -54.82
C ILE B 284 35.91 -23.48 -53.43
N VAL B 285 35.92 -22.27 -52.95
CA VAL B 285 36.40 -21.95 -51.59
C VAL B 285 35.25 -21.44 -50.68
N PHE B 286 35.35 -21.65 -49.40
CA PHE B 286 34.52 -20.96 -48.47
C PHE B 286 35.45 -20.21 -47.66
N ALA B 287 35.36 -18.93 -47.61
CA ALA B 287 36.02 -18.22 -46.59
C ALA B 287 35.06 -17.66 -45.61
N GLY B 288 35.61 -16.98 -44.64
CA GLY B 288 34.77 -16.28 -43.61
C GLY B 288 33.97 -17.12 -42.62
N GLY B 289 33.41 -16.45 -41.65
CA GLY B 289 32.90 -17.08 -40.50
C GLY B 289 32.13 -18.26 -40.92
N GLY B 290 31.07 -17.99 -41.68
CA GLY B 290 30.03 -19.04 -42.12
C GLY B 290 30.73 -20.29 -42.70
N SER B 291 31.87 -20.11 -43.37
CA SER B 291 32.71 -21.22 -43.69
C SER B 291 33.16 -22.11 -42.45
N ARG B 292 32.86 -21.74 -41.25
CA ARG B 292 33.17 -22.61 -40.15
C ARG B 292 32.05 -23.55 -39.82
N ILE B 293 30.95 -23.46 -40.50
CA ILE B 293 29.89 -24.43 -40.28
C ILE B 293 30.42 -25.90 -40.37
N ARG B 294 30.04 -26.77 -39.43
CA ARG B 294 30.50 -28.15 -39.54
C ARG B 294 29.81 -28.86 -40.69
N GLY B 295 30.63 -29.60 -41.42
CA GLY B 295 30.13 -30.43 -42.51
C GLY B 295 29.80 -29.64 -43.76
N LEU B 296 30.27 -28.41 -43.82
CA LEU B 296 29.79 -27.50 -44.89
C LEU B 296 30.30 -28.05 -46.13
N ALA B 297 31.60 -28.26 -46.07
CA ALA B 297 32.32 -28.70 -47.21
C ALA B 297 31.57 -29.78 -47.95
N ALA B 298 31.35 -30.80 -47.20
CA ALA B 298 30.82 -31.99 -47.73
C ALA B 298 29.34 -31.84 -48.15
N TYR B 299 28.61 -30.97 -47.47
CA TYR B 299 27.27 -30.71 -47.88
C TYR B 299 27.21 -30.03 -49.23
N VAL B 300 28.12 -29.11 -49.47
CA VAL B 300 28.22 -28.45 -50.78
C VAL B 300 28.55 -29.48 -51.82
N LYS B 301 29.65 -30.19 -51.60
CA LYS B 301 30.05 -31.26 -52.58
C LYS B 301 28.86 -31.93 -53.06
N GLU B 302 28.09 -32.42 -52.12
CA GLU B 302 26.89 -33.13 -52.46
C GLU B 302 25.88 -32.28 -53.24
N LYS B 303 25.79 -31.01 -52.91
CA LYS B 303 24.85 -30.14 -53.62
C LYS B 303 25.26 -29.88 -55.03
N LEU B 304 26.53 -30.01 -55.27
CA LEU B 304 27.09 -29.69 -56.56
C LEU B 304 27.35 -30.89 -57.42
N ARG B 305 26.98 -32.08 -57.03
CA ARG B 305 27.26 -33.27 -57.89
C ARG B 305 26.71 -33.12 -59.31
N PRO B 306 25.55 -32.46 -59.44
CA PRO B 306 25.04 -32.12 -60.76
C PRO B 306 25.96 -31.33 -61.68
N PHE B 307 26.94 -30.66 -61.14
CA PHE B 307 27.91 -29.98 -61.93
C PHE B 307 29.19 -30.71 -62.04
N GLY B 308 29.39 -31.72 -61.26
CA GLY B 308 30.63 -32.46 -61.31
C GLY B 308 31.21 -32.70 -59.97
N ASP B 309 32.44 -33.19 -60.02
CA ASP B 309 33.14 -33.43 -58.79
C ASP B 309 33.71 -32.11 -58.34
N ALA B 310 33.00 -31.55 -57.38
CA ALA B 310 33.46 -30.38 -56.71
C ALA B 310 34.45 -30.81 -55.68
N ASN B 311 35.48 -30.01 -55.52
CA ASN B 311 36.36 -30.16 -54.40
C ASN B 311 36.24 -28.85 -53.68
N VAL B 312 35.46 -28.87 -52.62
CA VAL B 312 35.23 -27.65 -51.87
C VAL B 312 36.09 -27.56 -50.63
N THR B 313 36.70 -26.44 -50.45
CA THR B 313 37.53 -26.26 -49.30
C THR B 313 37.11 -25.06 -48.53
N CYS B 314 37.30 -25.16 -47.24
CA CYS B 314 36.99 -24.08 -46.37
C CYS B 314 38.32 -23.65 -45.90
N VAL B 315 38.64 -22.39 -46.06
CA VAL B 315 40.00 -21.91 -45.75
C VAL B 315 40.56 -22.29 -44.38
N LYS B 316 41.88 -22.17 -44.23
CA LYS B 316 42.59 -22.61 -43.03
C LYS B 316 42.22 -21.85 -41.73
N ASP B 317 42.22 -20.53 -41.81
CA ASP B 317 41.94 -19.64 -40.66
C ASP B 317 41.02 -18.54 -41.12
N PRO B 318 39.70 -18.79 -41.00
CA PRO B 318 38.74 -17.87 -41.56
C PRO B 318 38.85 -16.49 -40.99
N THR B 319 39.51 -16.37 -39.85
CA THR B 319 39.60 -15.12 -39.16
C THR B 319 40.32 -14.04 -39.89
N PHE B 320 41.42 -14.36 -40.53
CA PHE B 320 42.17 -13.33 -41.16
C PHE B 320 42.30 -13.33 -42.68
N ASP B 321 41.86 -14.38 -43.34
CA ASP B 321 42.20 -14.53 -44.77
C ASP B 321 41.83 -13.32 -45.55
N GLY B 322 40.70 -12.77 -45.16
CA GLY B 322 40.28 -11.44 -45.58
C GLY B 322 41.47 -10.52 -45.52
N CYS B 323 41.82 -10.09 -44.34
CA CYS B 323 42.84 -9.02 -44.31
C CYS B 323 44.14 -9.53 -44.84
N ARG B 324 44.44 -10.77 -44.54
CA ARG B 324 45.74 -11.32 -44.91
C ARG B 324 46.03 -10.88 -46.31
N GLY B 325 45.00 -11.11 -47.11
CA GLY B 325 44.97 -10.73 -48.49
C GLY B 325 45.18 -9.24 -48.61
N ALA B 326 44.18 -8.46 -48.31
CA ALA B 326 44.37 -7.04 -48.42
C ALA B 326 45.82 -6.66 -48.18
N LEU B 327 46.41 -7.26 -47.17
CA LEU B 327 47.70 -6.84 -46.74
C LEU B 327 48.69 -7.04 -47.82
N ARG B 328 48.84 -8.32 -48.12
CA ARG B 328 49.68 -8.78 -49.23
C ARG B 328 49.48 -7.94 -50.42
N LEU B 329 48.23 -7.67 -50.70
CA LEU B 329 47.81 -6.82 -51.77
C LEU B 329 48.49 -5.48 -51.73
N ALA B 330 48.45 -4.82 -50.60
CA ALA B 330 49.11 -3.54 -50.62
C ALA B 330 50.52 -3.63 -50.03
N GLU B 331 51.04 -4.84 -49.88
CA GLU B 331 52.49 -5.00 -49.91
C GLU B 331 53.03 -4.88 -51.34
N GLU B 332 52.21 -4.80 -52.39
CA GLU B 332 52.74 -5.11 -53.69
C GLU B 332 52.59 -4.17 -54.88
N LEU B 333 52.36 -2.85 -54.71
CA LEU B 333 52.02 -1.96 -55.91
C LEU B 333 52.43 -0.39 -55.75
N PRO B 334 51.77 0.60 -56.49
CA PRO B 334 51.57 2.10 -56.07
C PRO B 334 50.88 2.49 -54.69
N ASN C 10 -0.95 43.78 40.73
CA ASN C 10 -0.07 42.61 41.14
C ASN C 10 -0.81 41.30 41.24
N ARG C 11 -0.06 40.22 41.12
CA ARG C 11 -0.65 38.88 41.10
C ARG C 11 -0.03 37.98 42.16
N LEU C 12 -0.91 37.19 42.73
CA LEU C 12 -0.57 36.25 43.79
C LEU C 12 -1.18 34.95 43.41
N PHE C 13 -0.38 33.90 43.34
CA PHE C 13 -0.99 32.62 43.14
C PHE C 13 -0.92 31.67 44.33
N LEU C 14 -1.99 30.86 44.35
CA LEU C 14 -2.30 29.85 45.34
C LEU C 14 -2.38 28.39 44.90
N GLY C 15 -1.64 27.61 45.70
CA GLY C 15 -1.87 26.20 45.94
C GLY C 15 -2.74 26.01 47.21
N VAL C 16 -3.86 25.40 46.91
CA VAL C 16 -4.90 25.07 47.82
C VAL C 16 -5.09 23.59 47.43
N ASP C 17 -4.75 22.74 48.38
CA ASP C 17 -5.06 21.33 48.28
C ASP C 17 -6.17 21.43 49.30
N LEU C 18 -7.38 21.24 48.82
CA LEU C 18 -8.56 21.53 49.62
C LEU C 18 -9.07 20.20 49.94
N GLY C 19 -8.54 19.69 51.01
CA GLY C 19 -8.75 18.28 51.39
C GLY C 19 -9.89 18.16 52.37
N THR C 20 -10.34 16.94 52.53
CA THR C 20 -11.58 16.72 53.24
C THR C 20 -11.33 16.73 54.68
N SER C 21 -10.10 16.72 55.02
CA SER C 21 -9.85 16.83 56.37
C SER C 21 -8.88 17.89 56.59
N HIS C 22 -7.92 18.07 55.69
CA HIS C 22 -6.95 19.12 55.93
C HIS C 22 -6.74 19.89 54.78
N THR C 23 -6.88 21.22 54.90
CA THR C 23 -6.64 22.03 53.74
C THR C 23 -5.34 22.68 53.90
N ALA C 24 -4.51 22.33 52.96
CA ALA C 24 -3.19 22.87 52.96
C ALA C 24 -3.18 24.00 51.96
N VAL C 25 -2.32 24.97 52.20
CA VAL C 25 -2.28 26.02 51.24
C VAL C 25 -0.90 26.58 51.13
N MET C 26 -0.42 26.75 49.88
CA MET C 26 0.82 27.51 49.64
C MET C 26 0.53 28.68 48.82
N SER C 27 1.28 29.72 49.04
CA SER C 27 1.15 30.87 48.17
C SER C 27 2.50 31.17 47.56
N SER C 28 2.43 31.88 46.45
CA SER C 28 3.61 32.35 45.74
C SER C 28 4.53 33.12 46.68
N ARG C 29 3.94 33.85 47.62
CA ARG C 29 4.68 34.70 48.54
C ARG C 29 5.18 33.99 49.81
N GLY C 30 5.04 32.67 49.83
CA GLY C 30 5.74 31.82 50.79
C GLY C 30 4.95 31.47 52.05
N LYS C 31 3.62 31.59 52.01
CA LYS C 31 2.84 30.93 53.08
C LYS C 31 2.85 29.46 52.73
N LYS C 32 3.24 28.65 53.70
CA LYS C 32 2.73 27.31 53.80
C LYS C 32 1.85 27.53 54.96
N PHE C 33 0.62 27.05 54.87
CA PHE C 33 -0.05 26.65 56.07
C PHE C 33 -1.09 25.60 55.73
N LEU C 34 -1.29 24.84 56.81
CA LEU C 34 -2.16 23.76 56.89
C LEU C 34 -3.33 24.18 57.77
N LEU C 35 -4.54 23.73 57.51
CA LEU C 35 -5.56 23.79 58.57
C LEU C 35 -6.59 22.67 58.36
N LYS C 36 -7.33 22.37 59.42
CA LYS C 36 -8.41 21.44 59.29
C LYS C 36 -9.54 22.07 58.44
N SER C 37 -10.09 21.29 57.54
CA SER C 37 -11.09 21.73 56.62
C SER C 37 -12.30 21.62 57.40
N VAL C 38 -12.69 22.62 58.13
CA VAL C 38 -13.80 22.44 59.06
C VAL C 38 -14.17 23.68 59.68
N VAL C 39 -15.43 23.87 59.80
CA VAL C 39 -15.88 25.06 60.34
C VAL C 39 -16.77 24.78 61.47
N GLY C 40 -16.51 25.39 62.58
CA GLY C 40 -17.29 25.28 63.80
C GLY C 40 -18.29 26.38 63.78
N TYR C 41 -19.51 26.07 64.08
CA TYR C 41 -20.46 27.06 64.46
C TYR C 41 -20.83 26.83 65.88
N PRO C 42 -21.01 27.85 66.65
CA PRO C 42 -21.54 27.66 67.95
C PRO C 42 -22.99 27.16 67.91
N LYS C 43 -23.31 26.32 68.88
CA LYS C 43 -24.54 25.53 68.82
C LYS C 43 -25.73 26.31 69.26
N ASP C 44 -25.48 27.27 70.14
CA ASP C 44 -26.55 28.03 70.74
C ASP C 44 -26.03 29.33 71.20
N VAL C 45 -26.85 30.06 71.93
CA VAL C 45 -26.50 31.42 72.28
C VAL C 45 -25.37 31.49 73.27
N ILE C 46 -25.18 30.41 73.98
CA ILE C 46 -24.03 30.27 74.84
C ILE C 46 -22.74 29.87 74.16
N GLY C 47 -22.85 28.97 73.26
CA GLY C 47 -21.72 28.63 72.40
C GLY C 47 -21.18 29.92 71.79
N LEU C 48 -22.08 30.79 71.35
CA LEU C 48 -21.72 31.98 70.63
C LEU C 48 -20.89 32.89 71.49
N LYS C 49 -21.27 32.92 72.73
CA LYS C 49 -20.56 33.59 73.76
C LYS C 49 -19.20 32.99 74.00
N LEU C 50 -19.17 31.70 74.24
CA LEU C 50 -17.86 30.99 74.47
C LEU C 50 -16.87 31.15 73.40
N LEU C 51 -17.38 31.07 72.19
CA LEU C 51 -16.57 31.04 71.00
C LEU C 51 -16.03 32.40 70.62
N GLY C 52 -16.78 33.42 70.98
CA GLY C 52 -16.31 34.80 70.81
C GLY C 52 -16.43 35.31 69.40
N ARG C 53 -16.94 34.48 68.52
CA ARG C 53 -17.15 34.87 67.14
C ARG C 53 -18.21 33.99 66.58
N PRO C 54 -18.79 34.39 65.45
CA PRO C 54 -19.95 33.64 64.95
C PRO C 54 -19.60 32.31 64.31
N TYR C 55 -18.31 32.09 63.96
CA TYR C 55 -17.82 30.78 63.57
C TYR C 55 -16.38 30.66 63.60
N VAL C 56 -15.91 29.49 63.71
CA VAL C 56 -14.51 29.26 63.54
C VAL C 56 -14.15 28.41 62.37
N VAL C 57 -12.90 28.42 61.99
CA VAL C 57 -12.53 27.54 60.95
C VAL C 57 -11.23 26.96 61.26
N GLY C 58 -11.05 25.68 60.99
CA GLY C 58 -9.71 25.06 61.17
C GLY C 58 -9.44 24.54 62.55
N ASP C 59 -8.20 24.56 62.97
CA ASP C 59 -7.90 23.70 64.08
C ASP C 59 -8.52 24.18 65.39
N GLU C 60 -8.70 25.47 65.55
CA GLU C 60 -9.48 25.96 66.68
C GLU C 60 -10.90 25.39 66.73
N ALA C 61 -11.51 25.27 65.60
CA ALA C 61 -12.81 24.63 65.53
C ALA C 61 -12.76 23.20 66.01
N PHE C 62 -11.76 22.47 65.65
CA PHE C 62 -11.72 21.16 66.11
C PHE C 62 -11.26 21.02 67.55
N GLU C 63 -10.60 22.00 68.09
CA GLU C 63 -10.36 22.01 69.54
C GLU C 63 -11.66 22.14 70.28
N MET C 64 -12.45 23.11 69.85
CA MET C 64 -13.71 23.43 70.50
C MET C 64 -14.87 22.60 69.99
N ARG C 65 -14.53 21.38 69.67
CA ARG C 65 -15.38 20.52 68.83
C ARG C 65 -16.53 20.17 69.70
N SER C 66 -16.16 20.15 71.01
CA SER C 66 -17.10 19.94 72.19
C SER C 66 -18.42 20.76 72.04
N TYR C 67 -18.21 22.03 71.84
CA TYR C 67 -19.30 22.86 71.94
C TYR C 67 -19.64 23.64 70.78
N LEU C 68 -19.03 23.25 69.68
CA LEU C 68 -19.42 23.69 68.32
C LEU C 68 -19.98 22.62 67.50
N ASP C 69 -20.78 22.97 66.53
CA ASP C 69 -21.22 22.03 65.58
C ASP C 69 -20.16 22.13 64.50
N ILE C 70 -19.32 21.13 64.38
CA ILE C 70 -18.25 21.23 63.43
C ILE C 70 -18.74 20.66 62.24
N ARG C 71 -18.61 21.35 61.13
CA ARG C 71 -19.12 20.92 59.84
C ARG C 71 -18.06 20.88 58.83
N TYR C 72 -17.78 19.69 58.35
CA TYR C 72 -16.81 19.54 57.35
C TYR C 72 -17.52 19.96 56.13
N PRO C 73 -16.87 20.68 55.31
CA PRO C 73 -17.63 21.17 54.24
C PRO C 73 -17.47 20.30 53.00
N LEU C 74 -16.57 19.32 53.08
CA LEU C 74 -16.23 18.42 51.97
C LEU C 74 -16.21 17.14 52.69
N GLN C 75 -16.99 16.18 52.27
CA GLN C 75 -16.63 14.81 52.52
C GLN C 75 -16.76 14.17 51.17
N ASP C 76 -16.02 13.08 51.05
CA ASP C 76 -15.65 12.53 49.76
C ASP C 76 -14.93 13.58 48.96
N GLY C 77 -14.21 14.40 49.63
CA GLY C 77 -13.52 15.51 48.99
C GLY C 77 -14.31 16.56 48.20
N VAL C 78 -15.07 16.08 47.24
CA VAL C 78 -16.13 16.83 46.63
C VAL C 78 -16.76 17.74 47.61
N LEU C 79 -17.08 18.90 47.13
CA LEU C 79 -17.62 19.94 48.02
C LEU C 79 -19.03 19.78 48.22
N SER C 80 -19.48 19.79 49.45
CA SER C 80 -20.79 19.15 49.75
C SER C 80 -21.99 19.94 49.38
N GLU C 81 -23.00 19.26 48.84
CA GLU C 81 -24.33 19.84 48.91
C GLU C 81 -25.35 18.79 49.33
N ILE C 82 -25.39 18.51 50.61
CA ILE C 82 -26.50 17.84 51.26
C ILE C 82 -27.09 18.81 52.23
N SER C 83 -26.74 20.06 52.08
CA SER C 83 -27.47 21.11 52.78
C SER C 83 -27.24 22.43 52.06
N ASP C 84 -28.20 23.33 52.14
CA ASP C 84 -27.97 24.67 51.61
C ASP C 84 -26.98 25.41 52.55
N ARG C 85 -27.00 25.02 53.81
CA ARG C 85 -25.98 25.45 54.72
C ARG C 85 -24.56 25.09 54.27
N ASP C 86 -24.30 23.87 53.88
CA ASP C 86 -22.92 23.46 53.52
C ASP C 86 -22.27 24.30 52.44
N ILE C 87 -23.06 25.04 51.71
CA ILE C 87 -22.51 26.00 50.80
C ILE C 87 -21.89 27.19 51.55
N GLU C 88 -22.58 27.65 52.58
CA GLU C 88 -22.07 28.74 53.44
C GLU C 88 -20.90 28.31 54.21
N VAL C 89 -20.92 27.07 54.66
CA VAL C 89 -19.77 26.53 55.31
C VAL C 89 -18.68 26.65 54.32
N ALA C 90 -18.78 26.03 53.21
CA ALA C 90 -17.64 26.04 52.33
C ALA C 90 -17.21 27.43 52.04
N ARG C 91 -18.14 28.35 51.91
CA ARG C 91 -17.72 29.75 51.78
C ARG C 91 -16.76 30.13 52.89
N HIS C 92 -17.16 29.91 54.12
CA HIS C 92 -16.32 30.27 55.21
C HIS C 92 -15.02 29.59 55.10
N LEU C 93 -15.01 28.36 54.75
CA LEU C 93 -13.78 27.71 54.82
C LEU C 93 -12.93 28.45 53.84
N LEU C 94 -13.44 28.60 52.65
CA LEU C 94 -12.61 29.04 51.58
C LEU C 94 -12.19 30.46 51.80
N THR C 95 -13.13 31.25 52.28
CA THR C 95 -12.86 32.63 52.66
C THR C 95 -11.69 32.68 53.65
N HIS C 96 -11.75 31.85 54.66
CA HIS C 96 -10.70 31.76 55.60
C HIS C 96 -9.39 31.27 55.02
N VAL C 97 -9.35 30.33 54.13
CA VAL C 97 -8.03 29.93 53.58
C VAL C 97 -7.44 30.96 52.67
N VAL C 98 -8.27 31.67 51.95
CA VAL C 98 -7.74 32.75 51.14
C VAL C 98 -7.24 33.85 52.02
N LYS C 99 -8.07 34.27 52.94
CA LYS C 99 -7.71 35.34 53.88
C LYS C 99 -6.42 35.02 54.67
N SER C 100 -6.23 33.78 55.04
CA SER C 100 -5.01 33.41 55.76
C SER C 100 -3.81 33.24 54.82
N ALA C 101 -4.03 33.41 53.53
CA ALA C 101 -2.94 33.66 52.56
C ALA C 101 -2.37 35.08 52.60
N GLU C 102 -3.05 35.93 53.35
CA GLU C 102 -2.69 37.34 53.61
C GLU C 102 -2.50 38.20 52.37
N PRO C 103 -3.59 38.47 51.66
CA PRO C 103 -3.33 39.27 50.50
C PRO C 103 -4.24 40.42 50.14
N GLY C 104 -3.60 41.56 49.90
CA GLY C 104 -4.26 42.76 49.45
C GLY C 104 -3.44 44.02 49.68
N PRO C 105 -4.08 45.18 49.54
CA PRO C 105 -5.45 45.30 49.00
C PRO C 105 -5.53 45.10 47.48
N ASN C 106 -4.45 45.40 46.78
CA ASN C 106 -4.37 45.29 45.31
C ASN C 106 -3.65 44.00 44.93
N ASP C 107 -4.34 42.91 45.21
CA ASP C 107 -3.85 41.56 44.89
C ASP C 107 -4.90 40.73 44.22
N GLU C 108 -4.49 40.23 43.09
CA GLU C 108 -5.35 39.52 42.22
C GLU C 108 -4.92 38.09 42.51
N ILE C 109 -5.86 37.31 43.07
CA ILE C 109 -5.61 35.93 43.48
C ILE C 109 -5.97 34.95 42.37
N CYS C 110 -4.91 34.24 41.95
CA CYS C 110 -4.95 33.13 41.03
C CYS C 110 -4.65 31.88 41.79
N ALA C 111 -5.56 30.92 41.70
CA ALA C 111 -5.55 29.79 42.59
C ALA C 111 -5.64 28.56 41.82
N VAL C 112 -4.93 27.64 42.41
CA VAL C 112 -5.17 26.28 42.14
C VAL C 112 -5.72 25.52 43.33
N ILE C 113 -6.87 25.01 43.07
CA ILE C 113 -7.42 24.04 43.87
C ILE C 113 -7.33 22.56 43.28
N GLY C 114 -6.92 21.67 44.17
CA GLY C 114 -7.00 20.23 43.91
C GLY C 114 -8.38 19.78 44.29
N VAL C 115 -8.92 18.87 43.50
CA VAL C 115 -9.98 17.97 44.07
C VAL C 115 -9.64 16.48 43.99
N PRO C 116 -10.51 15.60 44.46
CA PRO C 116 -10.46 14.22 44.05
C PRO C 116 -10.53 14.11 42.62
N ALA C 117 -9.64 13.30 42.11
CA ALA C 117 -9.66 12.91 40.73
C ALA C 117 -10.99 12.22 40.50
N ARG C 118 -11.62 12.54 39.38
CA ARG C 118 -12.93 11.96 39.01
C ARG C 118 -14.02 12.43 40.02
N ALA C 119 -13.90 13.69 40.43
CA ALA C 119 -14.97 14.42 41.05
C ALA C 119 -15.76 15.00 39.90
N SER C 120 -17.09 15.01 40.01
CA SER C 120 -17.97 15.33 38.86
C SER C 120 -17.81 16.76 38.43
N ALA C 121 -18.20 17.01 37.20
CA ALA C 121 -18.16 18.38 36.67
C ALA C 121 -18.97 19.31 37.52
N ALA C 122 -20.12 18.84 37.96
CA ALA C 122 -20.92 19.58 38.96
C ALA C 122 -20.08 20.09 40.17
N ASN C 123 -19.29 19.22 40.72
CA ASN C 123 -18.58 19.56 41.92
C ASN C 123 -17.39 20.39 41.61
N LYS C 124 -16.76 20.18 40.48
CA LYS C 124 -15.70 21.08 40.06
C LYS C 124 -16.29 22.46 39.81
N ALA C 125 -17.50 22.50 39.33
CA ALA C 125 -18.14 23.79 39.12
C ALA C 125 -18.52 24.47 40.38
N LEU C 126 -19.01 23.73 41.33
CA LEU C 126 -19.33 24.31 42.61
C LEU C 126 -18.11 24.88 43.29
N LEU C 127 -16.97 24.21 43.26
CA LEU C 127 -15.76 24.86 43.78
C LEU C 127 -15.36 26.02 43.02
N LEU C 128 -15.48 25.86 41.73
CA LEU C 128 -14.90 26.77 40.88
C LEU C 128 -15.64 28.01 41.16
N LYS C 129 -16.95 27.93 41.09
CA LYS C 129 -17.86 29.04 41.45
C LYS C 129 -17.49 29.64 42.76
N MET C 130 -17.55 28.78 43.74
CA MET C 130 -17.27 29.17 45.09
C MET C 130 -15.84 29.75 45.37
N ALA C 131 -14.90 29.49 44.49
CA ALA C 131 -13.61 30.13 44.58
C ALA C 131 -13.72 31.41 43.86
N GLN C 132 -14.40 31.41 42.71
CA GLN C 132 -14.55 32.65 41.86
C GLN C 132 -15.43 33.72 42.52
N GLU C 133 -15.84 33.41 43.73
CA GLU C 133 -16.36 34.34 44.70
C GLU C 133 -15.32 35.06 45.52
N VAL C 134 -14.16 34.50 45.59
CA VAL C 134 -13.17 34.92 46.63
C VAL C 134 -11.84 35.32 46.05
N VAL C 135 -11.45 34.50 45.09
CA VAL C 135 -10.33 34.74 44.20
C VAL C 135 -10.96 34.98 42.86
N HIS C 136 -10.20 35.66 42.02
CA HIS C 136 -10.83 36.10 40.75
C HIS C 136 -10.70 34.98 39.74
N THR C 137 -9.54 34.32 39.77
CA THR C 137 -9.29 33.24 38.82
C THR C 137 -8.71 32.04 39.48
N ALA C 138 -9.31 30.92 39.14
CA ALA C 138 -9.22 29.76 39.93
C ALA C 138 -9.18 28.59 39.02
N LEU C 139 -8.54 27.54 39.51
CA LEU C 139 -8.30 26.37 38.70
C LEU C 139 -8.39 25.10 39.47
N VAL C 140 -9.18 24.21 38.94
CA VAL C 140 -9.41 23.03 39.65
C VAL C 140 -8.88 21.77 38.98
N VAL C 141 -7.89 21.12 39.58
CA VAL C 141 -7.28 19.94 38.97
C VAL C 141 -7.31 18.76 39.87
N SER C 142 -7.01 17.58 39.30
CA SER C 142 -6.84 16.41 40.21
C SER C 142 -5.70 16.54 41.30
N GLU C 143 -5.98 16.36 42.57
CA GLU C 143 -4.94 16.29 43.56
C GLU C 143 -3.84 15.38 43.12
N PRO C 144 -4.17 14.12 42.90
CA PRO C 144 -3.07 13.28 42.60
C PRO C 144 -2.17 13.79 41.46
N PHE C 145 -2.75 14.43 40.47
CA PHE C 145 -1.91 14.88 39.37
C PHE C 145 -1.04 15.97 39.86
N MET C 146 -1.62 16.87 40.61
CA MET C 146 -0.86 18.06 40.99
C MET C 146 0.16 17.53 42.03
N VAL C 147 -0.08 16.48 42.75
CA VAL C 147 1.05 15.87 43.43
C VAL C 147 2.15 15.47 42.52
N GLY C 148 1.77 14.67 41.54
CA GLY C 148 2.72 14.09 40.62
C GLY C 148 3.49 15.25 40.00
N TYR C 149 2.79 16.34 39.72
CA TYR C 149 3.42 17.47 39.10
C TYR C 149 4.35 18.19 40.05
N GLY C 150 4.09 17.98 41.31
CA GLY C 150 4.95 18.38 42.41
C GLY C 150 6.25 17.60 42.60
N LEU C 151 6.42 16.55 41.84
CA LEU C 151 7.62 15.74 41.91
C LEU C 151 8.21 15.42 40.53
N ASP C 152 7.77 16.18 39.52
CA ASP C 152 8.16 15.94 38.13
C ASP C 152 7.78 14.54 37.59
N LYS C 153 7.02 13.81 38.36
CA LYS C 153 6.66 12.49 38.00
C LYS C 153 5.37 12.72 37.25
N LEU C 154 5.52 13.03 35.97
CA LEU C 154 4.36 13.10 35.15
C LEU C 154 4.30 12.06 34.06
N ILE C 155 5.00 10.94 34.27
CA ILE C 155 5.26 10.02 33.16
C ILE C 155 5.50 8.64 33.65
N ASN C 156 4.63 7.76 33.18
CA ASN C 156 4.77 6.35 33.49
C ASN C 156 4.85 6.13 35.00
N THR C 157 3.84 6.67 35.64
CA THR C 157 3.82 6.86 37.09
C THR C 157 2.42 6.50 37.55
N ILE C 158 2.33 5.85 38.66
CA ILE C 158 1.03 5.91 39.30
C ILE C 158 1.25 6.78 40.49
N ILE C 159 0.32 7.61 40.77
CA ILE C 159 0.20 8.04 42.11
C ILE C 159 -0.95 7.39 42.86
N VAL C 160 -0.83 7.31 44.15
CA VAL C 160 -1.97 6.95 44.90
C VAL C 160 -2.00 7.90 45.95
N ASP C 161 -2.70 8.94 45.74
CA ASP C 161 -3.02 9.70 46.88
C ASP C 161 -3.95 8.92 47.85
N ILE C 162 -3.49 8.32 48.92
CA ILE C 162 -4.53 7.92 49.88
C ILE C 162 -4.69 9.09 50.73
N GLY C 163 -5.89 9.61 50.78
CA GLY C 163 -6.21 10.64 51.73
C GLY C 163 -7.16 10.14 52.80
N ALA C 164 -8.03 11.07 53.25
CA ALA C 164 -9.15 10.83 54.19
C ALA C 164 -10.35 10.44 53.55
N GLY C 165 -10.75 11.23 52.58
CA GLY C 165 -12.02 11.01 52.01
C GLY C 165 -12.03 9.94 50.90
N THR C 166 -10.87 9.85 50.30
CA THR C 166 -10.77 9.34 48.98
C THR C 166 -9.40 8.90 48.76
N THR C 167 -9.29 7.82 48.13
CA THR C 167 -8.02 7.47 47.77
C THR C 167 -8.11 7.75 46.34
N ASP C 168 -7.19 8.47 45.77
CA ASP C 168 -7.25 8.74 44.34
C ASP C 168 -6.10 8.14 43.74
N ILE C 169 -6.19 7.77 42.57
CA ILE C 169 -5.13 6.99 42.10
C ILE C 169 -5.11 7.39 40.69
N CYS C 170 -4.00 7.75 40.23
CA CYS C 170 -4.04 8.43 39.06
C CYS C 170 -2.82 7.99 38.30
N ALA C 171 -3.04 7.37 37.16
CA ALA C 171 -1.87 7.05 36.29
C ALA C 171 -1.47 8.38 35.64
N LEU C 172 -0.19 8.66 35.66
CA LEU C 172 0.29 9.87 34.99
C LEU C 172 0.78 9.44 33.68
N LYS C 173 -0.22 9.12 32.86
CA LYS C 173 0.04 8.40 31.63
C LYS C 173 0.54 9.46 30.67
N GLY C 174 1.82 9.73 30.88
CA GLY C 174 2.36 10.95 30.49
C GLY C 174 1.40 12.03 30.91
N THR C 175 1.22 13.04 30.07
CA THR C 175 0.98 14.38 30.60
C THR C 175 -0.42 14.78 30.64
N VAL C 176 -1.14 14.32 29.67
CA VAL C 176 -2.54 14.58 29.73
C VAL C 176 -3.08 14.03 31.12
N PRO C 177 -3.55 14.90 32.10
CA PRO C 177 -4.02 14.24 33.43
C PRO C 177 -5.39 13.66 33.20
N GLY C 178 -5.61 12.41 33.53
CA GLY C 178 -6.66 11.65 32.71
C GLY C 178 -8.12 11.87 33.15
N PRO C 179 -9.10 11.08 32.63
CA PRO C 179 -10.33 10.71 33.37
C PRO C 179 -10.76 9.27 33.23
N GLU C 180 -10.00 8.45 32.48
CA GLU C 180 -9.99 6.97 32.64
C GLU C 180 -8.71 6.49 33.29
N ASP C 181 -7.72 7.38 33.34
CA ASP C 181 -6.48 7.18 34.03
C ASP C 181 -6.55 7.71 35.42
N GLN C 182 -7.67 8.25 35.85
CA GLN C 182 -7.91 8.45 37.29
C GLN C 182 -8.80 7.34 37.86
N VAL C 183 -8.87 7.29 39.15
CA VAL C 183 -9.69 6.37 39.83
C VAL C 183 -9.83 6.99 41.15
N THR C 184 -10.93 6.77 41.81
CA THR C 184 -11.07 7.21 43.20
C THR C 184 -11.74 6.09 43.89
N LEU C 185 -11.31 5.81 45.07
CA LEU C 185 -12.07 4.96 45.89
C LEU C 185 -12.60 5.76 47.05
N THR C 186 -13.69 5.28 47.60
CA THR C 186 -14.25 5.87 48.78
C THR C 186 -13.59 5.27 50.01
N LYS C 187 -13.25 4.01 49.94
CA LYS C 187 -12.43 3.50 51.02
C LYS C 187 -11.14 4.27 51.13
N ALA C 188 -11.10 5.22 52.05
CA ALA C 188 -9.87 5.93 52.38
C ALA C 188 -9.78 6.17 53.84
N GLY C 189 -8.85 6.93 54.28
CA GLY C 189 -8.72 7.13 55.70
C GLY C 189 -9.96 6.94 56.56
N ASN C 190 -10.90 7.75 56.25
CA ASN C 190 -12.03 7.80 57.09
C ASN C 190 -12.57 6.47 57.24
N TYR C 191 -12.75 5.78 56.14
CA TYR C 191 -13.25 4.36 56.19
C TYR C 191 -12.37 3.46 56.95
N VAL C 192 -11.10 3.73 57.00
CA VAL C 192 -10.34 2.97 57.94
C VAL C 192 -10.81 3.21 59.34
N ASP C 193 -11.06 4.42 59.71
CA ASP C 193 -11.43 4.63 61.10
C ASP C 193 -12.69 4.05 61.40
N GLU C 194 -13.68 4.30 60.62
CA GLU C 194 -14.97 3.67 60.85
C GLU C 194 -14.75 2.27 61.09
N ARG C 195 -13.89 1.70 60.32
CA ARG C 195 -13.70 0.30 60.45
C ARG C 195 -13.02 -0.03 61.72
N LEU C 196 -11.90 0.59 61.91
CA LEU C 196 -11.09 0.36 63.06
C LEU C 196 -11.92 0.37 64.26
N GLN C 197 -12.65 1.40 64.43
CA GLN C 197 -13.62 1.46 65.48
C GLN C 197 -14.40 0.22 65.47
N ASN C 198 -15.01 -0.16 64.44
CA ASN C 198 -15.71 -1.37 64.59
C ASN C 198 -14.90 -2.55 64.99
N ALA C 199 -13.66 -2.57 64.56
CA ALA C 199 -12.72 -3.63 64.94
C ALA C 199 -12.33 -3.50 66.41
N ILE C 200 -12.34 -2.34 67.00
CA ILE C 200 -12.07 -2.33 68.37
C ILE C 200 -13.36 -2.59 69.07
N LEU C 201 -14.43 -1.89 68.84
CA LEU C 201 -15.65 -2.24 69.52
C LEU C 201 -16.10 -3.69 69.39
N GLU C 202 -15.56 -4.41 68.42
CA GLU C 202 -15.86 -5.81 68.29
C GLU C 202 -15.25 -6.61 69.39
N ARG C 203 -14.11 -6.20 69.89
CA ARG C 203 -13.35 -7.01 70.84
C ARG C 203 -13.29 -6.52 72.28
N HIS C 204 -13.58 -5.27 72.47
CA HIS C 204 -13.60 -4.69 73.79
C HIS C 204 -14.92 -3.96 73.74
N PRO C 205 -15.95 -4.75 73.52
CA PRO C 205 -17.29 -4.20 73.39
C PRO C 205 -17.72 -3.23 74.48
N GLU C 206 -17.05 -3.25 75.63
CA GLU C 206 -17.28 -2.27 76.67
C GLU C 206 -16.77 -0.88 76.34
N LEU C 207 -15.84 -0.78 75.42
CA LEU C 207 -15.30 0.51 75.11
C LEU C 207 -16.26 1.53 74.58
N GLN C 208 -16.03 2.78 74.89
CA GLN C 208 -16.53 3.85 74.03
C GLN C 208 -15.43 4.12 73.03
N MET C 209 -15.82 4.05 71.77
CA MET C 209 -15.17 4.83 70.72
C MET C 209 -16.18 5.59 69.92
N ASN C 210 -15.93 6.88 69.80
CA ASN C 210 -16.36 7.48 68.62
C ASN C 210 -15.31 7.26 67.57
N VAL C 211 -15.60 7.68 66.38
CA VAL C 211 -14.61 7.66 65.34
C VAL C 211 -13.50 8.59 65.59
N ASN C 212 -13.76 9.72 66.20
CA ASN C 212 -12.67 10.63 66.49
C ASN C 212 -11.58 10.06 67.42
N VAL C 213 -11.93 9.08 68.24
CA VAL C 213 -10.98 8.28 68.98
C VAL C 213 -10.22 7.40 68.05
N ALA C 214 -10.89 6.57 67.32
CA ALA C 214 -10.19 5.60 66.56
C ALA C 214 -9.44 6.35 65.56
N CYS C 215 -9.96 7.40 65.01
CA CYS C 215 -9.14 8.27 64.14
C CYS C 215 -7.76 8.46 64.68
N ALA C 216 -7.68 8.79 65.96
CA ALA C 216 -6.41 8.87 66.68
C ALA C 216 -5.75 7.52 67.00
N VAL C 217 -6.40 6.53 67.48
CA VAL C 217 -5.71 5.34 67.41
C VAL C 217 -5.08 5.15 66.08
N LYS C 218 -5.76 5.29 65.02
CA LYS C 218 -5.16 4.99 63.72
C LYS C 218 -4.00 5.89 63.50
N GLU C 219 -4.13 7.18 63.54
CA GLU C 219 -2.96 7.99 63.30
C GLU C 219 -1.75 7.50 64.06
N GLN C 220 -1.92 7.20 65.32
CA GLN C 220 -0.81 6.79 66.17
C GLN C 220 -0.20 5.39 65.97
N PHE C 221 -0.89 4.42 65.43
CA PHE C 221 -0.47 3.00 65.42
C PHE C 221 -0.69 2.26 64.11
N SER C 222 -1.28 2.95 63.16
CA SER C 222 -1.64 2.38 61.84
C SER C 222 -0.50 1.66 61.33
N PHE C 223 -0.64 0.45 60.86
CA PHE C 223 0.43 -0.03 60.02
C PHE C 223 -0.07 -0.95 59.02
N VAL C 224 0.75 -1.59 58.21
CA VAL C 224 0.27 -2.92 57.69
C VAL C 224 1.30 -3.96 57.76
N GLY C 225 0.83 -5.19 57.62
CA GLY C 225 1.71 -6.35 57.49
C GLY C 225 2.14 -6.95 58.81
N THR C 226 3.45 -6.93 59.09
CA THR C 226 3.95 -7.32 60.40
C THR C 226 3.68 -6.22 61.43
N PRO C 227 3.16 -6.62 62.61
CA PRO C 227 3.09 -5.65 63.71
C PRO C 227 4.45 -5.42 64.33
N THR C 228 4.99 -4.25 64.06
CA THR C 228 6.34 -3.93 64.46
C THR C 228 6.46 -3.60 65.93
N GLU C 229 5.33 -3.42 66.61
CA GLU C 229 5.33 -3.10 68.04
C GLU C 229 3.98 -3.40 68.71
N VAL C 230 3.84 -2.97 69.95
CA VAL C 230 2.64 -3.19 70.73
C VAL C 230 1.77 -1.96 70.60
N ALA C 231 0.55 -2.15 70.13
CA ALA C 231 -0.36 -1.04 69.96
C ALA C 231 -1.27 -0.94 71.18
N SER C 232 -0.76 -0.30 72.22
CA SER C 232 -1.56 -0.15 73.43
C SER C 232 -2.07 1.30 73.54
N PHE C 233 -3.36 1.40 73.82
CA PHE C 233 -4.01 2.71 73.85
C PHE C 233 -5.01 2.87 74.94
N GLU C 234 -5.15 4.11 75.42
CA GLU C 234 -5.98 4.34 76.64
C GLU C 234 -7.36 4.73 76.20
N PHE C 235 -8.24 3.76 76.17
CA PHE C 235 -9.64 3.99 75.81
C PHE C 235 -10.44 4.22 77.05
N ARG C 236 -11.75 4.46 76.93
CA ARG C 236 -12.61 4.46 78.11
C ARG C 236 -13.64 3.46 78.09
N ALA C 237 -14.10 3.07 79.24
CA ALA C 237 -15.19 2.12 79.28
C ALA C 237 -16.13 2.39 80.37
N ALA C 238 -17.35 2.70 79.99
CA ALA C 238 -18.28 3.23 80.98
C ALA C 238 -17.63 4.40 81.72
N GLY C 239 -16.75 5.07 81.02
CA GLY C 239 -15.99 6.20 81.55
C GLY C 239 -14.67 5.87 82.13
N LYS C 240 -14.47 4.61 82.45
CA LYS C 240 -13.30 4.16 83.26
C LYS C 240 -12.15 3.97 82.37
N PRO C 241 -10.98 4.58 82.68
CA PRO C 241 -9.85 4.37 81.78
C PRO C 241 -9.52 2.89 81.80
N VAL C 242 -9.20 2.48 80.60
CA VAL C 242 -8.84 1.13 80.27
C VAL C 242 -7.72 1.33 79.29
N ARG C 243 -6.59 0.70 79.55
CA ARG C 243 -5.62 0.57 78.46
C ARG C 243 -5.98 -0.74 77.76
N ALA C 244 -5.91 -0.76 76.43
CA ALA C 244 -6.18 -2.00 75.65
C ALA C 244 -5.28 -2.08 74.42
N ASP C 245 -5.13 -3.32 73.98
CA ASP C 245 -4.29 -3.66 72.86
C ASP C 245 -5.12 -3.63 71.59
N VAL C 246 -4.71 -2.74 70.71
CA VAL C 246 -5.37 -2.57 69.44
C VAL C 246 -4.53 -2.99 68.24
N THR C 247 -3.62 -3.92 68.46
CA THR C 247 -2.71 -4.26 67.38
C THR C 247 -3.48 -4.93 66.35
N GLU C 248 -4.27 -5.92 66.76
CA GLU C 248 -5.03 -6.63 65.78
C GLU C 248 -6.19 -5.80 65.12
N PRO C 249 -6.94 -4.97 65.88
CA PRO C 249 -7.82 -4.02 65.19
C PRO C 249 -7.09 -3.25 64.23
N VAL C 250 -6.05 -2.62 64.62
CA VAL C 250 -5.44 -1.79 63.67
C VAL C 250 -4.89 -2.49 62.42
N LYS C 251 -4.33 -3.65 62.60
CA LYS C 251 -3.84 -4.43 61.43
C LYS C 251 -5.04 -4.50 60.54
N ILE C 252 -6.09 -5.15 61.04
CA ILE C 252 -7.27 -5.32 60.24
C ILE C 252 -7.75 -4.12 59.50
N ALA C 253 -7.76 -3.01 60.18
CA ALA C 253 -8.25 -1.78 59.65
C ALA C 253 -7.46 -1.27 58.55
N CYS C 254 -6.19 -1.26 58.67
CA CYS C 254 -5.52 -0.52 57.64
C CYS C 254 -5.24 -1.34 56.40
N GLU C 255 -5.02 -2.62 56.61
CA GLU C 255 -5.08 -3.59 55.52
C GLU C 255 -6.53 -3.85 55.10
N ALA C 256 -7.38 -2.86 55.20
CA ALA C 256 -8.67 -2.96 54.51
C ALA C 256 -8.71 -1.86 53.54
N LEU C 257 -7.83 -0.89 53.67
CA LEU C 257 -7.64 -0.06 52.51
C LEU C 257 -7.13 -0.84 51.33
N MET C 258 -6.10 -1.66 51.59
CA MET C 258 -5.17 -1.95 50.53
C MET C 258 -5.62 -2.74 49.33
N PRO C 259 -6.48 -3.70 49.55
CA PRO C 259 -7.03 -4.41 48.47
C PRO C 259 -7.44 -3.54 47.38
N ASP C 260 -8.22 -2.53 47.68
CA ASP C 260 -8.82 -1.74 46.57
C ASP C 260 -7.80 -0.97 45.82
N ILE C 261 -6.83 -0.47 46.57
CA ILE C 261 -5.72 0.30 45.97
C ILE C 261 -4.92 -0.52 45.09
N ILE C 262 -4.59 -1.69 45.55
CA ILE C 262 -3.84 -2.59 44.76
C ILE C 262 -4.53 -2.96 43.56
N GLU C 263 -5.77 -3.41 43.68
CA GLU C 263 -6.50 -3.79 42.52
C GLU C 263 -6.56 -2.55 41.62
N SER C 264 -6.74 -1.39 42.17
CA SER C 264 -6.81 -0.26 41.25
C SER C 264 -5.50 0.28 40.70
N ILE C 265 -4.39 0.06 41.35
CA ILE C 265 -3.14 0.16 40.60
C ILE C 265 -3.02 -0.91 39.50
N GLU C 266 -3.14 -2.16 39.86
CA GLU C 266 -3.11 -3.21 38.87
C GLU C 266 -3.97 -2.72 37.70
N THR C 267 -5.10 -2.19 37.99
CA THR C 267 -5.88 -1.77 36.91
C THR C 267 -5.36 -0.68 36.03
N LEU C 268 -4.79 0.31 36.64
CA LEU C 268 -4.10 1.36 35.84
C LEU C 268 -2.88 0.95 35.15
N LEU C 269 -2.22 0.01 35.74
CA LEU C 269 -0.98 -0.49 35.21
C LEU C 269 -1.22 -1.16 33.89
N ARG C 270 -2.26 -1.98 33.85
CA ARG C 270 -2.58 -2.64 32.65
C ARG C 270 -3.17 -1.71 31.61
N SER C 271 -3.26 -0.47 31.97
CA SER C 271 -3.69 0.60 31.02
C SER C 271 -2.59 1.23 30.28
N PHE C 272 -1.43 1.31 30.93
CA PHE C 272 -0.26 1.71 30.20
C PHE C 272 0.25 0.77 29.09
N GLN C 273 1.03 1.32 28.16
CA GLN C 273 1.50 0.52 27.01
C GLN C 273 2.48 -0.45 27.47
N PRO C 274 2.44 -1.66 26.92
CA PRO C 274 3.21 -2.75 27.59
C PRO C 274 4.61 -2.49 27.70
N GLU C 275 5.14 -1.81 26.71
CA GLU C 275 6.51 -1.46 26.80
C GLU C 275 6.96 -0.69 28.05
N TYR C 276 5.99 -0.08 28.71
CA TYR C 276 6.22 0.73 29.88
C TYR C 276 5.72 0.25 31.19
N GLN C 277 5.06 -0.86 31.23
CA GLN C 277 4.56 -1.19 32.51
C GLN C 277 5.61 -1.51 33.55
N ALA C 278 6.71 -2.09 33.11
CA ALA C 278 7.79 -2.39 34.01
C ALA C 278 8.20 -1.13 34.67
N THR C 279 8.35 -0.17 33.81
CA THR C 279 8.79 1.10 34.21
C THR C 279 7.81 1.83 35.10
N VAL C 280 6.56 1.63 34.85
CA VAL C 280 5.60 2.21 35.76
C VAL C 280 5.75 1.72 37.13
N LEU C 281 5.80 0.41 37.28
CA LEU C 281 5.88 -0.10 38.57
C LEU C 281 6.99 0.41 39.46
N GLN C 282 8.12 0.71 38.86
CA GLN C 282 9.20 1.37 39.55
C GLN C 282 8.96 2.90 39.79
N ASN C 283 7.76 3.34 39.43
CA ASN C 283 7.27 4.65 39.79
C ASN C 283 5.98 4.86 40.64
N ILE C 284 5.47 3.80 41.28
CA ILE C 284 4.30 3.95 42.08
C ILE C 284 4.58 4.75 43.28
N VAL C 285 3.77 5.76 43.45
CA VAL C 285 3.83 6.75 44.57
C VAL C 285 2.58 6.56 45.56
N PHE C 286 2.77 6.85 46.81
CA PHE C 286 1.68 7.06 47.68
C PHE C 286 1.87 8.47 48.13
N ALA C 287 0.92 9.29 47.91
CA ALA C 287 0.91 10.57 48.57
C ALA C 287 -0.21 10.66 49.55
N GLY C 288 -0.31 11.82 50.18
CA GLY C 288 -1.37 12.05 51.18
C GLY C 288 -1.36 11.25 52.50
N GLY C 289 -2.22 11.65 53.39
CA GLY C 289 -2.18 11.21 54.72
C GLY C 289 -1.95 9.72 54.73
N GLY C 290 -2.90 8.95 54.17
CA GLY C 290 -2.92 7.47 54.23
C GLY C 290 -1.55 6.91 53.82
N SER C 291 -0.88 7.56 52.89
CA SER C 291 0.52 7.26 52.67
C SER C 291 1.46 7.35 53.97
N ARG C 292 0.99 7.77 55.12
CA ARG C 292 1.81 7.69 56.33
C ARG C 292 1.64 6.41 57.06
N ILE C 293 0.78 5.54 56.60
CA ILE C 293 0.68 4.25 57.23
C ILE C 293 2.10 3.55 57.39
N ARG C 294 2.41 2.99 58.57
CA ARG C 294 3.70 2.30 58.70
C ARG C 294 3.70 0.99 57.92
N GLY C 295 4.80 0.79 57.21
CA GLY C 295 5.04 -0.43 56.46
C GLY C 295 4.26 -0.48 55.17
N LEU C 296 3.76 0.66 54.72
CA LEU C 296 2.79 0.65 53.60
C LEU C 296 3.55 0.21 52.42
N ALA C 297 4.62 0.96 52.26
CA ALA C 297 5.47 0.77 51.14
C ALA C 297 5.65 -0.74 50.84
N ALA C 298 6.21 -1.33 51.82
CA ALA C 298 6.67 -2.64 51.69
C ALA C 298 5.51 -3.63 51.55
N TYR C 299 4.39 -3.29 52.14
CA TYR C 299 3.23 -4.13 52.00
C TYR C 299 2.74 -4.11 50.56
N VAL C 300 2.80 -2.95 49.94
CA VAL C 300 2.44 -2.83 48.53
C VAL C 300 3.40 -3.65 47.66
N LYS C 301 4.68 -3.35 47.80
CA LYS C 301 5.68 -4.11 47.06
C LYS C 301 5.30 -5.54 47.04
N GLU C 302 5.08 -6.11 48.20
CA GLU C 302 4.71 -7.47 48.29
C GLU C 302 3.38 -7.80 47.57
N LYS C 303 2.42 -6.92 47.63
CA LYS C 303 1.15 -7.15 46.92
C LYS C 303 1.26 -7.13 45.43
N LEU C 304 2.25 -6.43 44.96
CA LEU C 304 2.46 -6.27 43.53
C LEU C 304 3.49 -7.21 42.91
N ARG C 305 4.06 -8.14 43.66
CA ARG C 305 5.12 -8.99 43.07
C ARG C 305 4.63 -9.67 41.80
N PRO C 306 3.33 -9.96 41.73
CA PRO C 306 2.73 -10.52 40.51
C PRO C 306 2.82 -9.68 39.28
N PHE C 307 3.08 -8.41 39.45
CA PHE C 307 3.35 -7.50 38.32
C PHE C 307 4.79 -7.19 38.13
N GLY C 308 5.64 -7.58 39.07
CA GLY C 308 7.05 -7.31 38.92
C GLY C 308 7.62 -6.67 40.15
N ASP C 309 8.85 -6.21 39.97
CA ASP C 309 9.52 -5.53 41.04
C ASP C 309 8.99 -4.11 41.04
N ALA C 310 8.07 -3.88 41.97
CA ALA C 310 7.60 -2.55 42.25
C ALA C 310 8.61 -1.88 43.13
N ASN C 311 8.78 -0.61 42.88
CA ASN C 311 9.49 0.22 43.80
C ASN C 311 8.52 1.28 44.24
N VAL C 312 7.97 1.09 45.42
CA VAL C 312 6.94 2.00 45.87
C VAL C 312 7.46 2.97 46.83
N THR C 313 7.13 4.20 46.62
CA THR C 313 7.61 5.24 47.52
C THR C 313 6.48 6.04 48.05
N CYS C 314 6.66 6.47 49.26
CA CYS C 314 5.67 7.26 49.91
C CYS C 314 6.33 8.57 49.96
N VAL C 315 5.69 9.60 49.46
CA VAL C 315 6.35 10.92 49.40
C VAL C 315 6.99 11.46 50.67
N LYS C 316 7.85 12.46 50.50
CA LYS C 316 8.66 12.99 51.61
C LYS C 316 7.85 13.68 52.74
N ASP C 317 6.94 14.58 52.36
CA ASP C 317 6.10 15.37 53.32
C ASP C 317 4.66 15.35 52.82
N PRO C 318 3.88 14.34 53.25
CA PRO C 318 2.56 14.15 52.68
C PRO C 318 1.70 15.36 52.88
N THR C 319 2.08 16.22 53.79
CA THR C 319 1.25 17.35 54.15
C THR C 319 1.04 18.32 53.06
N PHE C 320 2.06 18.63 52.31
CA PHE C 320 1.89 19.64 51.31
C PHE C 320 2.02 19.28 49.85
N ASP C 321 2.44 18.07 49.56
CA ASP C 321 2.80 17.74 48.16
C ASP C 321 1.71 18.07 47.19
N GLY C 322 0.50 17.81 47.66
CA GLY C 322 -0.72 18.32 47.06
C GLY C 322 -0.55 19.77 46.66
N CYS C 323 -0.62 20.69 47.62
CA CYS C 323 -0.59 22.10 47.22
C CYS C 323 0.72 22.47 46.58
N ARG C 324 1.80 21.89 47.10
CA ARG C 324 3.13 22.24 46.59
C ARG C 324 3.03 22.35 45.07
N GLY C 325 2.47 21.26 44.55
CA GLY C 325 2.23 21.08 43.17
C GLY C 325 1.37 22.17 42.69
N ALA C 326 0.11 22.10 42.97
CA ALA C 326 -0.75 23.15 42.52
C ALA C 326 0.04 24.47 42.38
N LEU C 327 0.87 24.75 43.36
CA LEU C 327 1.49 26.06 43.42
C LEU C 327 2.36 26.24 42.26
N ARG C 328 3.34 25.36 42.22
CA ARG C 328 4.29 25.26 41.08
C ARG C 328 3.57 25.32 39.78
N LEU C 329 2.51 24.55 39.68
CA LEU C 329 1.61 24.57 38.55
C LEU C 329 1.13 25.93 38.17
N ALA C 330 0.62 26.68 39.09
CA ALA C 330 0.27 27.99 38.66
C ALA C 330 1.36 29.05 38.94
N GLU C 331 2.56 28.60 39.27
CA GLU C 331 3.71 29.44 38.99
C GLU C 331 4.05 29.46 37.49
N GLU C 332 3.41 28.66 36.64
CA GLU C 332 4.03 28.42 35.36
C GLU C 332 3.26 28.57 34.05
N LEU C 333 2.19 29.36 33.97
CA LEU C 333 1.36 29.41 32.70
C LEU C 333 0.59 30.83 32.40
N PRO C 334 -0.55 30.89 31.59
CA PRO C 334 -1.72 31.93 31.67
C PRO C 334 -2.52 32.23 33.04
N ASN D 10 -31.04 -32.41 39.53
CA ASN D 10 -31.85 -31.26 38.94
C ASN D 10 -31.26 -29.90 39.19
N ARG D 11 -31.62 -28.95 38.34
CA ARG D 11 -31.06 -27.61 38.41
C ARG D 11 -32.13 -26.54 38.51
N LEU D 12 -31.80 -25.56 39.31
CA LEU D 12 -32.68 -24.42 39.59
C LEU D 12 -31.86 -23.20 39.43
N PHE D 13 -32.29 -22.27 38.60
CA PHE D 13 -31.58 -21.03 38.56
C PHE D 13 -32.35 -19.82 39.08
N LEU D 14 -31.51 -18.94 39.64
CA LEU D 14 -31.86 -17.69 40.29
C LEU D 14 -31.36 -16.39 39.71
N GLY D 15 -32.36 -15.51 39.58
CA GLY D 15 -32.23 -14.07 39.55
C GLY D 15 -32.43 -13.47 40.96
N VAL D 16 -31.36 -12.85 41.38
CA VAL D 16 -31.19 -12.23 42.64
C VAL D 16 -30.64 -10.89 42.13
N ASP D 17 -31.44 -9.86 42.36
CA ASP D 17 -31.01 -8.49 42.17
C ASP D 17 -30.90 -8.21 43.65
N LEU D 18 -29.68 -8.04 44.09
CA LEU D 18 -29.37 -8.02 45.51
C LEU D 18 -29.09 -6.62 45.75
N GLY D 19 -30.15 -5.92 46.01
CA GLY D 19 -30.12 -4.45 46.08
C GLY D 19 -29.95 -3.99 47.50
N THR D 20 -29.62 -2.72 47.63
CA THR D 20 -29.17 -2.20 48.90
C THR D 20 -30.32 -1.87 49.72
N SER D 21 -31.45 -1.89 49.13
CA SER D 21 -32.55 -1.71 49.94
C SER D 21 -33.51 -2.79 49.69
N HIS D 22 -33.63 -3.27 48.46
CA HIS D 22 -34.59 -4.33 48.23
C HIS D 22 -34.04 -5.39 47.47
N THR D 23 -34.15 -6.62 47.97
CA THR D 23 -33.62 -7.70 47.19
C THR D 23 -34.74 -8.39 46.59
N ALA D 24 -34.69 -8.35 45.28
CA ALA D 24 -35.69 -9.03 44.52
C ALA D 24 -35.13 -10.38 44.09
N VAL D 25 -36.01 -11.33 43.91
CA VAL D 25 -35.51 -12.58 43.47
C VAL D 25 -36.48 -13.26 42.59
N MET D 26 -36.00 -13.78 41.45
CA MET D 26 -36.81 -14.71 40.62
C MET D 26 -36.16 -16.02 40.52
N SER D 27 -36.97 -17.03 40.42
CA SER D 27 -36.38 -18.33 40.17
C SER D 27 -36.99 -18.90 38.91
N SER D 28 -36.24 -19.84 38.36
CA SER D 28 -36.67 -20.59 37.19
C SER D 28 -38.06 -21.19 37.40
N ARG D 29 -38.32 -21.62 38.63
CA ARG D 29 -39.57 -22.30 38.98
C ARG D 29 -40.73 -21.36 39.35
N GLY D 30 -40.52 -20.07 39.13
CA GLY D 30 -41.59 -19.07 39.15
C GLY D 30 -41.84 -18.36 40.46
N LYS D 31 -40.86 -18.35 41.36
CA LYS D 31 -40.94 -17.38 42.47
C LYS D 31 -40.58 -16.05 41.87
N LYS D 32 -41.43 -15.07 42.10
CA LYS D 32 -41.00 -13.70 42.18
C LYS D 32 -41.17 -13.54 43.63
N PHE D 33 -40.17 -12.97 44.28
CA PHE D 33 -40.44 -12.24 45.48
C PHE D 33 -39.36 -11.22 45.69
N LEU D 34 -39.88 -10.20 46.39
CA LEU D 34 -39.18 -9.05 46.79
C LEU D 34 -38.97 -9.12 48.30
N LEU D 35 -37.87 -8.62 48.82
CA LEU D 35 -37.83 -8.34 50.26
C LEU D 35 -36.85 -7.20 50.53
N LYS D 36 -36.98 -6.59 51.69
CA LYS D 36 -36.02 -5.62 52.11
C LYS D 36 -34.68 -6.31 52.44
N SER D 37 -33.59 -5.72 52.01
CA SER D 37 -32.30 -6.27 52.13
C SER D 37 -31.93 -5.85 53.48
N VAL D 38 -32.24 -6.61 54.50
CA VAL D 38 -32.03 -6.11 55.85
C VAL D 38 -32.29 -7.13 56.85
N VAL D 39 -31.47 -7.17 57.82
CA VAL D 39 -31.64 -8.13 58.78
C VAL D 39 -31.72 -7.49 60.09
N GLY D 40 -32.72 -7.84 60.83
CA GLY D 40 -32.96 -7.38 62.19
C GLY D 40 -32.31 -8.34 63.13
N TYR D 41 -31.59 -7.86 64.08
CA TYR D 41 -31.26 -8.63 65.22
C TYR D 41 -31.93 -8.04 66.41
N PRO D 42 -32.44 -8.82 67.31
CA PRO D 42 -32.89 -8.27 68.52
C PRO D 42 -31.75 -7.67 69.35
N LYS D 43 -32.10 -6.60 70.05
CA LYS D 43 -31.09 -5.73 70.64
C LYS D 43 -30.58 -6.28 71.95
N ASP D 44 -31.45 -7.00 72.62
CA ASP D 44 -31.14 -7.49 73.95
C ASP D 44 -31.97 -8.69 74.23
N VAL D 45 -31.93 -9.14 75.47
CA VAL D 45 -32.55 -10.41 75.80
C VAL D 45 -34.05 -10.34 75.75
N ILE D 46 -34.57 -9.15 75.85
CA ILE D 46 -35.98 -8.91 75.64
C ILE D 46 -36.42 -8.81 74.20
N GLY D 47 -35.64 -8.15 73.41
CA GLY D 47 -35.85 -8.14 71.98
C GLY D 47 -35.95 -9.59 71.50
N LEU D 48 -35.08 -10.45 72.01
CA LEU D 48 -34.98 -11.80 71.54
C LEU D 48 -36.25 -12.55 71.80
N LYS D 49 -36.81 -12.24 72.93
CA LYS D 49 -38.10 -12.72 73.34
C LYS D 49 -39.19 -12.21 72.45
N LEU D 50 -39.26 -10.91 72.28
CA LEU D 50 -40.29 -10.30 71.38
C LEU D 50 -40.31 -10.79 69.99
N LEU D 51 -39.11 -10.96 69.48
CA LEU D 51 -38.91 -11.29 68.09
C LEU D 51 -39.17 -12.76 67.80
N GLY D 52 -38.97 -13.60 68.81
CA GLY D 52 -39.32 -15.02 68.70
C GLY D 52 -38.32 -15.83 67.92
N ARG D 53 -37.28 -15.18 67.45
CA ARG D 53 -36.23 -15.87 66.72
C ARG D 53 -34.99 -15.04 66.83
N PRO D 54 -33.85 -15.64 66.53
CA PRO D 54 -32.59 -14.93 66.81
C PRO D 54 -32.28 -13.83 65.81
N TYR D 55 -32.96 -13.82 64.64
CA TYR D 55 -32.91 -12.71 63.71
C TYR D 55 -33.97 -12.73 62.73
N VAL D 56 -34.29 -11.61 62.22
CA VAL D 56 -35.20 -11.55 61.09
C VAL D 56 -34.59 -11.03 59.83
N VAL D 57 -35.24 -11.25 58.72
CA VAL D 57 -34.71 -10.71 57.53
C VAL D 57 -35.82 -10.21 56.73
N GLY D 58 -35.64 -9.06 56.12
CA GLY D 58 -36.68 -8.55 55.18
C GLY D 58 -37.76 -7.73 55.83
N ASP D 59 -38.95 -7.77 55.29
CA ASP D 59 -39.84 -6.71 55.66
C ASP D 59 -40.33 -6.80 57.11
N GLU D 60 -40.43 -7.99 57.65
CA GLU D 60 -40.68 -8.10 59.08
C GLU D 60 -39.62 -7.41 59.94
N ALA D 61 -38.39 -7.51 59.52
CA ALA D 61 -37.34 -6.78 60.21
C ALA D 61 -37.56 -5.29 60.17
N PHE D 62 -37.97 -4.78 59.06
CA PHE D 62 -38.19 -3.40 59.04
C PHE D 62 -39.48 -2.96 59.70
N GLU D 63 -40.42 -3.84 59.85
CA GLU D 63 -41.58 -3.53 60.70
C GLU D 63 -41.14 -3.35 62.15
N MET D 64 -40.37 -4.31 62.61
CA MET D 64 -39.93 -4.35 63.99
C MET D 64 -38.66 -3.55 64.21
N ARG D 65 -38.58 -2.48 63.47
CA ARG D 65 -37.31 -1.77 63.25
C ARG D 65 -37.02 -1.09 64.54
N SER D 66 -38.16 -0.80 65.21
CA SER D 66 -38.25 -0.24 66.61
C SER D 66 -37.27 -0.95 67.61
N TYR D 67 -37.41 -2.24 67.64
CA TYR D 67 -36.76 -2.90 68.64
C TYR D 67 -35.80 -3.90 68.24
N LEU D 68 -35.47 -3.86 66.96
CA LEU D 68 -34.31 -4.56 66.40
C LEU D 68 -33.24 -3.66 65.94
N ASP D 69 -32.04 -4.17 65.89
CA ASP D 69 -30.98 -3.44 65.32
C ASP D 69 -31.04 -3.89 63.86
N ILE D 70 -31.47 -3.04 62.97
CA ILE D 70 -31.61 -3.46 61.61
C ILE D 70 -30.39 -3.14 60.95
N ARG D 71 -29.81 -4.09 60.25
CA ARG D 71 -28.51 -3.95 59.61
C ARG D 71 -28.61 -4.25 58.19
N TYR D 72 -28.37 -3.26 57.37
CA TYR D 72 -28.39 -3.45 55.98
C TYR D 72 -27.09 -4.07 55.70
N PRO D 73 -27.08 -5.01 54.85
CA PRO D 73 -25.85 -5.68 54.76
C PRO D 73 -25.03 -5.15 53.60
N LEU D 74 -25.66 -4.29 52.79
CA LEU D 74 -25.09 -3.72 51.58
C LEU D 74 -25.47 -2.31 51.75
N GLN D 75 -24.51 -1.42 51.76
CA GLN D 75 -24.82 -0.06 51.37
C GLN D 75 -23.74 0.24 50.36
N ASP D 76 -24.09 1.20 49.52
CA ASP D 76 -23.44 1.38 48.23
C ASP D 76 -23.53 0.12 47.43
N GLY D 77 -24.59 -0.59 47.61
CA GLY D 77 -24.76 -1.88 46.97
C GLY D 77 -23.73 -3.02 47.21
N VAL D 78 -22.48 -2.71 46.95
CA VAL D 78 -21.38 -3.47 47.42
C VAL D 78 -21.67 -4.06 48.76
N LEU D 79 -21.24 -5.28 48.92
CA LEU D 79 -21.54 -6.01 50.15
C LEU D 79 -20.63 -5.66 51.19
N SER D 80 -21.14 -5.31 52.35
CA SER D 80 -20.30 -4.51 53.29
C SER D 80 -19.25 -5.26 54.05
N GLU D 81 -18.08 -4.64 54.19
CA GLU D 81 -17.22 -5.05 55.28
C GLU D 81 -16.65 -3.84 55.99
N ILE D 82 -17.46 -3.26 56.85
CA ILE D 82 -17.04 -2.35 57.90
C ILE D 82 -17.36 -3.00 59.20
N SER D 83 -17.63 -4.29 59.17
CA SER D 83 -17.66 -5.06 60.40
C SER D 83 -17.46 -6.53 60.07
N ASP D 84 -16.90 -7.28 60.99
CA ASP D 84 -16.84 -8.73 60.77
C ASP D 84 -18.27 -9.31 60.94
N ARG D 85 -19.07 -8.62 61.74
CA ARG D 85 -20.48 -8.91 61.79
C ARG D 85 -21.17 -8.81 60.43
N ASP D 86 -20.98 -7.75 59.69
CA ASP D 86 -21.71 -7.58 58.40
C ASP D 86 -21.53 -8.71 57.41
N ILE D 87 -20.54 -9.52 57.61
CA ILE D 87 -20.42 -10.73 56.84
C ILE D 87 -21.49 -11.75 57.23
N GLU D 88 -21.72 -11.87 58.53
CA GLU D 88 -22.79 -12.77 59.06
C GLU D 88 -24.12 -12.29 58.70
N VAL D 89 -24.29 -10.98 58.72
CA VAL D 89 -25.52 -10.41 58.25
C VAL D 89 -25.67 -10.86 56.85
N ALA D 90 -24.77 -10.52 56.00
CA ALA D 90 -25.02 -10.86 54.62
C ALA D 90 -25.28 -12.32 54.47
N ARG D 91 -24.59 -13.14 55.22
CA ARG D 91 -24.93 -14.58 55.19
C ARG D 91 -26.42 -14.76 55.41
N HIS D 92 -26.94 -14.21 56.48
CA HIS D 92 -28.33 -14.37 56.77
C HIS D 92 -29.13 -13.86 55.67
N LEU D 93 -28.78 -12.76 55.11
CA LEU D 93 -29.67 -12.25 54.16
C LEU D 93 -29.71 -13.27 53.07
N LEU D 94 -28.53 -13.66 52.61
CA LEU D 94 -28.47 -14.42 51.43
C LEU D 94 -29.07 -15.78 51.64
N THR D 95 -28.77 -16.34 52.80
CA THR D 95 -29.35 -17.61 53.21
C THR D 95 -30.88 -17.53 53.11
N HIS D 96 -31.44 -16.47 53.66
CA HIS D 96 -32.82 -16.26 53.58
C HIS D 96 -33.35 -16.05 52.18
N VAL D 97 -32.70 -15.35 51.31
CA VAL D 97 -33.25 -15.24 49.93
C VAL D 97 -33.17 -16.52 49.15
N VAL D 98 -32.15 -17.30 49.38
CA VAL D 98 -32.08 -18.59 48.71
C VAL D 98 -33.14 -19.48 49.26
N LYS D 99 -33.21 -19.57 50.57
CA LYS D 99 -34.20 -20.42 51.23
C LYS D 99 -35.63 -20.05 50.84
N SER D 100 -35.91 -18.79 50.67
CA SER D 100 -37.25 -18.36 50.25
C SER D 100 -37.48 -18.54 48.75
N ALA D 101 -36.46 -19.00 48.03
CA ALA D 101 -36.62 -19.57 46.68
C ALA D 101 -37.21 -21.01 46.66
N GLU D 102 -37.30 -21.58 47.86
CA GLU D 102 -37.87 -22.91 48.13
C GLU D 102 -37.26 -24.05 47.34
N PRO D 103 -35.99 -24.38 47.66
CA PRO D 103 -35.48 -25.47 46.87
C PRO D 103 -34.68 -26.58 47.52
N GLY D 104 -35.11 -27.80 47.17
CA GLY D 104 -34.42 -29.01 47.60
C GLY D 104 -35.31 -30.24 47.51
N PRO D 105 -34.85 -31.33 48.13
CA PRO D 105 -33.49 -31.46 48.70
C PRO D 105 -32.38 -31.61 47.65
N ASN D 106 -32.74 -32.17 46.50
CA ASN D 106 -31.79 -32.42 45.40
C ASN D 106 -31.95 -31.35 44.34
N ASP D 107 -31.52 -30.16 44.73
CA ASP D 107 -31.54 -28.98 43.86
C ASP D 107 -30.24 -28.22 43.91
N GLU D 108 -29.72 -28.04 42.72
CA GLU D 108 -28.43 -27.49 42.53
C GLU D 108 -28.80 -26.09 42.08
N ILE D 109 -28.42 -25.11 42.93
CA ILE D 109 -28.76 -23.70 42.71
C ILE D 109 -27.65 -22.98 41.96
N CYS D 110 -28.07 -22.51 40.78
CA CYS D 110 -27.31 -21.66 39.89
C CYS D 110 -27.93 -20.29 39.89
N ALA D 111 -27.11 -19.30 40.22
CA ALA D 111 -27.61 -17.98 40.58
C ALA D 111 -26.92 -16.98 39.81
N VAL D 112 -27.74 -16.02 39.52
CA VAL D 112 -27.26 -14.74 39.15
C VAL D 112 -27.59 -13.65 40.15
N ILE D 113 -26.53 -13.11 40.64
CA ILE D 113 -26.58 -11.93 41.34
C ILE D 113 -26.10 -10.67 40.53
N GLY D 114 -26.90 -9.64 40.64
CA GLY D 114 -26.54 -8.31 40.17
C GLY D 114 -25.76 -7.61 41.25
N VAL D 115 -24.75 -6.88 40.84
CA VAL D 115 -24.26 -5.78 41.75
C VAL D 115 -24.31 -4.40 41.11
N PRO D 116 -23.91 -3.36 41.81
CA PRO D 116 -23.53 -2.12 41.16
C PRO D 116 -22.50 -2.35 40.18
N ALA D 117 -22.71 -1.76 39.04
CA ALA D 117 -21.74 -1.73 37.99
C ALA D 117 -20.54 -0.99 38.57
N ARG D 118 -19.35 -1.51 38.29
CA ARG D 118 -18.09 -0.92 38.78
C ARG D 118 -18.03 -1.03 40.34
N ALA D 119 -18.51 -2.16 40.83
CA ALA D 119 -18.21 -2.60 42.18
C ALA D 119 -16.92 -3.37 42.04
N SER D 120 -16.02 -3.22 43.02
CA SER D 120 -14.64 -3.73 42.88
C SER D 120 -14.60 -5.24 42.82
N ALA D 121 -13.49 -5.74 42.29
CA ALA D 121 -13.30 -7.19 42.22
C ALA D 121 -13.39 -7.81 43.59
N ALA D 122 -12.79 -7.13 44.57
CA ALA D 122 -12.95 -7.52 45.97
C ALA D 122 -14.43 -7.80 46.38
N ASN D 123 -15.30 -6.91 46.01
CA ASN D 123 -16.66 -7.01 46.43
C ASN D 123 -17.40 -8.01 45.62
N LYS D 124 -17.08 -8.12 44.36
CA LYS D 124 -17.66 -9.21 43.59
C LYS D 124 -17.19 -10.55 44.14
N ALA D 125 -15.98 -10.59 44.64
CA ALA D 125 -15.49 -11.81 45.23
C ALA D 125 -16.14 -12.13 46.52
N LEU D 126 -16.36 -11.13 47.33
CA LEU D 126 -17.03 -11.35 48.58
C LEU D 126 -18.45 -11.84 48.37
N LEU D 127 -19.19 -11.32 47.42
CA LEU D 127 -20.48 -11.95 47.11
C LEU D 127 -20.38 -13.31 46.59
N LEU D 128 -19.40 -13.44 45.73
CA LEU D 128 -19.34 -14.58 44.97
C LEU D 128 -19.11 -15.63 45.98
N LYS D 129 -18.09 -15.45 46.80
CA LYS D 129 -17.78 -16.35 47.93
C LYS D 129 -18.98 -16.64 48.73
N MET D 130 -19.53 -15.58 49.24
CA MET D 130 -20.68 -15.65 50.08
C MET D 130 -21.98 -16.28 49.46
N ALA D 131 -22.05 -16.32 48.14
CA ALA D 131 -23.11 -17.06 47.49
C ALA D 131 -22.66 -18.46 47.38
N GLN D 132 -21.38 -18.68 47.03
CA GLN D 132 -20.81 -20.06 46.83
C GLN D 132 -20.72 -20.85 48.14
N GLU D 133 -21.21 -20.22 49.20
CA GLU D 133 -21.57 -20.84 50.45
C GLU D 133 -22.96 -21.43 50.49
N VAL D 134 -23.80 -20.98 49.61
CA VAL D 134 -25.26 -21.23 49.77
C VAL D 134 -25.90 -21.89 48.56
N VAL D 135 -25.45 -21.36 47.44
CA VAL D 135 -25.68 -21.93 46.12
C VAL D 135 -24.34 -22.41 45.66
N HIS D 136 -24.38 -23.35 44.72
CA HIS D 136 -23.11 -24.02 44.38
C HIS D 136 -22.42 -23.20 43.33
N THR D 137 -23.23 -22.67 42.41
CA THR D 137 -22.67 -21.88 41.30
C THR D 137 -23.41 -20.62 41.08
N ALA D 138 -22.65 -19.56 40.98
CA ALA D 138 -23.14 -18.25 41.20
C ALA D 138 -22.45 -17.34 40.26
N LEU D 139 -23.14 -16.28 39.92
CA LEU D 139 -22.66 -15.37 38.89
C LEU D 139 -22.99 -13.94 39.18
N VAL D 140 -21.97 -13.12 39.12
CA VAL D 140 -22.17 -11.79 39.51
C VAL D 140 -21.98 -10.79 38.39
N VAL D 141 -23.04 -10.10 37.99
CA VAL D 141 -22.95 -9.17 36.86
C VAL D 141 -23.43 -7.82 37.20
N SER D 142 -23.16 -6.85 36.34
CA SER D 142 -23.78 -5.51 36.56
C SER D 142 -25.36 -5.47 36.58
N GLU D 143 -25.99 -4.96 37.60
CA GLU D 143 -27.42 -4.77 37.58
C GLU D 143 -27.84 -4.09 36.31
N PRO D 144 -27.36 -2.89 36.08
CA PRO D 144 -27.86 -2.26 34.92
C PRO D 144 -27.80 -3.13 33.63
N PHE D 145 -26.76 -3.93 33.48
CA PHE D 145 -26.67 -4.71 32.26
C PHE D 145 -27.75 -5.72 32.29
N MET D 146 -27.91 -6.36 33.43
CA MET D 146 -28.83 -7.49 33.46
C MET D 146 -30.22 -6.84 33.37
N VAL D 147 -30.43 -5.63 33.76
CA VAL D 147 -31.66 -4.97 33.33
C VAL D 147 -31.82 -4.92 31.87
N GLY D 148 -30.80 -4.34 31.24
CA GLY D 148 -30.82 -4.10 29.83
C GLY D 148 -31.08 -5.45 29.16
N TYR D 149 -30.48 -6.49 29.68
CA TYR D 149 -30.63 -7.80 29.09
C TYR D 149 -32.00 -8.34 29.29
N GLY D 150 -32.65 -7.81 30.30
CA GLY D 150 -34.06 -8.02 30.58
C GLY D 150 -35.06 -7.36 29.66
N LEU D 151 -34.57 -6.54 28.77
CA LEU D 151 -35.42 -5.86 27.81
C LEU D 151 -34.89 -5.94 26.37
N ASP D 152 -33.96 -6.86 26.14
CA ASP D 152 -33.28 -7.00 24.84
C ASP D 152 -32.50 -5.75 24.40
N LYS D 153 -32.40 -4.79 25.28
CA LYS D 153 -31.75 -3.57 24.94
C LYS D 153 -30.34 -3.84 25.36
N LEU D 154 -29.61 -4.45 24.43
CA LEU D 154 -28.22 -4.62 24.67
C LEU D 154 -27.35 -3.87 23.71
N ILE D 155 -27.89 -2.80 23.10
CA ILE D 155 -27.25 -2.20 21.94
C ILE D 155 -27.62 -0.77 21.77
N ASN D 156 -26.59 0.05 21.82
CA ASN D 156 -26.75 1.47 21.59
C ASN D 156 -27.81 2.05 22.54
N THR D 157 -27.56 1.78 23.80
CA THR D 157 -28.55 1.96 24.87
C THR D 157 -27.80 2.56 26.04
N ILE D 158 -28.44 3.45 26.72
CA ILE D 158 -27.94 3.66 28.07
C ILE D 158 -28.98 3.10 28.99
N ILE D 159 -28.57 2.44 29.99
CA ILE D 159 -29.44 2.37 31.10
C ILE D 159 -29.03 3.28 32.23
N VAL D 160 -29.98 3.65 33.04
CA VAL D 160 -29.61 4.28 34.25
C VAL D 160 -30.40 3.63 35.25
N ASP D 161 -29.84 2.64 35.83
CA ASP D 161 -30.45 2.21 37.01
C ASP D 161 -30.34 3.29 38.11
N ILE D 162 -31.35 4.07 38.39
CA ILE D 162 -31.21 4.80 39.67
C ILE D 162 -31.77 3.89 40.68
N GLY D 163 -30.98 3.53 41.66
CA GLY D 163 -31.49 2.78 42.78
C GLY D 163 -31.48 3.62 44.05
N ALA D 164 -31.23 2.93 45.16
CA ALA D 164 -31.02 3.48 46.51
C ALA D 164 -29.67 3.83 46.78
N GLY D 165 -28.80 2.87 46.56
CA GLY D 165 -27.46 3.05 46.97
C GLY D 165 -26.62 3.84 45.95
N THR D 166 -27.04 3.67 44.73
CA THR D 166 -26.17 3.82 43.62
C THR D 166 -26.99 4.06 42.45
N THR D 167 -26.53 4.95 41.68
CA THR D 167 -27.18 5.06 40.47
C THR D 167 -26.18 4.46 39.59
N ASP D 168 -26.54 3.55 38.75
CA ASP D 168 -25.56 2.95 37.87
C ASP D 168 -25.92 3.28 36.54
N ILE D 169 -25.04 3.36 35.69
CA ILE D 169 -25.41 3.89 34.44
C ILE D 169 -24.51 3.17 33.54
N CYS D 170 -25.04 2.60 32.55
CA CYS D 170 -24.29 1.66 31.94
C CYS D 170 -24.63 1.80 30.48
N ALA D 171 -23.64 2.16 29.68
CA ALA D 171 -23.88 2.12 28.22
C ALA D 171 -23.86 0.63 27.82
N LEU D 172 -24.83 0.24 27.03
CA LEU D 172 -24.84 -1.12 26.52
C LEU D 172 -24.26 -1.07 25.17
N LYS D 173 -22.96 -0.86 25.22
CA LYS D 173 -22.24 -0.51 24.01
C LYS D 173 -22.06 -1.81 23.25
N GLY D 174 -23.16 -2.14 22.61
CA GLY D 174 -23.41 -3.48 22.26
C GLY D 174 -23.10 -4.33 23.47
N THR D 175 -22.50 -5.48 23.24
CA THR D 175 -22.80 -6.61 24.10
C THR D 175 -21.84 -6.85 25.17
N VAL D 176 -20.61 -6.57 24.87
CA VAL D 176 -19.66 -6.68 25.93
C VAL D 176 -20.14 -5.77 27.12
N PRO D 177 -20.57 -6.32 28.31
CA PRO D 177 -21.05 -5.32 29.40
C PRO D 177 -19.84 -4.68 30.03
N GLY D 178 -19.78 -3.37 30.11
CA GLY D 178 -18.39 -2.73 30.07
C GLY D 178 -17.65 -2.69 31.42
N PRO D 179 -16.50 -1.95 31.52
CA PRO D 179 -16.06 -1.32 32.80
C PRO D 179 -15.52 0.08 32.64
N GLU D 180 -15.47 0.60 31.41
CA GLU D 180 -15.46 2.08 31.16
C GLU D 180 -16.77 2.59 30.61
N ASP D 181 -17.63 1.66 30.20
CA ASP D 181 -18.99 1.90 29.80
C ASP D 181 -19.93 1.75 30.94
N GLN D 182 -19.46 1.43 32.12
CA GLN D 182 -20.27 1.59 33.33
C GLN D 182 -19.92 2.88 34.04
N VAL D 183 -20.72 3.25 34.97
CA VAL D 183 -20.50 4.38 35.79
C VAL D 183 -21.36 4.13 36.96
N THR D 184 -20.96 4.60 38.12
CA THR D 184 -21.84 4.51 39.28
C THR D 184 -21.71 5.81 39.95
N LEU D 185 -22.79 6.33 40.41
CA LEU D 185 -22.71 7.42 41.30
C LEU D 185 -23.19 6.98 42.65
N THR D 186 -22.71 7.69 43.66
CA THR D 186 -23.16 7.43 45.01
C THR D 186 -24.40 8.24 45.26
N LYS D 187 -24.49 9.42 44.68
CA LYS D 187 -25.77 10.10 44.77
C LYS D 187 -26.89 9.29 44.15
N ALA D 188 -27.63 8.61 45.00
CA ALA D 188 -28.82 7.86 44.55
C ALA D 188 -29.89 7.98 45.56
N GLY D 189 -30.93 7.25 45.42
CA GLY D 189 -32.00 7.38 46.37
C GLY D 189 -31.65 7.90 47.77
N ASN D 190 -30.85 7.10 48.40
CA ASN D 190 -30.61 7.37 49.75
C ASN D 190 -30.18 8.74 49.89
N TYR D 191 -29.24 9.16 49.09
CA TYR D 191 -28.77 10.59 49.13
C TYR D 191 -29.82 11.56 48.84
N VAL D 192 -30.81 11.21 48.08
CA VAL D 192 -31.92 12.10 48.04
C VAL D 192 -32.57 12.25 49.39
N ASP D 193 -32.75 11.19 50.11
CA ASP D 193 -33.44 11.34 51.37
C ASP D 193 -32.66 12.11 52.29
N GLU D 194 -31.43 11.77 52.48
CA GLU D 194 -30.59 12.55 53.38
C GLU D 194 -30.78 13.92 53.05
N ARG D 195 -30.83 14.22 51.81
CA ARG D 195 -30.93 15.59 51.44
C ARG D 195 -32.24 16.16 51.75
N LEU D 196 -33.24 15.50 51.28
CA LEU D 196 -34.59 15.93 51.48
C LEU D 196 -34.81 16.29 52.87
N GLN D 197 -34.49 15.40 53.75
CA GLN D 197 -34.50 15.67 55.15
C GLN D 197 -33.81 16.94 55.37
N ASN D 198 -32.62 17.11 54.96
CA ASN D 198 -32.09 18.40 55.25
C ASN D 198 -32.82 19.54 54.71
N ALA D 199 -33.45 19.33 53.58
CA ALA D 199 -34.29 20.36 52.94
C ALA D 199 -35.59 20.57 53.72
N ILE D 200 -36.09 19.60 54.42
CA ILE D 200 -37.23 19.90 55.18
C ILE D 200 -36.72 20.43 56.49
N LEU D 201 -35.86 19.79 57.22
CA LEU D 201 -35.40 20.41 58.45
C LEU D 201 -34.85 21.81 58.31
N GLU D 202 -34.51 22.22 57.10
CA GLU D 202 -34.05 23.57 56.86
C GLU D 202 -35.16 24.55 57.04
N ARG D 203 -36.38 24.17 56.72
CA ARG D 203 -37.50 25.11 56.66
C ARG D 203 -38.55 24.98 57.74
N HIS D 204 -38.60 23.85 58.37
CA HIS D 204 -39.53 23.60 59.45
C HIS D 204 -38.62 23.01 60.49
N PRO D 205 -37.64 23.82 60.85
CA PRO D 205 -36.61 23.39 61.77
C PRO D 205 -37.13 22.75 63.07
N GLU D 206 -38.39 22.98 63.41
CA GLU D 206 -39.04 22.30 64.51
C GLU D 206 -39.32 20.83 64.26
N LEU D 207 -39.37 20.43 63.02
CA LEU D 207 -39.68 19.06 62.74
C LEU D 207 -38.72 18.03 63.28
N GLN D 208 -39.22 16.87 63.65
CA GLN D 208 -38.38 15.69 63.64
C GLN D 208 -38.53 15.09 62.25
N MET D 209 -37.39 14.89 61.64
CA MET D 209 -37.21 13.81 60.65
C MET D 209 -36.01 12.98 60.95
N ASN D 210 -36.24 11.68 61.00
CA ASN D 210 -35.19 10.86 60.61
C ASN D 210 -35.23 10.72 59.13
N VAL D 211 -34.24 10.06 58.60
CA VAL D 211 -34.27 9.73 57.20
C VAL D 211 -35.34 8.79 56.85
N ASN D 212 -35.66 7.87 57.73
CA ASN D 212 -36.74 6.95 57.40
C ASN D 212 -38.11 7.63 57.17
N VAL D 213 -38.31 8.79 57.74
CA VAL D 213 -39.44 9.67 57.42
C VAL D 213 -39.29 10.24 56.06
N ALA D 214 -38.22 10.93 55.81
CA ALA D 214 -38.13 11.60 54.56
C ALA D 214 -38.06 10.57 53.53
N CYS D 215 -37.42 9.46 53.76
CA CYS D 215 -37.51 8.34 52.81
C CYS D 215 -38.90 8.16 52.29
N ALA D 216 -39.84 8.14 53.20
CA ALA D 216 -41.27 8.10 52.88
C ALA D 216 -41.86 9.42 52.34
N VAL D 217 -41.62 10.55 52.87
CA VAL D 217 -41.95 11.61 52.06
C VAL D 217 -41.48 11.43 50.65
N LYS D 218 -40.29 11.12 50.40
CA LYS D 218 -39.82 11.03 49.03
C LYS D 218 -40.61 9.99 48.30
N GLU D 219 -40.65 8.76 48.74
CA GLU D 219 -41.43 7.80 47.99
C GLU D 219 -42.78 8.35 47.58
N GLN D 220 -43.46 8.96 48.50
CA GLN D 220 -44.81 9.44 48.23
C GLN D 220 -45.00 10.69 47.33
N PHE D 221 -44.03 11.55 47.21
CA PHE D 221 -44.21 12.90 46.57
C PHE D 221 -43.09 13.31 45.63
N SER D 222 -42.07 12.48 45.52
CA SER D 222 -40.86 12.76 44.73
C SER D 222 -41.29 13.21 43.43
N PHE D 223 -40.76 14.28 42.92
CA PHE D 223 -40.93 14.43 41.48
C PHE D 223 -39.80 15.15 40.91
N VAL D 224 -39.78 15.49 39.63
CA VAL D 224 -38.94 16.68 39.28
C VAL D 224 -39.64 17.60 38.37
N GLY D 225 -39.07 18.80 38.31
CA GLY D 225 -39.52 19.80 37.33
C GLY D 225 -40.68 20.66 37.82
N THR D 226 -41.81 20.58 37.13
CA THR D 226 -43.03 21.21 37.60
C THR D 226 -43.64 20.44 38.76
N PRO D 227 -44.03 21.15 39.85
CA PRO D 227 -44.80 20.49 40.89
C PRO D 227 -46.25 20.29 40.46
N THR D 228 -46.56 19.05 40.18
CA THR D 228 -47.86 18.69 39.63
C THR D 228 -48.97 18.72 40.66
N GLU D 229 -48.62 18.82 41.94
CA GLU D 229 -49.62 18.86 43.01
C GLU D 229 -49.05 19.43 44.31
N VAL D 230 -49.84 19.33 45.37
CA VAL D 230 -49.46 19.85 46.68
C VAL D 230 -48.86 18.71 47.47
N ALA D 231 -47.63 18.90 47.92
CA ALA D 231 -46.96 17.88 48.69
C ALA D 231 -47.14 18.16 50.18
N SER D 232 -48.26 17.76 50.71
CA SER D 232 -48.52 17.96 52.13
C SER D 232 -48.36 16.63 52.92
N PHE D 233 -47.61 16.74 54.00
CA PHE D 233 -47.28 15.54 54.77
C PHE D 233 -47.30 15.74 56.25
N GLU D 234 -47.66 14.69 56.98
CA GLU D 234 -47.90 14.83 58.44
C GLU D 234 -46.63 14.50 59.16
N PHE D 235 -45.87 15.52 59.51
CA PHE D 235 -44.63 15.34 60.25
C PHE D 235 -44.90 15.50 61.73
N ARG D 236 -43.89 15.37 62.56
CA ARG D 236 -44.07 15.73 63.96
C ARG D 236 -43.21 16.79 64.39
N ALA D 237 -43.62 17.48 65.41
CA ALA D 237 -42.75 18.51 65.95
C ALA D 237 -42.81 18.59 67.43
N ALA D 238 -41.70 18.32 68.08
CA ALA D 238 -41.74 18.13 69.51
C ALA D 238 -42.84 17.13 69.87
N GLY D 239 -43.07 16.21 68.95
CA GLY D 239 -44.08 15.17 69.07
C GLY D 239 -45.40 15.49 68.51
N LYS D 240 -45.64 16.77 68.30
CA LYS D 240 -47.00 17.30 67.96
C LYS D 240 -47.23 17.17 66.51
N PRO D 241 -48.36 16.56 66.08
CA PRO D 241 -48.55 16.42 64.64
C PRO D 241 -48.68 17.82 64.09
N VAL D 242 -48.06 17.90 62.93
CA VAL D 242 -47.96 19.09 62.13
C VAL D 242 -48.13 18.56 60.74
N ARG D 243 -49.06 19.12 59.99
CA ARG D 243 -49.03 18.89 58.56
C ARG D 243 -48.18 20.02 57.99
N ALA D 244 -47.33 19.71 57.01
CA ALA D 244 -46.48 20.75 56.35
C ALA D 244 -46.30 20.44 54.87
N ASP D 245 -45.98 21.52 54.17
CA ASP D 245 -45.80 21.48 52.74
C ASP D 245 -44.33 21.23 52.43
N VAL D 246 -44.12 20.12 51.74
CA VAL D 246 -42.81 19.72 51.35
C VAL D 246 -42.57 19.75 49.85
N THR D 247 -43.30 20.61 49.16
CA THR D 247 -43.20 20.60 47.71
C THR D 247 -41.88 21.08 47.35
N GLU D 248 -41.48 22.20 47.93
CA GLU D 248 -40.19 22.71 47.60
C GLU D 248 -38.97 21.86 48.12
N PRO D 249 -39.03 21.32 49.36
CA PRO D 249 -38.01 20.34 49.69
C PRO D 249 -37.98 19.30 48.69
N VAL D 250 -39.06 18.69 48.42
CA VAL D 250 -38.94 17.59 47.56
C VAL D 250 -38.43 17.90 46.15
N LYS D 251 -38.84 19.02 45.62
CA LYS D 251 -38.33 19.44 44.30
C LYS D 251 -36.85 19.41 44.47
N ILE D 252 -36.34 20.26 45.37
CA ILE D 252 -34.93 20.35 45.56
C ILE D 252 -34.19 19.03 45.66
N ALA D 253 -34.77 18.13 46.41
CA ALA D 253 -34.16 16.87 46.66
C ALA D 253 -34.05 16.07 45.48
N CYS D 254 -35.06 15.94 44.70
CA CYS D 254 -34.92 14.92 43.72
C CYS D 254 -34.22 15.38 42.48
N GLU D 255 -34.38 16.63 42.17
CA GLU D 255 -33.51 17.30 41.23
C GLU D 255 -32.14 17.60 41.86
N ALA D 256 -31.68 16.75 42.73
CA ALA D 256 -30.27 16.81 43.10
C ALA D 256 -29.68 15.52 42.69
N LEU D 257 -30.50 14.53 42.43
CA LEU D 257 -29.94 13.42 41.70
C LEU D 257 -29.44 13.86 40.35
N MET D 258 -30.29 14.62 39.64
CA MET D 258 -30.22 14.55 38.21
C MET D 258 -29.00 15.07 37.48
N PRO D 259 -28.44 16.13 37.96
CA PRO D 259 -27.23 16.60 37.42
C PRO D 259 -26.26 15.54 37.15
N ASP D 260 -26.00 14.71 38.14
CA ASP D 260 -24.90 13.74 37.97
C ASP D 260 -25.21 12.72 36.92
N ILE D 261 -26.48 12.33 36.90
CA ILE D 261 -26.97 11.33 35.95
C ILE D 261 -26.87 11.83 34.58
N ILE D 262 -27.30 13.03 34.41
CA ILE D 262 -27.23 13.64 33.13
C ILE D 262 -25.86 13.79 32.68
N GLU D 263 -25.00 14.37 33.49
CA GLU D 263 -23.65 14.52 33.09
C GLU D 263 -23.13 13.11 32.80
N SER D 264 -23.48 12.13 33.58
CA SER D 264 -22.91 10.84 33.26
C SER D 264 -23.54 10.07 32.12
N ILE D 265 -24.77 10.33 31.78
CA ILE D 265 -25.19 9.94 30.43
C ILE D 265 -24.43 10.70 29.32
N GLU D 266 -24.48 11.99 29.34
CA GLU D 266 -23.72 12.75 28.39
C GLU D 266 -22.34 12.09 28.26
N THR D 267 -21.75 11.75 29.36
CA THR D 267 -20.50 11.17 29.24
C THR D 267 -20.41 9.85 28.53
N LEU D 268 -21.32 8.98 28.80
CA LEU D 268 -21.40 7.71 28.05
C LEU D 268 -21.78 7.82 26.65
N LEU D 269 -22.56 8.81 26.39
CA LEU D 269 -23.06 9.06 25.05
C LEU D 269 -21.93 9.41 24.14
N ARG D 270 -21.06 10.30 24.61
CA ARG D 270 -19.96 10.67 23.82
C ARG D 270 -18.90 9.56 23.72
N SER D 271 -19.20 8.45 24.34
CA SER D 271 -18.35 7.24 24.22
C SER D 271 -18.72 6.37 23.11
N PHE D 272 -20.00 6.33 22.80
CA PHE D 272 -20.42 5.65 21.60
C PHE D 272 -19.94 6.25 20.26
N GLN D 273 -19.94 5.41 19.22
CA GLN D 273 -19.42 5.86 17.90
C GLN D 273 -20.35 6.81 17.34
N PRO D 274 -19.84 7.86 16.69
CA PRO D 274 -20.74 9.01 16.37
C PRO D 274 -21.87 8.66 15.55
N GLU D 275 -21.65 7.71 14.68
CA GLU D 275 -22.74 7.26 13.90
C GLU D 275 -24.01 6.78 14.66
N TYR D 276 -23.79 6.43 15.91
CA TYR D 276 -24.83 5.90 16.76
C TYR D 276 -25.31 6.72 17.88
N GLN D 277 -24.75 7.87 18.08
CA GLN D 277 -25.21 8.56 19.24
C GLN D 277 -26.64 9.02 19.20
N ALA D 278 -27.10 9.36 18.01
CA ALA D 278 -28.48 9.74 17.83
C ALA D 278 -29.35 8.66 18.30
N THR D 279 -28.97 7.50 17.83
CA THR D 279 -29.68 6.34 18.13
C THR D 279 -29.64 5.95 19.59
N VAL D 280 -28.53 6.20 20.22
CA VAL D 280 -28.49 5.94 21.64
C VAL D 280 -29.48 6.72 22.36
N LEU D 281 -29.49 8.01 22.12
CA LEU D 281 -30.39 8.83 22.82
C LEU D 281 -31.85 8.45 22.83
N GLN D 282 -32.29 7.91 21.72
CA GLN D 282 -33.60 7.31 21.65
C GLN D 282 -33.75 5.91 22.34
N ASN D 283 -32.67 5.52 23.00
CA ASN D 283 -32.68 4.38 23.90
C ASN D 283 -32.35 4.53 25.41
N ILE D 284 -32.31 5.76 25.95
CA ILE D 284 -32.01 5.93 27.33
C ILE D 284 -33.10 5.41 28.18
N VAL D 285 -32.73 4.54 29.09
CA VAL D 285 -33.62 3.86 30.05
C VAL D 285 -33.36 4.40 31.53
N PHE D 286 -34.36 4.40 32.35
CA PHE D 286 -34.18 4.49 33.75
C PHE D 286 -34.75 3.22 34.29
N ALA D 287 -33.99 2.47 34.98
CA ALA D 287 -34.55 1.40 35.73
C ALA D 287 -34.40 1.67 37.19
N GLY D 288 -34.86 0.70 37.98
CA GLY D 288 -34.78 0.83 39.45
C GLY D 288 -35.61 1.91 40.16
N GLY D 289 -35.61 1.82 41.47
CA GLY D 289 -36.52 2.56 42.26
C GLY D 289 -36.54 3.97 41.75
N GLY D 290 -35.40 4.67 41.82
CA GLY D 290 -35.28 6.13 41.52
C GLY D 290 -35.95 6.44 40.18
N SER D 291 -35.87 5.52 39.23
CA SER D 291 -36.71 5.62 38.05
C SER D 291 -38.28 5.78 38.34
N ARG D 292 -38.75 5.69 39.57
CA ARG D 292 -40.17 5.96 39.82
C ARG D 292 -40.42 7.39 40.13
N ILE D 293 -39.40 8.20 40.18
CA ILE D 293 -39.62 9.62 40.39
C ILE D 293 -40.69 10.18 39.39
N ARG D 294 -41.66 10.99 39.86
CA ARG D 294 -42.63 11.56 38.90
C ARG D 294 -41.98 12.64 38.06
N GLY D 295 -42.29 12.55 36.77
CA GLY D 295 -41.82 13.53 35.79
C GLY D 295 -40.38 13.33 35.40
N LEU D 296 -39.82 12.17 35.70
CA LEU D 296 -38.36 12.01 35.57
C LEU D 296 -38.08 12.08 34.14
N ALA D 297 -38.83 11.21 33.49
CA ALA D 297 -38.67 11.04 32.09
C ALA D 297 -38.44 12.40 31.39
N ALA D 298 -39.46 13.16 31.55
CA ALA D 298 -39.59 14.35 30.84
C ALA D 298 -38.54 15.38 31.28
N TYR D 299 -38.17 15.31 32.54
CA TYR D 299 -37.13 16.20 33.00
C TYR D 299 -35.81 15.88 32.33
N VAL D 300 -35.54 14.60 32.15
CA VAL D 300 -34.33 14.18 31.45
C VAL D 300 -34.37 14.67 30.01
N LYS D 301 -35.43 14.29 29.32
CA LYS D 301 -35.60 14.76 27.93
C LYS D 301 -35.16 16.16 27.82
N GLU D 302 -35.73 17.01 28.64
CA GLU D 302 -35.39 18.39 28.63
C GLU D 302 -33.90 18.65 28.94
N LYS D 303 -33.32 17.91 29.85
CA LYS D 303 -31.90 18.09 30.15
C LYS D 303 -30.96 17.71 29.03
N LEU D 304 -31.45 16.83 28.21
CA LEU D 304 -30.64 16.29 27.13
C LEU D 304 -30.88 16.95 25.77
N ARG D 305 -31.71 17.97 25.68
CA ARG D 305 -32.00 18.55 24.34
C ARG D 305 -30.73 18.96 23.63
N PRO D 306 -29.72 19.36 24.39
CA PRO D 306 -28.38 19.65 23.80
C PRO D 306 -27.70 18.53 23.08
N PHE D 307 -28.13 17.31 23.34
CA PHE D 307 -27.64 16.16 22.60
C PHE D 307 -28.61 15.66 21.56
N GLY D 308 -29.81 16.18 21.55
CA GLY D 308 -30.78 15.76 20.57
C GLY D 308 -32.09 15.38 21.18
N ASP D 309 -32.92 14.77 20.34
CA ASP D 309 -34.18 14.31 20.81
C ASP D 309 -33.94 12.98 21.50
N ALA D 310 -33.92 13.08 22.82
CA ALA D 310 -33.89 11.90 23.66
C ALA D 310 -35.28 11.37 23.75
N ASN D 311 -35.37 10.06 23.76
CA ASN D 311 -36.60 9.41 24.12
C ASN D 311 -36.28 8.59 25.34
N VAL D 312 -36.66 9.12 26.49
CA VAL D 312 -36.30 8.45 27.72
C VAL D 312 -37.43 7.70 28.27
N THR D 313 -37.16 6.48 28.65
CA THR D 313 -38.21 5.65 29.19
C THR D 313 -37.82 5.11 30.52
N CYS D 314 -38.82 4.97 31.35
CA CYS D 314 -38.60 4.45 32.65
C CYS D 314 -39.24 3.13 32.56
N VAL D 315 -38.54 2.08 32.88
CA VAL D 315 -39.11 0.72 32.71
C VAL D 315 -40.48 0.45 33.28
N LYS D 316 -41.09 -0.64 32.84
CA LYS D 316 -42.47 -0.97 33.20
C LYS D 316 -42.73 -1.28 34.70
N ASP D 317 -41.89 -2.15 35.27
CA ASP D 317 -42.00 -2.61 36.68
C ASP D 317 -40.60 -2.57 37.31
N PRO D 318 -40.22 -1.41 37.89
CA PRO D 318 -38.86 -1.24 38.34
C PRO D 318 -38.47 -2.27 39.36
N THR D 319 -39.46 -2.93 39.95
CA THR D 319 -39.21 -3.84 41.02
C THR D 319 -38.41 -5.04 40.64
N PHE D 320 -38.67 -5.61 39.50
CA PHE D 320 -37.99 -6.82 39.17
C PHE D 320 -37.05 -6.83 37.97
N ASP D 321 -37.04 -5.76 37.19
CA ASP D 321 -36.32 -5.81 35.91
C ASP D 321 -34.89 -6.26 36.05
N GLY D 322 -34.30 -5.79 37.13
CA GLY D 322 -33.06 -6.31 37.65
C GLY D 322 -33.07 -7.82 37.60
N CYS D 323 -33.75 -8.46 38.55
CA CYS D 323 -33.64 -9.93 38.59
C CYS D 323 -34.20 -10.55 37.34
N ARG D 324 -35.28 -9.98 36.83
CA ARG D 324 -35.93 -10.57 35.67
C ARG D 324 -34.84 -11.02 34.70
N GLY D 325 -33.97 -10.04 34.46
CA GLY D 325 -32.84 -10.18 33.62
C GLY D 325 -32.01 -11.27 34.13
N ALA D 326 -31.27 -11.01 35.16
CA ALA D 326 -30.43 -12.05 35.68
C ALA D 326 -31.05 -13.44 35.36
N LEU D 327 -32.36 -13.56 35.55
CA LEU D 327 -32.97 -14.86 35.49
C LEU D 327 -32.83 -15.40 34.14
N ARG D 328 -33.43 -14.65 33.23
CA ARG D 328 -33.33 -14.91 31.79
C ARG D 328 -31.93 -15.22 31.37
N LEU D 329 -31.02 -14.41 31.84
CA LEU D 329 -29.61 -14.61 31.66
C LEU D 329 -29.14 -15.97 32.05
N ALA D 330 -29.45 -16.43 33.22
CA ALA D 330 -29.03 -17.76 33.47
C ALA D 330 -30.12 -18.81 33.19
N GLU D 331 -31.19 -18.43 32.49
CA GLU D 331 -31.91 -19.40 31.72
C GLU D 331 -31.15 -19.82 30.45
N GLU D 332 -30.03 -19.18 30.09
CA GLU D 332 -29.58 -19.32 28.73
C GLU D 332 -28.15 -19.72 28.38
N LEU D 333 -27.40 -20.40 29.24
CA LEU D 333 -25.94 -20.68 28.92
C LEU D 333 -25.31 -22.05 29.58
N PRO D 334 -23.94 -22.18 29.80
CA PRO D 334 -23.26 -23.04 30.91
C PRO D 334 -23.66 -22.87 32.46
N ASN E 10 -13.58 -23.51 -68.05
CA ASN E 10 -13.28 -22.03 -68.25
C ASN E 10 -11.99 -21.58 -67.60
N ARG E 11 -11.45 -20.49 -68.11
CA ARG E 11 -10.17 -19.97 -67.64
C ARG E 11 -10.26 -18.51 -67.21
N LEU E 12 -9.56 -18.25 -66.12
CA LEU E 12 -9.52 -16.93 -65.49
C LEU E 12 -8.08 -16.62 -65.27
N PHE E 13 -7.59 -15.49 -65.79
CA PHE E 13 -6.21 -15.13 -65.45
C PHE E 13 -6.05 -13.87 -64.61
N LEU E 14 -5.00 -13.99 -63.80
CA LEU E 14 -4.63 -13.04 -62.78
C LEU E 14 -3.28 -12.33 -62.93
N GLY E 15 -3.40 -11.01 -62.77
CA GLY E 15 -2.32 -10.10 -62.35
C GLY E 15 -2.33 -9.81 -60.83
N VAL E 16 -1.25 -10.23 -60.27
CA VAL E 16 -1.04 -10.27 -58.87
C VAL E 16 0.33 -9.60 -58.95
N ASP E 17 0.39 -8.42 -58.38
CA ASP E 17 1.66 -7.75 -58.12
C ASP E 17 1.61 -7.98 -56.65
N LEU E 18 2.50 -8.81 -56.20
CA LEU E 18 2.45 -9.32 -54.84
C LEU E 18 3.55 -8.62 -54.15
N GLY E 19 3.20 -7.47 -53.67
CA GLY E 19 4.18 -6.50 -53.18
C GLY E 19 4.29 -6.61 -51.70
N THR E 20 5.31 -5.98 -51.18
CA THR E 20 5.74 -6.24 -49.81
C THR E 20 4.95 -5.44 -48.92
N SER E 21 4.20 -4.55 -49.47
CA SER E 21 3.38 -3.83 -48.63
C SER E 21 2.08 -3.83 -49.17
N HIS E 22 1.94 -3.83 -50.48
CA HIS E 22 0.56 -3.87 -51.06
C HIS E 22 0.43 -4.79 -52.10
N THR E 23 -0.50 -5.67 -51.98
CA THR E 23 -0.67 -6.53 -53.05
C THR E 23 -1.84 -6.09 -53.86
N ALA E 24 -1.55 -5.79 -55.09
CA ALA E 24 -2.59 -5.40 -56.00
C ALA E 24 -2.97 -6.66 -56.80
N VAL E 25 -4.20 -6.67 -57.29
CA VAL E 25 -4.54 -7.75 -58.13
C VAL E 25 -5.53 -7.35 -59.13
N MET E 26 -5.29 -7.77 -60.38
CA MET E 26 -6.28 -7.65 -61.44
C MET E 26 -6.64 -9.00 -61.98
N SER E 27 -7.88 -9.12 -62.39
CA SER E 27 -8.27 -10.35 -63.03
C SER E 27 -8.84 -10.03 -64.39
N SER E 28 -8.80 -11.06 -65.21
CA SER E 28 -9.34 -11.00 -66.53
C SER E 28 -10.80 -10.50 -66.50
N ARG E 29 -11.54 -10.89 -65.46
CA ARG E 29 -12.96 -10.58 -65.33
C ARG E 29 -13.25 -9.20 -64.70
N GLY E 30 -12.19 -8.41 -64.50
CA GLY E 30 -12.33 -7.00 -64.17
C GLY E 30 -12.31 -6.65 -62.70
N LYS E 31 -11.77 -7.52 -61.85
CA LYS E 31 -11.43 -7.06 -60.48
C LYS E 31 -10.17 -6.28 -60.66
N LYS E 32 -10.19 -5.07 -60.12
CA LYS E 32 -8.98 -4.44 -59.62
C LYS E 32 -9.30 -4.53 -58.18
N PHE E 33 -8.33 -4.98 -57.39
CA PHE E 33 -8.30 -4.57 -56.02
C PHE E 33 -6.91 -4.66 -55.53
N LEU E 34 -6.76 -3.79 -54.54
CA LEU E 34 -5.56 -3.58 -53.81
C LEU E 34 -5.78 -4.13 -52.38
N LEU E 35 -4.78 -4.66 -51.75
CA LEU E 35 -4.85 -4.81 -50.29
C LEU E 35 -3.46 -4.78 -49.70
N LYS E 36 -3.38 -4.56 -48.41
CA LYS E 36 -2.10 -4.65 -47.75
C LYS E 36 -1.65 -6.09 -47.67
N SER E 37 -0.39 -6.33 -47.89
CA SER E 37 0.16 -7.62 -47.93
C SER E 37 0.43 -7.83 -46.52
N VAL E 38 -0.53 -8.36 -45.78
CA VAL E 38 -0.35 -8.52 -44.34
C VAL E 38 -1.42 -9.25 -43.69
N VAL E 39 -1.02 -10.09 -42.80
CA VAL E 39 -1.95 -10.91 -42.24
C VAL E 39 -1.80 -10.72 -40.78
N GLY E 40 -2.93 -10.48 -40.18
CA GLY E 40 -3.08 -10.32 -38.73
C GLY E 40 -3.47 -11.67 -38.18
N TYR E 41 -2.84 -12.02 -37.12
CA TYR E 41 -3.35 -12.99 -36.26
C TYR E 41 -3.69 -12.37 -34.93
N PRO E 42 -4.75 -12.76 -34.30
CA PRO E 42 -4.95 -12.36 -32.98
C PRO E 42 -3.88 -12.93 -32.05
N LYS E 43 -3.55 -12.13 -31.04
CA LYS E 43 -2.37 -12.39 -30.21
C LYS E 43 -2.64 -13.38 -29.11
N ASP E 44 -3.90 -13.43 -28.68
CA ASP E 44 -4.29 -14.30 -27.58
C ASP E 44 -5.75 -14.61 -27.68
N VAL E 45 -6.28 -15.25 -26.65
CA VAL E 45 -7.63 -15.79 -26.72
C VAL E 45 -8.66 -14.70 -26.74
N ILE E 46 -8.24 -13.55 -26.28
CA ILE E 46 -9.05 -12.30 -26.39
C ILE E 46 -9.05 -11.66 -27.73
N GLY E 47 -7.87 -11.58 -28.27
CA GLY E 47 -7.73 -11.10 -29.64
C GLY E 47 -8.67 -11.87 -30.53
N LEU E 48 -8.69 -13.17 -30.32
CA LEU E 48 -9.41 -14.08 -31.19
C LEU E 48 -10.88 -13.76 -31.18
N LYS E 49 -11.30 -13.43 -29.98
CA LYS E 49 -12.63 -12.95 -29.72
C LYS E 49 -12.90 -11.62 -30.40
N LEU E 50 -12.05 -10.65 -30.15
CA LEU E 50 -12.20 -9.33 -30.79
C LEU E 50 -12.25 -9.34 -32.27
N LEU E 51 -11.39 -10.15 -32.83
CA LEU E 51 -11.19 -10.20 -34.26
C LEU E 51 -12.35 -10.94 -35.01
N GLY E 52 -12.95 -11.89 -34.30
CA GLY E 52 -14.09 -12.60 -34.83
C GLY E 52 -13.75 -13.67 -35.85
N ARG E 53 -12.47 -13.84 -36.10
CA ARG E 53 -12.01 -14.88 -37.03
C ARG E 53 -10.57 -15.20 -36.70
N PRO E 54 -10.08 -16.28 -37.22
CA PRO E 54 -8.82 -16.71 -36.71
C PRO E 54 -7.66 -15.95 -37.27
N TYR E 55 -7.91 -15.25 -38.39
CA TYR E 55 -6.93 -14.32 -38.94
C TYR E 55 -7.51 -13.36 -39.90
N VAL E 56 -6.88 -12.23 -40.01
CA VAL E 56 -7.25 -11.26 -41.03
C VAL E 56 -6.17 -10.97 -42.03
N VAL E 57 -6.56 -10.43 -43.16
CA VAL E 57 -5.59 -10.21 -44.16
C VAL E 57 -5.92 -8.96 -44.79
N GLY E 58 -4.91 -8.14 -45.01
CA GLY E 58 -5.13 -6.86 -45.71
C GLY E 58 -5.45 -5.70 -44.84
N ASP E 59 -6.22 -4.79 -45.35
CA ASP E 59 -6.26 -3.54 -44.64
C ASP E 59 -6.97 -3.60 -43.28
N GLU E 60 -7.97 -4.45 -43.14
CA GLU E 60 -8.53 -4.73 -41.81
C GLU E 60 -7.48 -5.18 -40.79
N ALA E 61 -6.57 -6.01 -41.23
CA ALA E 61 -5.45 -6.39 -40.37
C ALA E 61 -4.62 -5.21 -39.95
N PHE E 62 -4.37 -4.32 -40.84
CA PHE E 62 -3.60 -3.23 -40.44
C PHE E 62 -4.39 -2.18 -39.65
N GLU E 63 -5.70 -2.16 -39.78
CA GLU E 63 -6.50 -1.33 -38.86
C GLU E 63 -6.38 -1.85 -37.43
N MET E 64 -6.55 -3.16 -37.30
CA MET E 64 -6.52 -3.83 -36.00
C MET E 64 -5.11 -4.19 -35.53
N ARG E 65 -4.19 -3.31 -35.89
CA ARG E 65 -2.76 -3.63 -35.91
C ARG E 65 -2.36 -3.66 -34.49
N SER E 66 -3.15 -2.86 -33.77
CA SER E 66 -3.14 -2.76 -32.25
C SER E 66 -3.10 -4.14 -31.52
N TYR E 67 -4.07 -4.92 -31.87
CA TYR E 67 -4.23 -6.04 -31.13
C TYR E 67 -4.08 -7.32 -31.84
N LEU E 68 -3.55 -7.22 -33.08
CA LEU E 68 -3.07 -8.36 -33.88
C LEU E 68 -1.62 -8.36 -34.07
N ASP E 69 -1.10 -9.52 -34.29
CA ASP E 69 0.28 -9.64 -34.61
C ASP E 69 0.19 -9.59 -36.10
N ILE E 70 0.60 -8.48 -36.66
CA ILE E 70 0.52 -8.36 -38.09
C ILE E 70 1.83 -8.83 -38.65
N ARG E 71 1.79 -9.70 -39.65
CA ARG E 71 2.96 -10.35 -40.21
C ARG E 71 2.90 -10.13 -41.62
N TYR E 72 3.89 -9.46 -42.08
CA TYR E 72 4.02 -9.30 -43.46
C TYR E 72 4.65 -10.56 -43.95
N PRO E 73 4.22 -11.02 -45.06
CA PRO E 73 4.67 -12.32 -45.37
C PRO E 73 5.82 -12.24 -46.33
N LEU E 74 6.09 -11.03 -46.81
CA LEU E 74 7.14 -10.73 -47.80
C LEU E 74 7.79 -9.55 -47.21
N GLN E 75 9.08 -9.61 -46.94
CA GLN E 75 9.83 -8.39 -46.87
C GLN E 75 10.97 -8.69 -47.76
N ASP E 76 11.52 -7.60 -48.26
CA ASP E 76 12.38 -7.62 -49.45
C ASP E 76 11.67 -8.27 -50.57
N GLY E 77 10.39 -8.10 -50.58
CA GLY E 77 9.54 -8.68 -51.60
C GLY E 77 9.50 -10.19 -51.73
N VAL E 78 10.66 -10.79 -51.89
CA VAL E 78 10.88 -12.20 -51.70
C VAL E 78 10.03 -12.75 -50.61
N LEU E 79 9.49 -13.92 -50.86
CA LEU E 79 8.51 -14.47 -49.93
C LEU E 79 9.22 -15.09 -48.82
N SER E 80 8.86 -14.75 -47.59
CA SER E 80 9.78 -15.00 -46.45
C SER E 80 9.86 -16.42 -45.98
N GLU E 81 11.09 -16.84 -45.67
CA GLU E 81 11.21 -17.96 -44.78
C GLU E 81 12.27 -17.68 -43.72
N ILE E 82 11.88 -16.93 -42.71
CA ILE E 82 12.58 -16.84 -41.43
C ILE E 82 11.64 -17.34 -40.38
N SER E 83 10.62 -18.03 -40.81
CA SER E 83 9.83 -18.83 -39.89
C SER E 83 9.07 -19.90 -40.69
N ASP E 84 8.80 -21.02 -40.06
CA ASP E 84 7.93 -22.01 -40.71
C ASP E 84 6.51 -21.44 -40.72
N ARG E 85 6.22 -20.58 -39.74
CA ARG E 85 4.98 -19.84 -39.75
C ARG E 85 4.82 -18.99 -41.00
N ASP E 86 5.82 -18.24 -41.38
CA ASP E 86 5.67 -17.31 -42.54
C ASP E 86 5.25 -17.96 -43.84
N ILE E 87 5.40 -19.25 -43.90
CA ILE E 87 4.82 -20.00 -45.01
C ILE E 87 3.28 -20.05 -44.97
N GLU E 88 2.78 -20.30 -43.77
CA GLU E 88 1.33 -20.31 -43.53
C GLU E 88 0.77 -18.95 -43.72
N VAL E 89 1.51 -17.94 -43.28
CA VAL E 89 1.07 -16.59 -43.53
C VAL E 89 0.89 -16.49 -44.98
N ALA E 90 1.95 -16.68 -45.69
CA ALA E 90 1.82 -16.38 -47.07
C ALA E 90 0.68 -17.12 -47.64
N ARG E 91 0.52 -18.37 -47.21
CA ARG E 91 -0.63 -19.15 -47.74
C ARG E 91 -1.85 -18.27 -47.57
N HIS E 92 -2.05 -17.72 -46.37
CA HIS E 92 -3.27 -16.96 -46.10
C HIS E 92 -3.30 -15.83 -46.98
N LEU E 93 -2.19 -15.21 -47.21
CA LEU E 93 -2.33 -14.00 -47.97
C LEU E 93 -2.81 -14.39 -49.30
N LEU E 94 -2.11 -15.35 -49.84
CA LEU E 94 -2.34 -15.68 -51.21
C LEU E 94 -3.71 -16.26 -51.40
N THR E 95 -4.09 -17.13 -50.48
CA THR E 95 -5.43 -17.69 -50.48
C THR E 95 -6.45 -16.59 -50.56
N HIS E 96 -6.27 -15.62 -49.70
CA HIS E 96 -7.13 -14.48 -49.68
C HIS E 96 -7.09 -13.66 -50.96
N VAL E 97 -5.96 -13.42 -51.56
CA VAL E 97 -6.00 -12.64 -52.82
C VAL E 97 -6.62 -13.38 -53.97
N VAL E 98 -6.43 -14.69 -54.00
CA VAL E 98 -7.09 -15.45 -55.01
C VAL E 98 -8.58 -15.44 -54.76
N LYS E 99 -8.96 -15.78 -53.54
CA LYS E 99 -10.37 -15.85 -53.18
C LYS E 99 -11.06 -14.51 -53.45
N SER E 100 -10.39 -13.41 -53.20
CA SER E 100 -11.00 -12.11 -53.44
C SER E 100 -10.99 -11.74 -54.92
N ALA E 101 -10.40 -12.59 -55.75
CA ALA E 101 -10.61 -12.54 -57.21
C ALA E 101 -11.99 -13.10 -57.66
N GLU E 102 -12.69 -13.71 -56.71
CA GLU E 102 -14.03 -14.29 -56.86
C GLU E 102 -14.19 -15.31 -57.97
N PRO E 103 -13.56 -16.48 -57.78
CA PRO E 103 -13.75 -17.39 -58.88
C PRO E 103 -14.03 -18.86 -58.60
N GLY E 104 -15.06 -19.32 -59.31
CA GLY E 104 -15.45 -20.71 -59.29
C GLY E 104 -16.88 -20.93 -59.74
N PRO E 105 -17.38 -22.14 -59.49
CA PRO E 105 -16.60 -23.29 -58.99
C PRO E 105 -15.70 -23.93 -60.05
N ASN E 106 -16.09 -23.81 -61.31
CA ASN E 106 -15.34 -24.38 -62.45
C ASN E 106 -14.52 -23.28 -63.14
N ASP E 107 -13.51 -22.84 -62.40
CA ASP E 107 -12.58 -21.81 -62.88
C ASP E 107 -11.16 -22.19 -62.61
N GLU E 108 -10.42 -22.16 -63.68
CA GLU E 108 -9.07 -22.64 -63.72
C GLU E 108 -8.31 -21.33 -63.69
N ILE E 109 -7.59 -21.12 -62.58
CA ILE E 109 -6.87 -19.87 -62.34
C ILE E 109 -5.42 -19.97 -62.86
N CYS E 110 -5.17 -19.09 -63.85
CA CYS E 110 -3.86 -18.82 -64.44
C CYS E 110 -3.38 -17.45 -64.01
N ALA E 111 -2.21 -17.43 -63.39
CA ALA E 111 -1.80 -16.27 -62.64
C ALA E 111 -0.49 -15.88 -63.01
N VAL E 112 -0.40 -14.56 -62.97
CA VAL E 112 0.86 -13.95 -62.98
C VAL E 112 1.14 -13.20 -61.71
N ILE E 113 2.20 -13.66 -61.12
CA ILE E 113 2.79 -12.98 -60.10
C ILE E 113 4.07 -12.23 -60.54
N GLY E 114 4.15 -11.00 -60.06
CA GLY E 114 5.42 -10.25 -60.03
C GLY E 114 6.23 -10.54 -58.79
N VAL E 115 7.52 -10.66 -58.98
CA VAL E 115 8.41 -10.48 -57.81
C VAL E 115 9.43 -9.33 -57.98
N PRO E 116 10.25 -9.02 -56.98
CA PRO E 116 11.47 -8.33 -57.21
C PRO E 116 12.29 -8.97 -58.23
N ALA E 117 12.78 -8.17 -59.14
CA ALA E 117 13.73 -8.57 -60.15
C ALA E 117 14.94 -9.02 -59.42
N ARG E 118 15.51 -10.13 -59.86
CA ARG E 118 16.69 -10.70 -59.19
C ARG E 118 16.35 -11.18 -57.74
N ALA E 119 15.14 -11.75 -57.62
CA ALA E 119 14.78 -12.59 -56.47
C ALA E 119 15.22 -14.00 -56.86
N SER E 120 15.78 -14.74 -55.90
CA SER E 120 16.51 -15.99 -56.20
C SER E 120 15.57 -17.04 -56.73
N ALA E 121 16.13 -18.02 -57.40
CA ALA E 121 15.34 -19.15 -57.90
C ALA E 121 14.62 -19.83 -56.78
N ALA E 122 15.27 -20.00 -55.65
CA ALA E 122 14.59 -20.48 -54.43
C ALA E 122 13.26 -19.76 -54.13
N ASN E 123 13.30 -18.45 -54.19
CA ASN E 123 12.12 -17.66 -53.83
C ASN E 123 11.08 -17.63 -54.89
N LYS E 124 11.50 -17.65 -56.12
CA LYS E 124 10.55 -17.82 -57.18
C LYS E 124 9.92 -19.16 -57.07
N ALA E 125 10.67 -20.14 -56.62
CA ALA E 125 10.09 -21.49 -56.44
C ALA E 125 9.13 -21.54 -55.29
N LEU E 126 9.44 -20.86 -54.20
CA LEU E 126 8.52 -20.84 -53.07
C LEU E 126 7.24 -20.20 -53.42
N LEU E 127 7.25 -19.13 -54.16
CA LEU E 127 5.98 -18.60 -54.62
C LEU E 127 5.29 -19.46 -55.55
N LEU E 128 6.06 -20.01 -56.42
CA LEU E 128 5.50 -20.62 -57.50
C LEU E 128 4.79 -21.73 -56.87
N LYS E 129 5.49 -22.51 -56.04
CA LYS E 129 4.88 -23.64 -55.24
C LYS E 129 3.63 -23.19 -54.53
N MET E 130 3.80 -22.18 -53.72
CA MET E 130 2.75 -21.63 -52.94
C MET E 130 1.58 -21.02 -53.71
N ALA E 131 1.78 -20.72 -54.97
CA ALA E 131 0.66 -20.33 -55.81
C ALA E 131 0.08 -21.58 -56.37
N GLN E 132 0.92 -22.54 -56.79
CA GLN E 132 0.43 -23.81 -57.41
C GLN E 132 -0.29 -24.71 -56.41
N GLU E 133 -0.44 -24.16 -55.20
CA GLU E 133 -1.35 -24.64 -54.17
C GLU E 133 -2.72 -24.06 -54.26
N VAL E 134 -2.88 -22.98 -54.97
CA VAL E 134 -4.15 -22.20 -54.90
C VAL E 134 -4.78 -21.93 -56.22
N VAL E 135 -3.89 -21.63 -57.15
CA VAL E 135 -4.16 -21.55 -58.59
C VAL E 135 -3.42 -22.72 -59.20
N HIS E 136 -3.87 -23.11 -60.36
CA HIS E 136 -3.33 -24.36 -60.92
C HIS E 136 -2.08 -24.01 -61.67
N THR E 137 -2.13 -22.89 -62.39
CA THR E 137 -0.99 -22.48 -63.22
C THR E 137 -0.64 -21.04 -63.06
N ALA E 138 0.65 -20.83 -62.80
CA ALA E 138 1.14 -19.64 -62.13
C ALA E 138 2.45 -19.28 -62.72
N LEU E 139 2.70 -17.98 -62.76
CA LEU E 139 3.84 -17.46 -63.51
C LEU E 139 4.48 -16.30 -62.83
N VAL E 140 5.77 -16.43 -62.62
CA VAL E 140 6.46 -15.49 -61.77
C VAL E 140 7.48 -14.70 -62.53
N VAL E 141 7.22 -13.41 -62.72
CA VAL E 141 8.12 -12.59 -63.52
C VAL E 141 8.64 -11.39 -62.74
N SER E 142 9.64 -10.69 -63.27
CA SER E 142 10.00 -9.41 -62.65
C SER E 142 8.96 -8.32 -62.59
N GLU E 143 8.66 -7.77 -61.44
CA GLU E 143 7.74 -6.65 -61.38
C GLU E 143 8.10 -5.56 -62.38
N PRO E 144 9.28 -5.02 -62.27
CA PRO E 144 9.55 -3.96 -63.20
C PRO E 144 9.30 -4.28 -64.67
N PHE E 145 9.55 -5.50 -65.06
CA PHE E 145 9.33 -5.83 -66.45
C PHE E 145 7.89 -5.84 -66.76
N MET E 146 7.11 -6.45 -65.89
CA MET E 146 5.69 -6.62 -66.15
C MET E 146 5.13 -5.14 -65.99
N VAL E 147 5.69 -4.24 -65.23
CA VAL E 147 5.32 -2.84 -65.45
C VAL E 147 5.53 -2.30 -66.81
N GLY E 148 6.75 -2.47 -67.24
CA GLY E 148 7.18 -1.98 -68.52
C GLY E 148 6.24 -2.56 -69.56
N TYR E 149 5.90 -3.82 -69.41
CA TYR E 149 5.06 -4.51 -70.40
C TYR E 149 3.68 -3.98 -70.36
N GLY E 150 3.36 -3.43 -69.20
CA GLY E 150 2.16 -2.67 -68.97
C GLY E 150 2.06 -1.32 -69.67
N LEU E 151 3.11 -0.88 -70.29
CA LEU E 151 3.13 0.43 -70.97
C LEU E 151 3.72 0.35 -72.36
N ASP E 152 3.83 -0.87 -72.86
CA ASP E 152 4.54 -1.10 -74.14
C ASP E 152 6.03 -0.62 -74.20
N LYS E 153 6.58 -0.30 -73.06
CA LYS E 153 7.93 0.11 -72.99
C LYS E 153 8.70 -1.14 -72.69
N LEU E 154 9.02 -1.82 -73.75
CA LEU E 154 9.85 -2.93 -73.59
C LEU E 154 11.13 -2.84 -74.32
N ILE E 155 11.57 -1.61 -74.58
CA ILE E 155 12.70 -1.38 -75.49
C ILE E 155 13.42 -0.10 -75.23
N ASN E 156 14.70 -0.25 -74.93
CA ASN E 156 15.53 0.92 -74.67
C ASN E 156 14.94 1.79 -73.61
N THR E 157 14.67 1.15 -72.51
CA THR E 157 13.88 1.68 -71.42
C THR E 157 14.53 1.31 -70.11
N ILE E 158 14.51 2.19 -69.18
CA ILE E 158 14.73 1.71 -67.89
C ILE E 158 13.47 1.85 -67.18
N ILE E 159 13.12 0.91 -66.40
CA ILE E 159 12.24 1.18 -65.32
C ILE E 159 12.90 1.28 -63.98
N VAL E 160 12.35 2.04 -63.12
CA VAL E 160 12.74 1.94 -61.82
C VAL E 160 11.55 1.78 -60.98
N ASP E 161 11.15 0.54 -60.76
CA ASP E 161 10.15 0.39 -59.75
C ASP E 161 10.73 0.83 -58.36
N ILE E 162 10.48 1.97 -57.85
CA ILE E 162 10.79 2.02 -56.47
C ILE E 162 9.62 1.61 -55.77
N GLY E 163 9.77 0.64 -54.91
CA GLY E 163 8.67 0.20 -54.05
C GLY E 163 8.94 0.48 -52.60
N ALA E 164 8.41 -0.44 -51.78
CA ALA E 164 8.67 -0.54 -50.33
C ALA E 164 9.86 -1.30 -49.97
N GLY E 165 9.92 -2.49 -50.50
CA GLY E 165 10.92 -3.36 -50.04
C GLY E 165 12.20 -3.22 -50.80
N THR E 166 12.00 -2.80 -52.01
CA THR E 166 12.94 -3.03 -53.03
C THR E 166 12.76 -2.07 -54.09
N THR E 167 13.80 -1.60 -54.58
CA THR E 167 13.67 -0.76 -55.67
C THR E 167 14.17 -1.67 -56.66
N ASP E 168 13.53 -1.82 -57.74
CA ASP E 168 14.03 -2.69 -58.75
C ASP E 168 14.23 -1.91 -59.93
N ILE E 169 15.09 -2.28 -60.77
CA ILE E 169 15.41 -1.39 -61.78
C ILE E 169 15.79 -2.24 -62.84
N CYS E 170 15.29 -1.99 -63.94
CA CYS E 170 15.32 -3.04 -64.83
C CYS E 170 15.44 -2.45 -66.19
N ALA E 171 16.52 -2.73 -66.85
CA ALA E 171 16.62 -2.27 -68.22
C ALA E 171 15.79 -3.19 -69.02
N LEU E 172 15.03 -2.59 -69.91
CA LEU E 172 14.25 -3.34 -70.83
C LEU E 172 14.95 -3.41 -72.10
N LYS E 173 16.00 -4.21 -72.00
CA LYS E 173 16.99 -4.19 -73.03
C LYS E 173 16.41 -5.01 -74.12
N GLY E 174 15.53 -4.32 -74.83
CA GLY E 174 14.56 -5.01 -75.60
C GLY E 174 14.04 -6.10 -74.73
N THR E 175 13.79 -7.25 -75.31
CA THR E 175 12.67 -7.95 -74.81
C THR E 175 12.97 -9.01 -73.85
N VAL E 176 14.07 -9.65 -74.09
CA VAL E 176 14.42 -10.63 -73.15
C VAL E 176 14.43 -9.92 -71.73
N PRO E 177 13.53 -10.26 -70.77
CA PRO E 177 13.61 -9.48 -69.41
C PRO E 177 14.76 -10.05 -68.62
N GLY E 178 15.65 -9.23 -68.14
CA GLY E 178 17.06 -9.75 -68.00
C GLY E 178 17.36 -10.54 -66.72
N PRO E 179 18.66 -10.86 -66.41
CA PRO E 179 19.15 -11.03 -65.01
C PRO E 179 20.52 -10.44 -64.74
N GLU E 180 21.14 -9.82 -65.75
CA GLU E 180 22.19 -8.75 -65.55
C GLU E 180 21.68 -7.34 -65.91
N ASP E 181 20.52 -7.29 -66.56
CA ASP E 181 19.77 -6.08 -66.82
C ASP E 181 18.80 -5.79 -65.75
N GLN E 182 18.69 -6.59 -64.76
CA GLN E 182 17.98 -6.18 -63.60
C GLN E 182 18.87 -5.72 -62.54
N VAL E 183 18.32 -5.15 -61.51
CA VAL E 183 19.06 -4.72 -60.36
C VAL E 183 18.02 -4.58 -59.31
N THR E 184 18.39 -4.80 -58.08
CA THR E 184 17.47 -4.52 -57.00
C THR E 184 18.29 -3.86 -55.96
N LEU E 185 17.76 -2.86 -55.35
CA LEU E 185 18.36 -2.37 -54.16
C LEU E 185 17.42 -2.68 -53.00
N THR E 186 18.01 -2.77 -51.84
CA THR E 186 17.24 -2.93 -50.63
C THR E 186 16.81 -1.58 -50.14
N LYS E 187 17.64 -0.59 -50.33
CA LYS E 187 17.17 0.75 -50.01
C LYS E 187 15.95 1.09 -50.85
N ALA E 188 14.82 0.98 -50.23
CA ALA E 188 13.60 1.41 -50.84
C ALA E 188 12.71 2.03 -49.84
N GLY E 189 11.48 2.28 -50.19
CA GLY E 189 10.56 2.87 -49.23
C GLY E 189 10.81 2.63 -47.75
N ASN E 190 10.72 1.40 -47.39
CA ASN E 190 10.83 1.10 -46.03
C ASN E 190 12.05 1.69 -45.48
N TYR E 191 13.16 1.54 -46.15
CA TYR E 191 14.42 2.15 -45.67
C TYR E 191 14.39 3.62 -45.61
N VAL E 192 13.62 4.26 -46.45
CA VAL E 192 13.37 5.68 -46.21
C VAL E 192 12.70 5.95 -44.89
N ASP E 193 11.72 5.20 -44.55
CA ASP E 193 11.10 5.43 -43.27
C ASP E 193 12.03 5.19 -42.15
N GLU E 194 12.65 4.04 -42.09
CA GLU E 194 13.56 3.74 -41.00
C GLU E 194 14.39 4.88 -40.90
N ARG E 195 14.79 5.42 -42.01
CA ARG E 195 15.74 6.53 -41.94
C ARG E 195 15.12 7.80 -41.46
N LEU E 196 14.05 8.12 -42.08
CA LEU E 196 13.32 9.28 -41.72
C LEU E 196 13.12 9.36 -40.25
N GLN E 197 12.53 8.33 -39.71
CA GLN E 197 12.42 8.20 -38.31
C GLN E 197 13.71 8.51 -37.69
N ASN E 198 14.78 7.89 -38.03
CA ASN E 198 15.98 8.33 -37.40
C ASN E 198 16.35 9.77 -37.56
N ALA E 199 15.96 10.32 -38.68
CA ALA E 199 16.15 11.76 -38.92
C ALA E 199 15.22 12.59 -38.08
N ILE E 200 14.05 12.12 -37.74
CA ILE E 200 13.26 12.95 -36.90
C ILE E 200 13.71 12.70 -35.48
N LEU E 201 13.73 11.50 -35.00
CA LEU E 201 14.25 11.28 -33.67
C LEU E 201 15.61 11.88 -33.40
N GLU E 202 16.36 12.23 -34.42
CA GLU E 202 17.62 12.91 -34.22
C GLU E 202 17.43 14.29 -33.70
N ARG E 203 16.36 14.94 -34.12
CA ARG E 203 16.18 16.38 -33.89
C ARG E 203 15.12 16.80 -32.88
N HIS E 204 14.23 15.88 -32.62
CA HIS E 204 13.13 16.11 -31.66
C HIS E 204 13.18 14.85 -30.86
N PRO E 205 14.37 14.64 -30.28
CA PRO E 205 14.65 13.44 -29.57
C PRO E 205 13.58 13.05 -28.54
N GLU E 206 12.77 14.00 -28.12
CA GLU E 206 11.65 13.71 -27.28
C GLU E 206 10.52 12.93 -27.97
N LEU E 207 10.45 12.97 -29.28
CA LEU E 207 9.36 12.33 -29.95
C LEU E 207 9.29 10.84 -29.77
N GLN E 208 8.09 10.31 -29.78
CA GLN E 208 7.91 8.91 -30.16
C GLN E 208 7.72 8.94 -31.66
N MET E 209 8.54 8.14 -32.32
CA MET E 209 8.15 7.52 -33.60
C MET E 209 8.39 6.08 -33.58
N ASN E 210 7.33 5.36 -33.92
CA ASN E 210 7.60 4.13 -34.56
C ASN E 210 7.78 4.41 -36.05
N VAL E 211 8.16 3.39 -36.77
CA VAL E 211 8.25 3.50 -38.21
C VAL E 211 6.93 3.67 -38.81
N ASN E 212 5.89 3.07 -38.26
CA ASN E 212 4.57 3.27 -38.86
C ASN E 212 4.10 4.70 -38.85
N VAL E 213 4.60 5.50 -37.94
CA VAL E 213 4.43 6.96 -37.95
C VAL E 213 5.17 7.53 -39.11
N ALA E 214 6.47 7.35 -39.13
CA ALA E 214 7.30 8.09 -40.11
C ALA E 214 6.82 7.56 -41.40
N CYS E 215 6.48 6.33 -41.51
CA CYS E 215 5.89 5.85 -42.74
C CYS E 215 4.96 6.83 -43.25
N ALA E 216 4.13 7.27 -42.34
CA ALA E 216 3.08 8.27 -42.65
C ALA E 216 3.58 9.68 -42.76
N VAL E 217 4.38 10.16 -41.92
CA VAL E 217 5.03 11.31 -42.39
C VAL E 217 5.54 11.22 -43.81
N LYS E 218 6.25 10.22 -44.16
CA LYS E 218 6.78 10.16 -45.51
C LYS E 218 5.68 10.15 -46.47
N GLU E 219 4.75 9.21 -46.42
CA GLU E 219 3.70 9.24 -47.44
C GLU E 219 3.19 10.64 -47.64
N GLN E 220 2.91 11.32 -46.56
CA GLN E 220 2.32 12.65 -46.65
C GLN E 220 3.19 13.85 -47.11
N PHE E 221 4.49 13.78 -47.03
CA PHE E 221 5.39 14.96 -47.23
C PHE E 221 6.66 14.72 -47.97
N SER E 222 6.88 13.47 -48.30
CA SER E 222 8.09 13.02 -49.03
C SER E 222 8.36 13.89 -50.10
N PHE E 223 9.53 14.36 -50.27
CA PHE E 223 9.78 14.94 -51.59
C PHE E 223 11.20 14.78 -51.95
N VAL E 224 11.69 15.30 -53.05
CA VAL E 224 13.15 15.62 -53.03
C VAL E 224 13.42 16.95 -53.60
N GLY E 225 14.63 17.41 -53.30
CA GLY E 225 15.19 18.63 -53.91
C GLY E 225 14.84 19.88 -53.16
N THR E 226 14.10 20.77 -53.83
CA THR E 226 13.54 21.94 -53.17
C THR E 226 12.36 21.55 -52.27
N PRO E 227 12.35 22.05 -51.02
CA PRO E 227 11.15 21.91 -50.24
C PRO E 227 10.06 22.88 -50.73
N THR E 228 9.04 22.30 -51.35
CA THR E 228 7.97 23.09 -51.97
C THR E 228 6.96 23.63 -50.97
N GLU E 229 7.03 23.17 -49.73
CA GLU E 229 6.12 23.63 -48.68
C GLU E 229 6.64 23.35 -47.27
N VAL E 230 5.79 23.56 -46.28
CA VAL E 230 6.14 23.35 -44.88
C VAL E 230 5.65 21.97 -44.49
N ALA E 231 6.56 21.15 -44.03
CA ALA E 231 6.20 19.78 -43.61
C ALA E 231 5.94 19.75 -42.11
N SER E 232 4.75 20.14 -41.71
CA SER E 232 4.42 20.17 -40.29
C SER E 232 3.49 18.98 -39.95
N PHE E 233 3.89 18.27 -38.89
CA PHE E 233 3.17 17.05 -38.53
C PHE E 233 2.99 16.86 -37.06
N GLU E 234 1.89 16.21 -36.69
CA GLU E 234 1.52 16.12 -35.25
C GLU E 234 2.05 14.85 -34.66
N PHE E 235 3.20 14.96 -34.03
CA PHE E 235 3.82 13.84 -33.39
C PHE E 235 3.47 13.78 -31.97
N ARG E 236 3.93 12.75 -31.25
CA ARG E 236 3.72 12.74 -29.79
C ARG E 236 5.00 12.84 -29.06
N ALA E 237 4.99 13.42 -27.89
CA ALA E 237 6.20 13.40 -27.07
C ALA E 237 5.87 13.12 -25.61
N ALA E 238 6.33 11.98 -25.11
CA ALA E 238 5.88 11.52 -23.79
C ALA E 238 4.34 11.51 -23.75
N GLY E 239 3.74 11.21 -24.89
CA GLY E 239 2.30 11.21 -25.02
C GLY E 239 1.66 12.50 -25.41
N LYS E 240 2.39 13.59 -25.24
CA LYS E 240 1.83 14.93 -25.43
C LYS E 240 1.85 15.30 -26.84
N PRO E 241 0.73 15.82 -27.40
CA PRO E 241 0.82 16.25 -28.80
C PRO E 241 1.72 17.42 -28.97
N VAL E 242 2.46 17.29 -30.05
CA VAL E 242 3.51 18.21 -30.45
C VAL E 242 3.33 18.30 -31.92
N ARG E 243 3.19 19.51 -32.44
CA ARG E 243 3.35 19.69 -33.88
C ARG E 243 4.83 20.02 -34.09
N ALA E 244 5.43 19.42 -35.14
CA ALA E 244 6.86 19.67 -35.48
C ALA E 244 7.07 19.68 -36.99
N ASP E 245 8.14 20.37 -37.31
CA ASP E 245 8.58 20.56 -38.67
C ASP E 245 9.55 19.44 -39.08
N VAL E 246 9.14 18.71 -40.08
CA VAL E 246 9.91 17.61 -40.57
C VAL E 246 10.41 17.82 -41.95
N THR E 247 10.58 19.07 -42.35
CA THR E 247 10.93 19.32 -43.73
C THR E 247 12.30 18.83 -43.93
N GLU E 248 13.20 19.17 -43.03
CA GLU E 248 14.52 18.69 -43.22
C GLU E 248 14.73 17.17 -43.02
N PRO E 249 14.07 16.56 -42.03
CA PRO E 249 14.10 15.09 -42.02
C PRO E 249 13.63 14.58 -43.26
N VAL E 250 12.49 14.96 -43.71
CA VAL E 250 12.03 14.36 -44.87
C VAL E 250 12.89 14.52 -46.13
N LYS E 251 13.47 15.68 -46.28
CA LYS E 251 14.40 15.93 -47.41
C LYS E 251 15.40 14.85 -47.28
N ILE E 252 16.13 14.87 -46.17
CA ILE E 252 17.19 13.89 -45.99
C ILE E 252 16.82 12.49 -46.31
N ALA E 253 15.67 12.08 -45.85
CA ALA E 253 15.25 10.74 -45.96
C ALA E 253 15.04 10.42 -47.33
N CYS E 254 14.34 11.21 -48.11
CA CYS E 254 13.94 10.64 -49.41
C CYS E 254 15.02 10.75 -50.47
N GLU E 255 15.82 11.79 -50.36
CA GLU E 255 17.11 11.84 -51.06
C GLU E 255 18.16 10.96 -50.39
N ALA E 256 17.75 9.86 -49.81
CA ALA E 256 18.69 8.82 -49.44
C ALA E 256 18.35 7.62 -50.22
N LEU E 257 17.17 7.56 -50.79
CA LEU E 257 17.00 6.62 -51.86
C LEU E 257 17.90 6.88 -53.02
N MET E 258 17.96 8.15 -53.42
CA MET E 258 18.25 8.40 -54.81
C MET E 258 19.64 8.14 -55.37
N PRO E 259 20.64 8.37 -54.60
CA PRO E 259 21.95 7.92 -54.95
C PRO E 259 22.05 6.56 -55.53
N ASP E 260 21.51 5.57 -54.85
CA ASP E 260 21.64 4.19 -55.34
C ASP E 260 20.92 3.94 -56.63
N ILE E 261 19.74 4.54 -56.75
CA ILE E 261 18.96 4.45 -57.96
C ILE E 261 19.62 5.03 -59.12
N ILE E 262 20.13 6.19 -58.92
CA ILE E 262 20.88 6.87 -59.96
C ILE E 262 22.07 6.16 -60.38
N GLU E 263 22.89 5.77 -59.42
CA GLU E 263 24.05 5.02 -59.77
C GLU E 263 23.57 3.75 -60.50
N SER E 264 22.51 3.13 -60.05
CA SER E 264 22.17 1.93 -60.75
C SER E 264 21.47 2.16 -62.08
N ILE E 265 20.84 3.28 -62.30
CA ILE E 265 20.51 3.56 -63.69
C ILE E 265 21.75 3.78 -64.51
N GLU E 266 22.55 4.68 -64.08
CA GLU E 266 23.78 4.90 -64.79
C GLU E 266 24.37 3.56 -65.15
N THR E 267 24.37 2.68 -64.18
CA THR E 267 24.93 1.38 -64.47
C THR E 267 24.23 0.57 -65.57
N LEU E 268 22.90 0.58 -65.60
CA LEU E 268 22.16 -0.04 -66.69
C LEU E 268 22.27 0.63 -67.97
N LEU E 269 22.46 1.90 -67.90
CA LEU E 269 22.52 2.66 -69.07
C LEU E 269 23.70 2.33 -69.84
N ARG E 270 24.81 2.24 -69.12
CA ARG E 270 26.05 1.93 -69.77
C ARG E 270 26.11 0.46 -70.25
N SER E 271 25.04 -0.25 -70.00
CA SER E 271 24.89 -1.61 -70.49
C SER E 271 24.31 -1.66 -71.83
N PHE E 272 23.44 -0.72 -72.11
CA PHE E 272 22.91 -0.66 -73.45
C PHE E 272 23.88 -0.30 -74.54
N GLN E 273 23.52 -0.63 -75.78
CA GLN E 273 24.45 -0.36 -76.87
C GLN E 273 24.53 1.12 -77.08
N PRO E 274 25.70 1.63 -77.41
CA PRO E 274 25.87 3.08 -77.38
C PRO E 274 25.04 3.79 -78.23
N GLU E 275 24.80 3.25 -79.37
CA GLU E 275 23.85 3.91 -80.23
C GLU E 275 22.46 4.30 -79.64
N TYR E 276 22.08 3.60 -78.59
CA TYR E 276 20.79 3.76 -77.96
C TYR E 276 20.75 4.38 -76.65
N GLN E 277 21.87 4.68 -76.10
CA GLN E 277 21.75 5.17 -74.77
C GLN E 277 21.04 6.46 -74.65
N ALA E 278 21.24 7.33 -75.64
CA ALA E 278 20.51 8.62 -75.70
C ALA E 278 19.03 8.41 -75.60
N THR E 279 18.63 7.47 -76.41
CA THR E 279 17.29 7.09 -76.44
C THR E 279 16.82 6.46 -75.15
N VAL E 280 17.68 5.70 -74.48
CA VAL E 280 17.25 5.14 -73.24
C VAL E 280 16.91 6.18 -72.31
N LEU E 281 17.78 7.14 -72.18
CA LEU E 281 17.53 8.15 -71.21
C LEU E 281 16.23 8.83 -71.30
N GLN E 282 15.75 9.01 -72.52
CA GLN E 282 14.42 9.55 -72.75
C GLN E 282 13.25 8.55 -72.48
N ASN E 283 13.61 7.40 -72.00
CA ASN E 283 12.67 6.48 -71.51
C ASN E 283 12.64 6.00 -70.05
N ILE E 284 13.40 6.66 -69.18
CA ILE E 284 13.48 6.22 -67.78
C ILE E 284 12.17 6.39 -67.13
N VAL E 285 11.72 5.35 -66.52
CA VAL E 285 10.41 5.32 -65.82
C VAL E 285 10.60 5.17 -64.29
N PHE E 286 9.67 5.66 -63.51
CA PHE E 286 9.58 5.29 -62.15
C PHE E 286 8.27 4.67 -62.03
N ALA E 287 8.17 3.45 -61.63
CA ALA E 287 6.95 2.95 -61.19
C ALA E 287 6.93 2.74 -59.72
N GLY E 288 5.81 2.28 -59.25
CA GLY E 288 5.67 1.90 -57.81
C GLY E 288 5.64 3.03 -56.77
N GLY E 289 5.34 2.66 -55.56
CA GLY E 289 5.00 3.60 -54.57
C GLY E 289 5.97 4.70 -54.61
N GLY E 290 7.22 4.37 -54.35
CA GLY E 290 8.39 5.37 -54.20
C GLY E 290 8.41 6.36 -55.38
N SER E 291 8.00 5.92 -56.57
CA SER E 291 7.71 6.85 -57.65
C SER E 291 6.63 7.95 -57.31
N ARG E 292 5.99 7.90 -56.17
CA ARG E 292 5.12 8.99 -55.84
C ARG E 292 5.81 10.10 -55.10
N ILE E 293 7.06 9.95 -54.79
CA ILE E 293 7.77 11.04 -54.14
C ILE E 293 7.59 12.37 -54.91
N ARG E 294 7.32 13.47 -54.22
CA ARG E 294 7.18 14.74 -54.93
C ARG E 294 8.53 15.22 -55.43
N GLY E 295 8.52 15.67 -56.67
CA GLY E 295 9.69 16.26 -57.30
C GLY E 295 10.69 15.23 -57.75
N LEU E 296 10.28 13.98 -57.82
CA LEU E 296 11.26 12.88 -58.01
C LEU E 296 11.78 13.08 -59.35
N ALA E 297 10.81 13.17 -60.23
CA ALA E 297 11.09 13.25 -61.62
C ALA E 297 12.25 14.19 -61.89
N ALA E 298 11.99 15.38 -61.47
CA ALA E 298 12.86 16.45 -61.76
C ALA E 298 14.21 16.34 -61.01
N TYR E 299 14.20 15.75 -59.84
CA TYR E 299 15.44 15.52 -59.15
C TYR E 299 16.32 14.53 -59.90
N VAL E 300 15.74 13.50 -60.47
CA VAL E 300 16.47 12.55 -61.28
C VAL E 300 17.03 13.26 -62.47
N LYS E 301 16.16 13.89 -63.22
CA LYS E 301 16.63 14.65 -64.43
C LYS E 301 17.90 15.30 -64.13
N GLU E 302 17.87 16.07 -63.08
CA GLU E 302 19.05 16.79 -62.67
C GLU E 302 20.23 15.86 -62.32
N LYS E 303 19.96 14.73 -61.73
CA LYS E 303 21.04 13.82 -61.37
C LYS E 303 21.66 13.18 -62.58
N LEU E 304 20.89 13.13 -63.64
CA LEU E 304 21.33 12.47 -64.84
C LEU E 304 21.83 13.38 -65.90
N ARG E 305 21.97 14.67 -65.66
CA ARG E 305 22.46 15.58 -66.74
C ARG E 305 23.80 15.15 -67.31
N PRO E 306 24.68 14.60 -66.46
CA PRO E 306 25.92 13.99 -66.96
C PRO E 306 25.80 12.92 -68.02
N PHE E 307 24.64 12.31 -68.14
CA PHE E 307 24.40 11.35 -69.19
C PHE E 307 23.61 11.90 -70.31
N GLY E 308 23.05 13.07 -70.14
CA GLY E 308 22.26 13.65 -71.20
C GLY E 308 20.94 14.16 -70.71
N ASP E 309 20.13 14.50 -71.69
CA ASP E 309 18.81 14.96 -71.38
C ASP E 309 17.95 13.74 -71.13
N ALA E 310 17.76 13.50 -69.85
CA ALA E 310 16.85 12.49 -69.42
C ALA E 310 15.48 13.06 -69.47
N ASN E 311 14.54 12.22 -69.86
CA ASN E 311 13.17 12.54 -69.71
C ASN E 311 12.63 11.47 -68.81
N VAL E 312 12.48 11.82 -67.55
CA VAL E 312 12.02 10.84 -66.59
C VAL E 312 10.56 10.98 -66.29
N THR E 313 9.87 9.88 -66.31
CA THR E 313 8.47 9.91 -66.03
C THR E 313 8.14 8.98 -64.92
N CYS E 314 7.13 9.36 -64.18
CA CYS E 314 6.66 8.55 -63.10
C CYS E 314 5.34 8.12 -63.57
N VAL E 315 5.08 6.83 -63.59
CA VAL E 315 3.85 6.31 -64.19
C VAL E 315 2.55 6.94 -63.71
N LYS E 316 1.49 6.73 -64.46
CA LYS E 316 0.19 7.38 -64.20
C LYS E 316 -0.49 6.99 -62.86
N ASP E 317 -0.57 5.70 -62.60
CA ASP E 317 -1.24 5.14 -61.40
C ASP E 317 -0.35 4.06 -60.82
N PRO E 318 0.55 4.45 -59.92
CA PRO E 318 1.55 3.52 -59.43
C PRO E 318 0.95 2.32 -58.77
N THR E 319 -0.32 2.41 -58.41
CA THR E 319 -0.97 1.36 -57.69
C THR E 319 -1.11 0.09 -58.43
N PHE E 320 -1.44 0.14 -59.69
CA PHE E 320 -1.67 -1.08 -60.40
C PHE E 320 -0.73 -1.46 -61.54
N ASP E 321 0.13 -0.57 -61.96
CA ASP E 321 0.87 -0.81 -63.20
C ASP E 321 1.55 -2.13 -63.21
N GLY E 322 2.06 -2.46 -62.04
CA GLY E 322 2.53 -3.80 -61.72
C GLY E 322 1.53 -4.78 -62.28
N CYS E 323 0.43 -4.95 -61.57
CA CYS E 323 -0.43 -6.07 -61.99
C CYS E 323 -0.98 -5.84 -63.36
N ARG E 324 -1.29 -4.59 -63.65
CA ARG E 324 -1.92 -4.27 -64.93
C ARG E 324 -1.23 -5.08 -65.99
N GLY E 325 0.08 -4.95 -65.91
CA GLY E 325 1.01 -5.65 -66.76
C GLY E 325 0.79 -7.13 -66.62
N ALA E 326 1.25 -7.71 -65.56
CA ALA E 326 1.05 -9.12 -65.40
C ALA E 326 -0.22 -9.57 -66.14
N LEU E 327 -1.26 -8.80 -65.98
CA LEU E 327 -2.54 -9.23 -66.45
C LEU E 327 -2.53 -9.39 -67.91
N ARG E 328 -2.30 -8.25 -68.53
CA ARG E 328 -2.12 -8.16 -69.98
C ARG E 328 -1.25 -9.24 -70.47
N LEU E 329 -0.16 -9.44 -69.76
CA LEU E 329 0.79 -10.48 -70.03
C LEU E 329 0.14 -11.81 -70.13
N ALA E 330 -0.66 -12.19 -69.16
CA ALA E 330 -1.26 -13.49 -69.30
C ALA E 330 -2.68 -13.40 -69.86
N GLU E 331 -3.04 -12.25 -70.40
CA GLU E 331 -4.05 -12.25 -71.46
C GLU E 331 -3.51 -12.76 -72.79
N GLU E 332 -2.21 -13.00 -72.94
CA GLU E 332 -1.68 -13.08 -74.29
C GLU E 332 -0.86 -14.27 -74.78
N LEU E 333 -0.94 -15.46 -74.19
CA LEU E 333 0.03 -16.58 -74.58
C LEU E 333 -0.51 -18.10 -74.36
N PRO E 334 0.37 -19.17 -74.19
CA PRO E 334 0.10 -20.49 -73.40
C PRO E 334 -0.34 -20.42 -71.86
N ASN F 10 -24.70 -30.41 -14.82
CA ASN F 10 -24.99 -28.98 -15.24
C ASN F 10 -23.95 -27.98 -14.77
N ARG F 11 -23.89 -26.86 -15.46
CA ARG F 11 -22.88 -25.85 -15.17
C ARG F 11 -23.50 -24.48 -14.93
N LEU F 12 -22.90 -23.82 -13.97
CA LEU F 12 -23.32 -22.49 -13.53
C LEU F 12 -22.07 -21.65 -13.48
N PHE F 13 -22.05 -20.52 -14.19
CA PHE F 13 -20.93 -19.63 -14.00
C PHE F 13 -21.23 -18.31 -13.33
N LEU F 14 -20.17 -17.90 -12.65
CA LEU F 14 -20.12 -16.72 -11.80
C LEU F 14 -19.16 -15.63 -12.16
N GLY F 15 -19.77 -14.43 -12.17
CA GLY F 15 -19.09 -13.13 -11.96
C GLY F 15 -19.16 -12.64 -10.49
N VAL F 16 -17.96 -12.54 -9.96
CA VAL F 16 -17.70 -12.23 -8.61
C VAL F 16 -16.69 -11.17 -8.87
N ASP F 17 -17.07 -9.99 -8.49
CA ASP F 17 -16.16 -8.85 -8.46
C ASP F 17 -16.08 -8.86 -6.96
N LEU F 18 -14.92 -9.21 -6.46
CA LEU F 18 -14.75 -9.48 -5.03
C LEU F 18 -13.99 -8.32 -4.55
N GLY F 19 -14.74 -7.33 -4.23
CA GLY F 19 -14.19 -6.01 -3.95
C GLY F 19 -13.97 -5.82 -2.46
N THR F 20 -13.20 -4.79 -2.12
CA THR F 20 -12.69 -4.68 -0.78
C THR F 20 -13.73 -4.12 0.06
N SER F 21 -14.76 -3.68 -0.56
CA SER F 21 -15.78 -3.19 0.22
C SER F 21 -16.99 -3.77 -0.19
N HIS F 22 -17.16 -4.00 -1.48
CA HIS F 22 -18.42 -4.56 -1.90
C HIS F 22 -18.23 -5.59 -2.79
N THR F 23 -18.80 -6.70 -2.52
CA THR F 23 -18.65 -7.75 -3.45
C THR F 23 -19.94 -7.89 -4.20
N ALA F 24 -19.78 -7.77 -5.48
CA ALA F 24 -20.90 -7.94 -6.34
C ALA F 24 -20.82 -9.29 -6.96
N VAL F 25 -21.96 -9.81 -7.33
CA VAL F 25 -21.92 -11.08 -7.95
C VAL F 25 -23.00 -11.23 -8.92
N MET F 26 -22.64 -11.73 -10.12
CA MET F 26 -23.66 -12.18 -11.12
C MET F 26 -23.50 -13.61 -11.41
N SER F 27 -24.63 -14.23 -11.67
CA SER F 27 -24.58 -15.61 -12.11
C SER F 27 -25.24 -15.73 -13.45
N SER F 28 -24.83 -16.79 -14.13
CA SER F 28 -25.38 -17.14 -15.41
C SER F 28 -26.92 -17.21 -15.33
N ARG F 29 -27.44 -17.66 -14.20
CA ARG F 29 -28.88 -17.87 -13.99
C ARG F 29 -29.63 -16.62 -13.50
N GLY F 30 -28.94 -15.48 -13.50
CA GLY F 30 -29.57 -14.19 -13.37
C GLY F 30 -29.65 -13.61 -11.98
N LYS F 31 -28.81 -14.09 -11.06
CA LYS F 31 -28.63 -13.31 -9.81
C LYS F 31 -27.75 -12.17 -10.17
N LYS F 32 -28.21 -10.98 -9.83
CA LYS F 32 -27.31 -9.91 -9.51
C LYS F 32 -27.54 -9.90 -8.06
N PHE F 33 -26.46 -9.81 -7.31
CA PHE F 33 -26.54 -9.20 -6.01
C PHE F 33 -25.19 -8.70 -5.59
N LEU F 34 -25.36 -7.72 -4.74
CA LEU F 34 -24.30 -6.98 -4.17
C LEU F 34 -24.27 -7.35 -2.71
N LEU F 35 -23.10 -7.34 -2.10
CA LEU F 35 -23.06 -7.25 -0.62
C LEU F 35 -21.78 -6.59 -0.17
N LYS F 36 -21.78 -6.15 1.06
CA LYS F 36 -20.56 -5.69 1.66
C LYS F 36 -19.61 -6.88 1.91
N SER F 37 -18.36 -6.68 1.61
CA SER F 37 -17.35 -7.70 1.69
C SER F 37 -16.92 -7.60 3.11
N VAL F 38 -17.60 -8.31 3.99
CA VAL F 38 -17.32 -8.11 5.43
C VAL F 38 -18.08 -9.09 6.23
N VAL F 39 -17.36 -9.55 7.20
CA VAL F 39 -17.94 -10.52 7.96
C VAL F 39 -17.85 -10.02 9.36
N GLY F 40 -19.01 -10.12 10.02
CA GLY F 40 -19.20 -9.82 11.45
C GLY F 40 -19.08 -11.11 12.24
N TYR F 41 -18.29 -11.02 13.27
CA TYR F 41 -18.33 -12.00 14.29
C TYR F 41 -18.86 -11.34 15.52
N PRO F 42 -19.72 -12.03 16.27
CA PRO F 42 -20.01 -11.50 17.53
C PRO F 42 -18.75 -11.47 18.47
N LYS F 43 -18.72 -10.44 19.33
CA LYS F 43 -17.51 -10.10 20.10
C LYS F 43 -17.37 -10.94 21.35
N ASP F 44 -18.51 -11.37 21.87
CA ASP F 44 -18.52 -12.15 23.11
C ASP F 44 -19.76 -12.99 23.17
N VAL F 45 -19.98 -13.59 24.32
CA VAL F 45 -21.04 -14.58 24.43
C VAL F 45 -22.41 -13.96 24.34
N ILE F 46 -22.44 -12.68 24.60
CA ILE F 46 -23.65 -11.88 24.40
C ILE F 46 -23.89 -11.52 22.97
N GLY F 47 -22.84 -11.10 22.32
CA GLY F 47 -22.93 -10.80 20.89
C GLY F 47 -23.55 -11.98 20.20
N LEU F 48 -23.09 -13.15 20.59
CA LEU F 48 -23.44 -14.39 19.92
C LEU F 48 -24.95 -14.58 20.01
N LYS F 49 -25.44 -14.24 21.18
CA LYS F 49 -26.84 -14.28 21.47
C LYS F 49 -27.58 -13.29 20.64
N LEU F 50 -27.15 -12.05 20.68
CA LEU F 50 -27.81 -10.99 19.89
C LEU F 50 -27.90 -11.28 18.44
N LEU F 51 -26.79 -11.80 17.92
CA LEU F 51 -26.61 -12.01 16.49
C LEU F 51 -27.42 -13.19 15.96
N GLY F 52 -27.62 -14.17 16.83
CA GLY F 52 -28.43 -15.31 16.51
C GLY F 52 -27.73 -16.34 15.63
N ARG F 53 -26.49 -16.06 15.27
CA ARG F 53 -25.71 -16.98 14.46
C ARG F 53 -24.25 -16.69 14.71
N PRO F 54 -23.39 -17.59 14.34
CA PRO F 54 -22.02 -17.47 14.80
C PRO F 54 -21.23 -16.47 14.02
N TYR F 55 -21.76 -16.08 12.86
CA TYR F 55 -21.20 -14.94 12.12
C TYR F 55 -22.14 -14.41 11.08
N VAL F 56 -21.95 -13.17 10.74
CA VAL F 56 -22.68 -12.60 9.64
C VAL F 56 -21.81 -12.10 8.53
N VAL F 57 -22.42 -11.95 7.37
CA VAL F 57 -21.64 -11.54 6.25
C VAL F 57 -22.43 -10.56 5.48
N GLY F 58 -21.77 -9.48 5.07
CA GLY F 58 -22.46 -8.53 4.22
C GLY F 58 -23.20 -7.46 4.96
N ASP F 59 -24.30 -6.98 4.39
CA ASP F 59 -24.77 -5.70 4.92
C ASP F 59 -25.39 -5.80 6.33
N GLU F 60 -25.98 -6.93 6.66
CA GLU F 60 -26.36 -7.16 8.06
C GLU F 60 -25.20 -7.04 9.04
N ALA F 61 -24.05 -7.52 8.66
CA ALA F 61 -22.86 -7.34 9.45
C ALA F 61 -22.51 -5.91 9.63
N PHE F 62 -22.62 -5.15 8.62
CA PHE F 62 -22.31 -3.80 8.81
C PHE F 62 -23.41 -2.98 9.50
N GLU F 63 -24.63 -3.44 9.49
CA GLU F 63 -25.66 -2.84 10.35
C GLU F 63 -25.31 -3.05 11.82
N MET F 64 -24.99 -4.30 12.15
CA MET F 64 -24.68 -4.70 13.51
C MET F 64 -23.23 -4.46 13.90
N ARG F 65 -22.71 -3.37 13.36
CA ARG F 65 -21.26 -3.13 13.27
C ARG F 65 -20.83 -2.79 14.63
N SER F 66 -21.84 -2.21 15.31
CA SER F 66 -21.84 -1.87 16.79
C SER F 66 -21.29 -3.01 17.70
N TYR F 67 -21.91 -4.16 17.55
CA TYR F 67 -21.63 -5.17 18.46
C TYR F 67 -21.07 -6.39 17.93
N LEU F 68 -20.63 -6.29 16.66
CA LEU F 68 -19.77 -7.29 15.98
C LEU F 68 -18.42 -6.80 15.69
N ASP F 69 -17.50 -7.72 15.58
CA ASP F 69 -16.19 -7.37 15.17
C ASP F 69 -16.31 -7.59 13.66
N ILE F 70 -16.31 -6.51 12.93
CA ILE F 70 -16.47 -6.65 11.51
C ILE F 70 -15.12 -6.68 10.96
N ARG F 71 -14.88 -7.68 10.10
CA ARG F 71 -13.54 -7.96 9.52
C ARG F 71 -13.66 -8.03 8.08
N TYR F 72 -12.98 -7.10 7.46
CA TYR F 72 -12.97 -7.06 6.04
C TYR F 72 -11.93 -8.05 5.68
N PRO F 73 -12.22 -8.82 4.66
CA PRO F 73 -11.32 -9.94 4.52
C PRO F 73 -10.28 -9.59 3.51
N LEU F 74 -10.49 -8.44 2.86
CA LEU F 74 -9.66 -7.92 1.74
C LEU F 74 -9.53 -6.53 2.09
N GLN F 75 -8.32 -6.08 2.26
CA GLN F 75 -8.07 -4.66 2.08
C GLN F 75 -6.89 -4.67 1.17
N ASP F 76 -6.79 -3.55 0.48
CA ASP F 76 -6.01 -3.44 -0.75
C ASP F 76 -6.48 -4.48 -1.71
N GLY F 77 -7.74 -4.77 -1.65
CA GLY F 77 -8.34 -5.79 -2.52
C GLY F 77 -7.82 -7.23 -2.47
N VAL F 78 -6.52 -7.36 -2.63
CA VAL F 78 -5.79 -8.52 -2.24
C VAL F 78 -6.38 -9.16 -1.00
N LEU F 79 -6.47 -10.47 -1.04
CA LEU F 79 -7.13 -11.20 0.02
C LEU F 79 -6.21 -11.36 1.14
N SER F 80 -6.65 -10.98 2.34
CA SER F 80 -5.68 -10.68 3.44
C SER F 80 -5.05 -11.87 4.09
N GLU F 81 -3.74 -11.77 4.36
CA GLU F 81 -3.17 -12.64 5.38
C GLU F 81 -2.26 -11.85 6.32
N ILE F 82 -2.88 -11.14 7.23
CA ILE F 82 -2.23 -10.60 8.41
C ILE F 82 -2.85 -11.27 9.58
N SER F 83 -3.59 -12.32 9.33
CA SER F 83 -4.03 -13.18 10.43
C SER F 83 -4.36 -14.55 9.87
N ASP F 84 -4.19 -15.58 10.66
CA ASP F 84 -4.63 -16.89 10.23
C ASP F 84 -6.17 -16.90 10.28
N ARG F 85 -6.72 -16.09 11.14
CA ARG F 85 -8.14 -15.83 11.12
C ARG F 85 -8.64 -15.30 9.76
N ASP F 86 -8.01 -14.29 9.20
CA ASP F 86 -8.52 -13.69 7.94
C ASP F 86 -8.71 -14.66 6.80
N ILE F 87 -8.10 -15.79 6.90
CA ILE F 87 -8.38 -16.83 5.96
C ILE F 87 -9.78 -17.42 6.15
N GLU F 88 -10.13 -17.64 7.41
CA GLU F 88 -11.47 -18.15 7.76
C GLU F 88 -12.52 -17.16 7.45
N VAL F 89 -12.20 -15.89 7.68
CA VAL F 89 -13.11 -14.84 7.23
C VAL F 89 -13.33 -15.00 5.78
N ALA F 90 -12.27 -14.90 5.03
CA ALA F 90 -12.50 -14.94 3.64
C ALA F 90 -13.30 -16.15 3.27
N ARG F 91 -13.00 -17.30 3.89
CA ARG F 91 -13.79 -18.48 3.59
C ARG F 91 -15.26 -18.11 3.73
N HIS F 92 -15.63 -17.54 4.87
CA HIS F 92 -17.03 -17.22 5.08
C HIS F 92 -17.51 -16.32 4.03
N LEU F 93 -16.71 -15.36 3.67
CA LEU F 93 -17.28 -14.41 2.79
C LEU F 93 -17.60 -15.19 1.59
N LEU F 94 -16.63 -15.92 1.13
CA LEU F 94 -16.76 -16.51 -0.17
C LEU F 94 -17.81 -17.55 -0.19
N THR F 95 -17.81 -18.33 0.87
CA THR F 95 -18.85 -19.32 1.06
C THR F 95 -20.24 -18.68 0.91
N HIS F 96 -20.40 -17.58 1.60
CA HIS F 96 -21.61 -16.84 1.53
C HIS F 96 -21.91 -16.28 0.16
N VAL F 97 -20.96 -15.78 -0.57
CA VAL F 97 -21.32 -15.27 -1.91
C VAL F 97 -21.66 -16.37 -2.87
N VAL F 98 -20.99 -17.49 -2.75
CA VAL F 98 -21.36 -18.59 -3.60
C VAL F 98 -22.75 -19.08 -3.25
N LYS F 99 -22.95 -19.34 -1.96
CA LYS F 99 -24.23 -19.84 -1.48
C LYS F 99 -25.37 -18.91 -1.86
N SER F 100 -25.14 -17.62 -1.82
CA SER F 100 -26.19 -16.68 -2.18
C SER F 100 -26.35 -16.55 -3.71
N ALA F 101 -25.52 -17.26 -4.45
CA ALA F 101 -25.78 -17.53 -5.89
C ALA F 101 -26.87 -18.60 -6.14
N GLU F 102 -27.26 -19.26 -5.06
CA GLU F 102 -28.29 -20.31 -5.02
C GLU F 102 -28.08 -21.49 -5.96
N PRO F 103 -27.06 -22.31 -5.67
CA PRO F 103 -26.93 -23.39 -6.60
C PRO F 103 -26.65 -24.79 -6.10
N GLY F 104 -27.44 -25.70 -6.65
CA GLY F 104 -27.27 -27.12 -6.40
C GLY F 104 -28.53 -27.91 -6.71
N PRO F 105 -28.54 -29.17 -6.25
CA PRO F 105 -27.38 -29.86 -5.66
C PRO F 105 -26.33 -30.28 -6.70
N ASN F 106 -26.76 -30.50 -7.94
CA ASN F 106 -25.89 -30.94 -9.04
C ASN F 106 -25.55 -29.75 -9.93
N ASP F 107 -24.75 -28.87 -9.34
CA ASP F 107 -24.27 -27.64 -10.03
C ASP F 107 -22.81 -27.41 -9.82
N GLU F 108 -22.17 -27.29 -10.95
CA GLU F 108 -20.75 -27.27 -11.02
C GLU F 108 -20.55 -25.78 -11.23
N ILE F 109 -19.92 -25.15 -10.23
CA ILE F 109 -19.69 -23.69 -10.24
C ILE F 109 -18.33 -23.35 -10.85
N CYS F 110 -18.44 -22.62 -11.97
CA CYS F 110 -17.33 -22.01 -12.69
C CYS F 110 -17.37 -20.51 -12.50
N ALA F 111 -16.28 -19.96 -12.01
CA ALA F 111 -16.33 -18.63 -11.47
C ALA F 111 -15.28 -17.86 -12.02
N VAL F 112 -15.67 -16.62 -12.14
CA VAL F 112 -14.71 -15.57 -12.31
C VAL F 112 -14.71 -14.61 -11.16
N ILE F 113 -13.54 -14.59 -10.59
CA ILE F 113 -13.17 -13.54 -9.71
C ILE F 113 -12.23 -12.44 -10.34
N GLY F 114 -12.64 -11.20 -10.08
CA GLY F 114 -11.79 -10.05 -10.31
C GLY F 114 -10.90 -9.83 -9.12
N VAL F 115 -9.66 -9.48 -9.38
CA VAL F 115 -8.88 -8.81 -8.32
C VAL F 115 -8.39 -7.44 -8.71
N PRO F 116 -7.71 -6.72 -7.82
CA PRO F 116 -6.82 -5.66 -8.26
C PRO F 116 -5.85 -6.13 -9.24
N ALA F 117 -5.73 -5.35 -10.30
CA ALA F 117 -4.74 -5.54 -11.32
C ALA F 117 -3.41 -5.39 -10.60
N ARG F 118 -2.48 -6.28 -10.92
CA ARG F 118 -1.14 -6.26 -10.29
C ARG F 118 -1.23 -6.59 -8.77
N ALA F 119 -2.14 -7.53 -8.47
CA ALA F 119 -2.14 -8.25 -7.20
C ALA F 119 -1.20 -9.41 -7.43
N SER F 120 -0.39 -9.73 -6.42
CA SER F 120 0.72 -10.70 -6.60
C SER F 120 0.21 -12.07 -6.91
N ALA F 121 1.09 -12.89 -7.49
CA ALA F 121 0.73 -14.28 -7.76
C ALA F 121 0.32 -14.99 -6.50
N ALA F 122 1.02 -14.73 -5.42
CA ALA F 122 0.61 -15.22 -4.09
C ALA F 122 -0.88 -15.00 -3.78
N ASN F 123 -1.32 -13.80 -4.02
CA ASN F 123 -2.66 -13.44 -3.66
C ASN F 123 -3.65 -13.93 -4.63
N LYS F 124 -3.29 -13.99 -5.88
CA LYS F 124 -4.15 -14.69 -6.85
C LYS F 124 -4.26 -16.17 -6.50
N ALA F 125 -3.18 -16.72 -6.00
CA ALA F 125 -3.21 -18.12 -5.58
C ALA F 125 -4.07 -18.31 -4.37
N LEU F 126 -3.98 -17.41 -3.39
CA LEU F 126 -4.79 -17.54 -2.21
C LEU F 126 -6.25 -17.46 -2.54
N LEU F 127 -6.64 -16.59 -3.43
CA LEU F 127 -8.03 -16.64 -3.85
C LEU F 127 -8.39 -17.84 -4.57
N LEU F 128 -7.45 -18.21 -5.40
CA LEU F 128 -7.77 -19.17 -6.35
C LEU F 128 -8.01 -20.38 -5.52
N LYS F 129 -7.06 -20.72 -4.66
CA LYS F 129 -7.20 -21.80 -3.69
C LYS F 129 -8.51 -21.70 -2.97
N MET F 130 -8.68 -20.57 -2.31
CA MET F 130 -9.84 -20.32 -1.51
C MET F 130 -11.21 -20.34 -2.25
N ALA F 131 -11.17 -20.19 -3.56
CA ALA F 131 -12.37 -20.40 -4.35
C ALA F 131 -12.47 -21.85 -4.66
N GLN F 132 -11.34 -22.47 -5.00
CA GLN F 132 -11.33 -23.90 -5.40
C GLN F 132 -11.64 -24.82 -4.24
N GLU F 133 -11.95 -24.19 -3.10
CA GLU F 133 -12.60 -24.80 -1.95
C GLU F 133 -14.11 -24.83 -2.04
N VAL F 134 -14.66 -24.00 -2.87
CA VAL F 134 -16.12 -23.71 -2.80
C VAL F 134 -16.84 -23.91 -4.10
N VAL F 135 -16.15 -23.44 -5.12
CA VAL F 135 -16.46 -23.70 -6.53
C VAL F 135 -15.36 -24.60 -7.01
N HIS F 136 -15.68 -25.32 -8.06
CA HIS F 136 -14.72 -26.35 -8.48
C HIS F 136 -13.69 -25.69 -9.39
N THR F 137 -14.16 -24.78 -10.24
CA THR F 137 -13.25 -24.13 -11.18
C THR F 137 -13.46 -22.67 -11.23
N ALA F 138 -12.36 -21.98 -11.13
CA ALA F 138 -12.35 -20.61 -10.74
C ALA F 138 -11.29 -19.88 -11.51
N LEU F 139 -11.51 -18.59 -11.69
CA LEU F 139 -10.65 -17.82 -12.54
C LEU F 139 -10.47 -16.44 -12.08
N VAL F 140 -9.22 -16.05 -12.00
CA VAL F 140 -8.91 -14.77 -11.37
C VAL F 140 -8.28 -13.79 -12.30
N VAL F 141 -9.01 -12.73 -12.62
CA VAL F 141 -8.51 -11.74 -13.60
C VAL F 141 -8.51 -10.36 -13.08
N SER F 142 -7.85 -9.46 -13.81
CA SER F 142 -7.92 -8.02 -13.36
C SER F 142 -9.34 -7.40 -13.38
N GLU F 143 -9.79 -6.82 -12.28
CA GLU F 143 -11.05 -6.11 -12.30
C GLU F 143 -11.12 -5.17 -13.46
N PRO F 144 -10.20 -4.22 -13.52
CA PRO F 144 -10.38 -3.25 -14.61
C PRO F 144 -10.53 -3.91 -16.00
N PHE F 145 -9.82 -4.98 -16.25
CA PHE F 145 -9.94 -5.58 -17.56
C PHE F 145 -11.30 -6.14 -17.72
N MET F 146 -11.77 -6.87 -16.70
CA MET F 146 -13.05 -7.59 -16.85
C MET F 146 -14.09 -6.42 -16.87
N VAL F 147 -13.86 -5.26 -16.29
CA VAL F 147 -14.73 -4.16 -16.64
C VAL F 147 -14.77 -3.83 -18.09
N GLY F 148 -13.56 -3.62 -18.61
CA GLY F 148 -13.39 -3.20 -19.98
C GLY F 148 -14.07 -4.23 -20.86
N TYR F 149 -13.93 -5.49 -20.50
CA TYR F 149 -14.48 -6.56 -21.28
C TYR F 149 -15.98 -6.60 -21.18
N GLY F 150 -16.46 -6.04 -20.09
CA GLY F 150 -17.86 -5.73 -19.89
C GLY F 150 -18.48 -4.66 -20.78
N LEU F 151 -17.66 -3.96 -21.53
CA LEU F 151 -18.12 -2.85 -22.38
C LEU F 151 -17.59 -2.91 -23.81
N ASP F 152 -17.02 -4.05 -24.14
CA ASP F 152 -16.32 -4.25 -25.42
C ASP F 152 -15.11 -3.32 -25.63
N LYS F 153 -14.71 -2.62 -24.59
CA LYS F 153 -13.62 -1.70 -24.71
C LYS F 153 -12.42 -2.52 -24.31
N LEU F 154 -11.88 -3.18 -25.30
CA LEU F 154 -10.70 -3.86 -25.04
C LEU F 154 -9.55 -3.41 -25.83
N ILE F 155 -9.62 -2.18 -26.32
CA ILE F 155 -8.70 -1.72 -27.37
C ILE F 155 -8.49 -0.25 -27.31
N ASN F 156 -7.25 0.12 -27.09
CA ASN F 156 -6.86 1.57 -27.10
C ASN F 156 -7.66 2.37 -26.09
N THR F 157 -7.65 1.84 -24.89
CA THR F 157 -8.60 2.18 -23.82
C THR F 157 -7.83 2.25 -22.55
N ILE F 158 -8.17 3.22 -21.78
CA ILE F 158 -7.77 3.08 -20.45
C ILE F 158 -8.99 2.87 -19.65
N ILE F 159 -8.91 1.98 -18.70
CA ILE F 159 -9.82 2.06 -17.61
C ILE F 159 -9.20 2.56 -16.36
N VAL F 160 -10.01 3.20 -15.58
CA VAL F 160 -9.54 3.50 -14.29
C VAL F 160 -10.61 3.04 -13.39
N ASP F 161 -10.50 1.81 -12.96
CA ASP F 161 -11.33 1.45 -11.88
C ASP F 161 -10.90 2.28 -10.61
N ILE F 162 -11.59 3.33 -10.24
CA ILE F 162 -11.27 3.75 -8.86
C ILE F 162 -12.26 3.00 -8.04
N GLY F 163 -11.71 2.26 -7.09
CA GLY F 163 -12.55 1.57 -6.12
C GLY F 163 -12.31 2.18 -4.73
N ALA F 164 -12.46 1.29 -3.74
CA ALA F 164 -12.17 1.54 -2.34
C ALA F 164 -10.74 1.36 -1.98
N GLY F 165 -10.26 0.18 -2.30
CA GLY F 165 -9.01 -0.20 -1.78
C GLY F 165 -7.87 0.32 -2.65
N THR F 166 -8.25 0.49 -3.89
CA THR F 166 -7.30 0.42 -4.96
C THR F 166 -7.88 1.11 -6.11
N THR F 167 -7.06 1.86 -6.73
CA THR F 167 -7.52 2.41 -7.93
C THR F 167 -6.71 1.58 -8.86
N ASP F 168 -7.33 0.97 -9.84
CA ASP F 168 -6.58 0.15 -10.77
C ASP F 168 -6.71 0.79 -12.05
N ILE F 169 -5.74 0.70 -12.86
CA ILE F 169 -5.78 1.53 -14.04
C ILE F 169 -5.10 0.67 -15.04
N CYS F 170 -5.74 0.50 -16.10
CA CYS F 170 -5.37 -0.61 -16.82
C CYS F 170 -5.53 -0.17 -18.25
N ALA F 171 -4.43 -0.11 -18.96
CA ALA F 171 -4.53 0.13 -20.40
C ALA F 171 -5.01 -1.16 -21.02
N LEU F 172 -5.99 -1.02 -21.88
CA LEU F 172 -6.46 -2.19 -22.60
C LEU F 172 -5.78 -2.16 -23.91
N LYS F 173 -4.48 -2.48 -23.78
CA LYS F 173 -3.60 -2.28 -24.88
C LYS F 173 -3.87 -3.46 -25.82
N GLY F 174 -4.96 -3.26 -26.56
CA GLY F 174 -5.63 -4.37 -27.12
C GLY F 174 -5.75 -5.44 -26.06
N THR F 175 -5.59 -6.68 -26.45
CA THR F 175 -6.36 -7.70 -25.80
C THR F 175 -5.64 -8.42 -24.72
N VAL F 176 -4.38 -8.58 -24.95
CA VAL F 176 -3.62 -9.21 -23.91
C VAL F 176 -3.85 -8.35 -22.60
N PRO F 177 -4.54 -8.85 -21.53
CA PRO F 177 -4.72 -7.90 -20.31
C PRO F 177 -3.40 -7.84 -19.55
N GLY F 178 -2.86 -6.66 -19.27
CA GLY F 178 -1.37 -6.59 -19.18
C GLY F 178 -0.76 -7.03 -17.83
N PRO F 179 0.56 -6.80 -17.58
CA PRO F 179 1.08 -6.56 -16.22
C PRO F 179 2.13 -5.49 -16.13
N GLU F 180 2.48 -4.83 -17.26
CA GLU F 180 3.07 -3.44 -17.28
C GLU F 180 2.07 -2.39 -17.75
N ASP F 181 0.99 -2.87 -18.32
CA ASP F 181 -0.16 -2.08 -18.73
C ASP F 181 -1.17 -2.01 -17.63
N GLN F 182 -0.95 -2.64 -16.51
CA GLN F 182 -1.76 -2.35 -15.34
C GLN F 182 -1.05 -1.43 -14.44
N VAL F 183 -1.75 -0.96 -13.47
CA VAL F 183 -1.21 -0.10 -12.47
C VAL F 183 -2.19 -0.20 -11.37
N THR F 184 -1.74 -0.06 -10.14
CA THR F 184 -2.65 0.04 -9.04
C THR F 184 -2.10 1.08 -8.16
N LEU F 185 -2.97 1.88 -7.65
CA LEU F 185 -2.57 2.75 -6.59
C LEU F 185 -3.28 2.29 -5.34
N THR F 186 -2.66 2.63 -4.23
CA THR F 186 -3.29 2.43 -2.94
C THR F 186 -4.15 3.62 -2.58
N LYS F 187 -3.75 4.82 -2.97
CA LYS F 187 -4.68 5.92 -2.85
C LYS F 187 -6.01 5.68 -3.64
N ALA F 188 -7.02 5.23 -2.92
CA ALA F 188 -8.33 5.03 -3.47
C ALA F 188 -9.36 5.41 -2.49
N GLY F 189 -10.62 5.16 -2.79
CA GLY F 189 -11.67 5.55 -1.88
C GLY F 189 -11.26 5.68 -0.41
N ASN F 190 -10.86 4.55 0.12
CA ASN F 190 -10.61 4.52 1.54
C ASN F 190 -9.69 5.61 1.91
N TYR F 191 -8.62 5.77 1.18
CA TYR F 191 -7.71 6.85 1.47
C TYR F 191 -8.31 8.19 1.32
N VAL F 192 -9.25 8.34 0.48
CA VAL F 192 -9.94 9.60 0.55
C VAL F 192 -10.64 9.82 1.87
N ASP F 193 -11.29 8.82 2.39
CA ASP F 193 -11.97 9.04 3.67
C ASP F 193 -11.00 9.31 4.74
N GLU F 194 -9.99 8.49 4.90
CA GLU F 194 -8.99 8.76 5.91
C GLU F 194 -8.61 10.15 5.80
N ARG F 195 -8.46 10.60 4.62
CA ARG F 195 -8.03 11.95 4.47
C ARG F 195 -9.09 12.93 4.83
N LEU F 196 -10.20 12.76 4.21
CA LEU F 196 -11.26 13.65 4.44
C LEU F 196 -11.44 13.88 5.89
N GLN F 197 -11.57 12.82 6.63
CA GLN F 197 -11.63 12.89 8.05
C GLN F 197 -10.55 13.70 8.54
N ASN F 198 -9.35 13.46 8.20
CA ASN F 198 -8.39 14.45 8.64
C ASN F 198 -8.57 15.89 8.25
N ALA F 199 -9.14 16.07 7.10
CA ALA F 199 -9.51 17.38 6.65
C ALA F 199 -10.68 17.94 7.44
N ILE F 200 -11.56 17.16 7.95
CA ILE F 200 -12.59 17.78 8.71
C ILE F 200 -12.05 17.95 10.09
N LEU F 201 -11.58 16.93 10.73
CA LEU F 201 -11.00 17.12 12.04
C LEU F 201 -9.95 18.22 12.12
N GLU F 202 -9.39 18.63 11.01
CA GLU F 202 -8.46 19.75 11.00
C GLU F 202 -9.12 21.03 11.31
N ARG F 203 -10.38 21.17 10.89
CA ARG F 203 -11.10 22.47 10.94
C ARG F 203 -12.24 22.62 11.95
N HIS F 204 -12.72 21.49 12.39
CA HIS F 204 -13.77 21.43 13.43
C HIS F 204 -13.22 20.41 14.37
N PRO F 205 -12.06 20.74 14.90
CA PRO F 205 -11.33 19.85 15.74
C PRO F 205 -12.13 19.26 16.89
N GLU F 206 -13.23 19.91 17.24
CA GLU F 206 -14.15 19.38 18.21
C GLU F 206 -14.93 18.16 17.74
N LEU F 207 -15.04 17.97 16.43
CA LEU F 207 -15.80 16.88 15.95
C LEU F 207 -15.32 15.50 16.35
N GLN F 208 -16.25 14.58 16.51
CA GLN F 208 -15.91 13.16 16.34
C GLN F 208 -16.18 12.83 14.90
N MET F 209 -15.12 12.29 14.30
CA MET F 209 -15.27 11.41 13.15
C MET F 209 -14.49 10.20 13.34
N ASN F 210 -15.20 9.11 13.18
CA ASN F 210 -14.49 8.00 12.71
C ASN F 210 -14.45 8.11 11.19
N VAL F 211 -13.73 7.18 10.59
CA VAL F 211 -13.75 7.06 9.16
C VAL F 211 -15.07 6.61 8.64
N ASN F 212 -15.78 5.76 9.34
CA ASN F 212 -17.07 5.39 8.84
C ASN F 212 -18.07 6.55 8.69
N VAL F 213 -17.88 7.59 9.44
CA VAL F 213 -18.58 8.86 9.21
C VAL F 213 -18.14 9.50 7.93
N ALA F 214 -16.86 9.80 7.83
CA ALA F 214 -16.38 10.61 6.70
C ALA F 214 -16.63 9.75 5.54
N CYS F 215 -16.47 8.45 5.63
CA CYS F 215 -16.91 7.60 4.56
C CYS F 215 -18.21 8.05 3.98
N ALA F 216 -19.16 8.28 4.86
CA ALA F 216 -20.48 8.75 4.48
C ALA F 216 -20.48 10.24 4.14
N VAL F 217 -19.88 11.13 4.85
CA VAL F 217 -19.74 12.38 4.20
C VAL F 217 -19.25 12.23 2.77
N LYS F 218 -18.20 11.52 2.51
CA LYS F 218 -17.72 11.44 1.16
C LYS F 218 -18.78 10.87 0.29
N GLU F 219 -19.31 9.69 0.52
CA GLU F 219 -20.30 9.19 -0.42
C GLU F 219 -21.30 10.27 -0.76
N GLN F 220 -21.79 10.95 0.22
CA GLN F 220 -22.83 11.93 -0.01
C GLN F 220 -22.47 13.28 -0.69
N PHE F 221 -21.27 13.72 -0.65
CA PHE F 221 -20.91 15.08 -1.09
C PHE F 221 -19.63 15.20 -1.89
N SER F 222 -18.97 14.08 -2.08
CA SER F 222 -17.68 13.99 -2.82
C SER F 222 -17.79 14.75 -4.04
N PHE F 223 -16.88 15.62 -4.35
CA PHE F 223 -16.91 16.01 -5.77
C PHE F 223 -15.54 16.34 -6.19
N VAL F 224 -15.30 16.82 -7.40
CA VAL F 224 -14.06 17.64 -7.56
C VAL F 224 -14.32 18.86 -8.32
N GLY F 225 -13.36 19.76 -8.18
CA GLY F 225 -13.31 20.97 -9.01
C GLY F 225 -14.11 22.12 -8.43
N THR F 226 -15.13 22.55 -9.15
CA THR F 226 -16.06 23.53 -8.62
C THR F 226 -16.99 22.89 -7.60
N PRO F 227 -17.19 23.53 -6.42
CA PRO F 227 -18.23 23.09 -5.53
C PRO F 227 -19.61 23.50 -6.03
N THR F 228 -20.34 22.51 -6.49
CA THR F 228 -21.62 22.75 -7.13
C THR F 228 -22.72 23.05 -6.15
N GLU F 229 -22.47 22.84 -4.86
CA GLU F 229 -23.46 23.09 -3.82
C GLU F 229 -22.83 23.26 -2.43
N VAL F 230 -23.67 23.31 -1.42
CA VAL F 230 -23.24 23.46 -0.04
C VAL F 230 -23.17 22.07 0.58
N ALA F 231 -22.01 21.72 1.11
CA ALA F 231 -21.83 20.40 1.72
C ALA F 231 -22.02 20.50 3.21
N SER F 232 -23.26 20.48 3.65
CA SER F 232 -23.55 20.63 5.08
C SER F 232 -23.95 19.27 5.67
N PHE F 233 -23.30 18.93 6.77
CA PHE F 233 -23.49 17.61 7.36
C PHE F 233 -23.57 17.57 8.83
N GLU F 234 -24.34 16.62 9.37
CA GLU F 234 -24.63 16.62 10.84
C GLU F 234 -23.65 15.75 11.55
N PHE F 235 -22.61 16.35 12.08
CA PHE F 235 -21.59 15.62 12.80
C PHE F 235 -21.90 15.66 14.25
N ARG F 236 -21.07 15.04 15.07
CA ARG F 236 -21.21 15.19 16.55
C ARG F 236 -20.02 15.81 17.17
N ALA F 237 -20.21 16.54 18.25
CA ALA F 237 -19.06 17.15 18.95
C ALA F 237 -19.24 17.03 20.44
N ALA F 238 -18.40 16.21 21.05
CA ALA F 238 -18.62 15.85 22.45
C ALA F 238 -20.03 15.30 22.61
N GLY F 239 -20.51 14.62 21.57
CA GLY F 239 -21.86 14.03 21.57
C GLY F 239 -22.94 14.93 21.05
N LYS F 240 -22.67 16.21 21.01
CA LYS F 240 -23.68 17.22 20.69
C LYS F 240 -23.82 17.32 19.22
N PRO F 241 -25.05 17.26 18.70
CA PRO F 241 -25.15 17.49 17.27
C PRO F 241 -24.71 18.91 16.87
N VAL F 242 -24.01 18.90 15.75
CA VAL F 242 -23.43 20.03 15.14
C VAL F 242 -23.67 19.81 13.68
N ARG F 243 -24.27 20.78 13.01
CA ARG F 243 -24.20 20.78 11.56
C ARG F 243 -22.95 21.59 11.19
N ALA F 244 -22.18 21.11 10.20
CA ALA F 244 -20.98 21.82 9.72
C ALA F 244 -20.80 21.66 8.21
N ASP F 245 -20.06 22.64 7.71
CA ASP F 245 -19.77 22.75 6.30
C ASP F 245 -18.47 22.02 5.98
N VAL F 246 -18.61 21.04 5.14
CA VAL F 246 -17.49 20.24 4.73
C VAL F 246 -17.11 20.40 3.29
N THR F 247 -17.44 21.54 2.72
CA THR F 247 -17.27 21.68 1.28
C THR F 247 -15.82 21.67 1.04
N GLU F 248 -15.08 22.45 1.81
CA GLU F 248 -13.70 22.47 1.57
C GLU F 248 -12.93 21.19 1.96
N PRO F 249 -13.27 20.56 3.08
CA PRO F 249 -12.69 19.26 3.30
C PRO F 249 -12.97 18.40 2.15
N VAL F 250 -14.20 18.26 1.76
CA VAL F 250 -14.43 17.32 0.74
C VAL F 250 -13.72 17.59 -0.59
N LYS F 251 -13.62 18.85 -0.95
CA LYS F 251 -12.88 19.24 -2.18
C LYS F 251 -11.54 18.64 -1.98
N ILE F 252 -10.84 19.10 -0.95
CA ILE F 252 -9.53 18.62 -0.72
C ILE F 252 -9.33 17.12 -0.80
N ALA F 253 -10.24 16.41 -0.19
CA ALA F 253 -10.14 15.01 -0.09
C ALA F 253 -10.24 14.37 -1.38
N CYS F 254 -11.18 14.75 -2.19
CA CYS F 254 -11.37 13.88 -3.37
C CYS F 254 -10.43 14.21 -4.51
N GLU F 255 -10.09 15.48 -4.62
CA GLU F 255 -8.94 15.92 -5.41
C GLU F 255 -7.63 15.60 -4.69
N ALA F 256 -7.58 14.51 -3.96
CA ALA F 256 -6.31 13.97 -3.56
C ALA F 256 -6.21 12.62 -4.13
N LEU F 257 -7.29 12.05 -4.57
CA LEU F 257 -7.10 10.94 -5.47
C LEU F 257 -6.37 11.33 -6.73
N MET F 258 -6.81 12.43 -7.32
CA MET F 258 -6.67 12.56 -8.75
C MET F 258 -5.32 12.71 -9.37
N PRO F 259 -4.44 13.43 -8.75
CA PRO F 259 -3.06 13.45 -9.14
C PRO F 259 -2.52 12.12 -9.53
N ASP F 260 -2.65 11.12 -8.67
CA ASP F 260 -1.99 9.82 -8.95
C ASP F 260 -2.59 9.13 -10.14
N ILE F 261 -3.91 9.25 -10.24
CA ILE F 261 -4.65 8.67 -11.37
C ILE F 261 -4.26 9.29 -12.64
N ILE F 262 -4.20 10.58 -12.63
CA ILE F 262 -3.80 11.29 -13.80
C ILE F 262 -2.45 10.97 -14.21
N GLU F 263 -1.52 11.08 -13.30
CA GLU F 263 -0.17 10.75 -13.66
C GLU F 263 -0.16 9.30 -14.15
N SER F 264 -0.90 8.43 -13.52
CA SER F 264 -0.83 7.08 -14.01
C SER F 264 -1.65 6.73 -15.27
N ILE F 265 -2.65 7.49 -15.60
CA ILE F 265 -3.03 7.50 -17.01
C ILE F 265 -1.97 8.06 -17.96
N GLU F 266 -1.59 9.29 -17.75
CA GLU F 266 -0.54 9.82 -18.55
C GLU F 266 0.54 8.72 -18.74
N THR F 267 0.91 8.06 -17.69
CA THR F 267 1.88 7.05 -17.87
C THR F 267 1.49 5.88 -18.80
N LEU F 268 0.28 5.42 -18.66
CA LEU F 268 -0.15 4.41 -19.57
C LEU F 268 -0.34 4.84 -20.97
N LEU F 269 -0.67 6.07 -21.09
CA LEU F 269 -0.93 6.62 -22.39
C LEU F 269 0.31 6.65 -23.21
N ARG F 270 1.39 7.07 -22.59
CA ARG F 270 2.60 7.10 -23.29
C ARG F 270 3.16 5.71 -23.58
N SER F 271 2.43 4.73 -23.12
CA SER F 271 2.79 3.32 -23.38
C SER F 271 2.22 2.80 -24.62
N PHE F 272 1.05 3.31 -24.95
CA PHE F 272 0.52 3.02 -26.25
C PHE F 272 1.29 3.58 -27.49
N GLN F 273 1.09 2.95 -28.65
CA GLN F 273 1.85 3.35 -29.86
C GLN F 273 1.35 4.65 -30.26
N PRO F 274 2.23 5.48 -30.75
CA PRO F 274 1.85 6.88 -30.92
C PRO F 274 0.78 7.08 -31.79
N GLU F 275 0.73 6.29 -32.81
CA GLU F 275 -0.39 6.40 -33.68
C GLU F 275 -1.81 6.34 -33.04
N TYR F 276 -1.86 5.75 -31.84
CA TYR F 276 -3.09 5.52 -31.14
C TYR F 276 -3.34 6.33 -29.94
N GLN F 277 -2.43 7.16 -29.55
CA GLN F 277 -2.70 7.80 -28.29
C GLN F 277 -3.84 8.71 -28.28
N ALA F 278 -4.02 9.34 -29.40
CA ALA F 278 -5.15 10.24 -29.56
C ALA F 278 -6.41 9.51 -29.31
N THR F 279 -6.46 8.39 -29.96
CA THR F 279 -7.55 7.56 -29.85
C THR F 279 -7.78 6.99 -28.46
N VAL F 280 -6.71 6.72 -27.77
CA VAL F 280 -6.88 6.28 -26.40
C VAL F 280 -7.56 7.26 -25.61
N LEU F 281 -7.08 8.48 -25.67
CA LEU F 281 -7.68 9.47 -24.85
C LEU F 281 -9.15 9.67 -24.93
N GLN F 282 -9.68 9.46 -26.11
CA GLN F 282 -11.11 9.40 -26.31
C GLN F 282 -11.83 8.10 -25.82
N ASN F 283 -11.04 7.25 -25.22
CA ASN F 283 -11.55 6.10 -24.52
C ASN F 283 -11.32 5.90 -23.01
N ILE F 284 -10.86 6.95 -22.30
CA ILE F 284 -10.60 6.80 -20.88
C ILE F 284 -11.90 6.60 -20.13
N VAL F 285 -11.91 5.53 -19.35
CA VAL F 285 -13.06 5.12 -18.54
C VAL F 285 -12.76 5.30 -17.01
N PHE F 286 -13.77 5.59 -16.24
CA PHE F 286 -13.70 5.40 -14.83
C PHE F 286 -14.71 4.38 -14.52
N ALA F 287 -14.32 3.27 -13.96
CA ALA F 287 -15.31 2.38 -13.38
C ALA F 287 -15.17 2.37 -11.89
N GLY F 288 -16.04 1.59 -11.28
CA GLY F 288 -16.01 1.47 -9.80
C GLY F 288 -16.37 2.69 -8.91
N GLY F 289 -16.48 2.44 -7.60
CA GLY F 289 -17.15 3.36 -6.73
C GLY F 289 -16.66 4.73 -7.02
N GLY F 290 -15.36 4.91 -6.84
CA GLY F 290 -14.71 6.27 -6.92
C GLY F 290 -15.09 7.01 -8.22
N SER F 291 -15.31 6.25 -9.30
CA SER F 291 -15.93 6.85 -10.46
C SER F 291 -17.35 7.54 -10.19
N ARG F 292 -17.92 7.43 -9.01
CA ARG F 292 -19.14 8.15 -8.76
C ARG F 292 -18.89 9.53 -8.23
N ILE F 293 -17.65 9.90 -8.01
CA ILE F 293 -17.36 11.28 -7.59
C ILE F 293 -18.04 12.33 -8.51
N ARG F 294 -18.68 13.35 -7.95
CA ARG F 294 -19.29 14.36 -8.83
C ARG F 294 -18.24 15.22 -9.49
N GLY F 295 -18.47 15.44 -10.78
CA GLY F 295 -17.59 16.28 -11.58
C GLY F 295 -16.28 15.63 -11.95
N LEU F 296 -16.20 14.31 -11.79
CA LEU F 296 -14.89 13.64 -11.92
C LEU F 296 -14.49 13.80 -13.32
N ALA F 297 -15.44 13.36 -14.12
CA ALA F 297 -15.25 13.33 -15.53
C ALA F 297 -14.49 14.60 -15.98
N ALA F 298 -15.17 15.67 -15.72
CA ALA F 298 -14.83 16.87 -16.27
C ALA F 298 -13.53 17.34 -15.66
N TYR F 299 -13.29 16.95 -14.43
CA TYR F 299 -12.03 17.34 -13.78
C TYR F 299 -10.85 16.67 -14.45
N VAL F 300 -11.04 15.42 -14.82
CA VAL F 300 -10.02 14.66 -15.55
C VAL F 300 -9.77 15.34 -16.90
N LYS F 301 -10.86 15.47 -17.67
CA LYS F 301 -10.74 16.15 -18.97
C LYS F 301 -9.78 17.27 -18.81
N GLU F 302 -10.05 18.14 -17.89
CA GLU F 302 -9.26 19.29 -17.71
C GLU F 302 -7.83 18.93 -17.34
N LYS F 303 -7.64 17.90 -16.58
CA LYS F 303 -6.28 17.51 -16.19
C LYS F 303 -5.47 16.96 -17.35
N LEU F 304 -6.17 16.45 -18.32
CA LEU F 304 -5.55 15.81 -19.44
C LEU F 304 -5.46 16.68 -20.67
N ARG F 305 -5.82 17.94 -20.63
CA ARG F 305 -5.74 18.78 -21.86
C ARG F 305 -4.35 18.81 -22.48
N PRO F 306 -3.30 18.74 -21.64
CA PRO F 306 -1.94 18.55 -22.15
C PRO F 306 -1.66 17.34 -23.02
N PHE F 307 -2.49 16.32 -22.92
CA PHE F 307 -2.41 15.17 -23.82
C PHE F 307 -3.42 15.22 -24.94
N GLY F 308 -4.36 16.13 -24.91
CA GLY F 308 -5.32 16.24 -25.98
C GLY F 308 -6.71 16.30 -25.46
N ASP F 309 -7.62 16.17 -26.41
CA ASP F 309 -9.02 16.16 -26.06
C ASP F 309 -9.35 14.76 -25.58
N ALA F 310 -9.40 14.66 -24.25
CA ALA F 310 -9.86 13.48 -23.61
C ALA F 310 -11.34 13.51 -23.63
N ASN F 311 -11.91 12.35 -23.80
CA ASN F 311 -13.32 12.18 -23.60
C ASN F 311 -13.40 11.14 -22.52
N VAL F 312 -13.64 11.60 -21.31
CA VAL F 312 -13.65 10.69 -20.20
C VAL F 312 -15.06 10.33 -19.79
N THR F 313 -15.29 9.05 -19.61
CA THR F 313 -16.59 8.61 -19.25
C THR F 313 -16.52 7.80 -18.00
N CYS F 314 -17.56 7.92 -17.22
CA CYS F 314 -17.66 7.16 -16.00
C CYS F 314 -18.74 6.20 -16.32
N VAL F 315 -18.49 4.93 -16.16
CA VAL F 315 -19.50 3.93 -16.56
C VAL F 315 -20.93 4.12 -16.08
N LYS F 316 -21.85 3.40 -16.71
CA LYS F 316 -23.30 3.55 -16.44
C LYS F 316 -23.75 3.16 -15.00
N ASP F 317 -23.33 1.96 -14.55
CA ASP F 317 -23.72 1.41 -13.23
C ASP F 317 -22.48 0.83 -12.58
N PRO F 318 -21.77 1.67 -11.81
CA PRO F 318 -20.47 1.25 -11.28
C PRO F 318 -20.57 0.03 -10.44
N THR F 319 -21.77 -0.29 -10.01
CA THR F 319 -21.97 -1.36 -9.09
C THR F 319 -21.64 -2.70 -9.62
N PHE F 320 -22.00 -2.98 -10.84
CA PHE F 320 -21.79 -4.32 -11.34
C PHE F 320 -20.83 -4.51 -12.52
N ASP F 321 -20.36 -3.42 -13.10
CA ASP F 321 -19.59 -3.55 -14.36
C ASP F 321 -18.44 -4.51 -14.25
N GLY F 322 -17.81 -4.45 -13.08
CA GLY F 322 -16.91 -5.46 -12.61
C GLY F 322 -17.46 -6.82 -12.92
N CYS F 323 -18.40 -7.25 -12.12
CA CYS F 323 -18.80 -8.65 -12.31
C CYS F 323 -19.42 -8.83 -13.66
N ARG F 324 -20.17 -7.84 -14.12
CA ARG F 324 -20.92 -7.99 -15.34
C ARG F 324 -20.01 -8.67 -16.35
N GLY F 325 -18.83 -8.06 -16.40
CA GLY F 325 -17.76 -8.50 -17.20
C GLY F 325 -17.41 -9.91 -16.85
N ALA F 326 -16.70 -10.12 -15.76
CA ALA F 326 -16.38 -11.48 -15.40
C ALA F 326 -17.42 -12.46 -15.96
N LEU F 327 -18.68 -12.09 -15.83
CA LEU F 327 -19.71 -13.02 -16.10
C LEU F 327 -19.67 -13.38 -17.52
N ARG F 328 -19.90 -12.35 -18.32
CA ARG F 328 -19.78 -12.43 -19.79
C ARG F 328 -18.56 -13.16 -20.24
N LEU F 329 -17.46 -12.83 -19.61
CA LEU F 329 -16.24 -13.53 -19.78
C LEU F 329 -16.35 -15.02 -19.63
N ALA F 330 -16.92 -15.50 -18.55
CA ALA F 330 -17.04 -16.95 -18.47
C ALA F 330 -18.40 -17.47 -18.88
N GLU F 331 -19.16 -16.62 -19.54
CA GLU F 331 -20.12 -17.13 -20.49
C GLU F 331 -19.45 -17.61 -21.79
N GLU F 332 -18.15 -17.40 -22.02
CA GLU F 332 -17.69 -17.51 -23.38
C GLU F 332 -16.49 -18.36 -23.76
N LEU F 333 -16.10 -19.39 -23.01
CA LEU F 333 -14.80 -20.12 -23.33
C LEU F 333 -14.75 -21.68 -22.88
N PRO F 334 -13.53 -22.32 -22.61
CA PRO F 334 -13.26 -23.47 -21.58
C PRO F 334 -13.64 -23.29 -20.00
#